data_4NF0
#
_entry.id   4NF0
#
_cell.length_a   71.959
_cell.length_b   73.910
_cell.length_c   122.140
_cell.angle_alpha   99.010
_cell.angle_beta   91.590
_cell.angle_gamma   95.090
#
_symmetry.space_group_name_H-M   'P 1'
#
loop_
_entity.id
_entity.type
_entity.pdbx_description
1 polymer 'Probable c4-dicarboxylate-binding protein'
2 non-polymer '(2S)-2-hydroxybutanedioic acid'
3 non-polymer 'SULFATE ION'
4 water water
#
_entity_poly.entity_id   1
_entity_poly.type   'polypeptide(L)'
_entity_poly.pdbx_seq_one_letter_code
;MFKPFVGVALAALFAVSAVAHAEDAGPVVIKFSHVVSDDTPKGKGALLFKKLAEERLPGKVKVEVYPNSTLFGDADEIEA
LRANKVQMLATSLSKFEPYTKQLQVFDLPFLFDDLEALKRFQKRDKSRELLRSMAKHGIYGLAYWNNGMKQLSATRELHR
PDDAKGLVFRIQPSSVLEAQFAMLGATAKQLSYAETLKAMQAGSVQGTENTWSNLAGQKIDSVQPYITETNHGALSYMLI
TSSAFWTGIPYQTRTELESIVDEVTLVVNKEAEALNQKEREHLLAAGKSRLVSLSAEEHEAWRNAMKPLWKNYEAQIGSD
VLRAAQVVNRKRAENLYFQ
;
_entity_poly.pdbx_strand_id   A,B,C,D,E,F,G,H
#
loop_
_chem_comp.id
_chem_comp.type
_chem_comp.name
_chem_comp.formula
LMR non-polymer '(2S)-2-hydroxybutanedioic acid' 'C4 H6 O5'
SO4 non-polymer 'SULFATE ION' 'O4 S -2'
#
# COMPACT_ATOMS: atom_id res chain seq x y z
N PRO A 27 -86.23 0.27 10.06
CA PRO A 27 -84.79 0.10 9.86
C PRO A 27 -84.22 -1.13 10.55
N VAL A 28 -83.68 -2.05 9.76
CA VAL A 28 -83.07 -3.24 10.32
C VAL A 28 -81.74 -2.90 10.98
N VAL A 29 -81.63 -3.15 12.28
CA VAL A 29 -80.37 -2.95 12.97
C VAL A 29 -79.46 -4.19 12.88
N ILE A 30 -78.23 -3.99 12.43
CA ILE A 30 -77.22 -5.03 12.48
C ILE A 30 -76.13 -4.62 13.45
N LYS A 31 -76.10 -5.27 14.62
CA LYS A 31 -75.00 -5.08 15.56
C LYS A 31 -73.85 -6.03 15.19
N PHE A 32 -72.69 -5.44 14.94
CA PHE A 32 -71.49 -6.17 14.53
C PHE A 32 -70.50 -6.15 15.69
N SER A 33 -70.29 -7.31 16.29
CA SER A 33 -69.41 -7.41 17.45
C SER A 33 -68.10 -8.09 17.09
N HIS A 34 -66.98 -7.57 17.57
CA HIS A 34 -65.71 -8.29 17.42
C HIS A 34 -64.72 -7.92 18.52
N VAL A 35 -63.64 -8.70 18.64
CA VAL A 35 -62.83 -8.67 19.85
C VAL A 35 -61.51 -7.90 19.69
N VAL A 36 -61.28 -7.36 18.50
CA VAL A 36 -60.04 -6.62 18.26
C VAL A 36 -60.29 -5.13 17.99
N SER A 37 -59.23 -4.40 17.67
CA SER A 37 -59.36 -2.95 17.49
C SER A 37 -59.89 -2.58 16.12
N ASP A 38 -60.25 -1.31 15.98
CA ASP A 38 -60.71 -0.74 14.71
C ASP A 38 -59.66 -0.80 13.61
N ASP A 39 -58.39 -0.76 14.01
CA ASP A 39 -57.29 -0.65 13.03
C ASP A 39 -56.71 -1.99 12.59
N THR A 40 -57.57 -2.98 12.45
CA THR A 40 -57.16 -4.34 12.09
C THR A 40 -57.86 -4.71 10.79
N PRO A 41 -57.45 -5.82 10.14
CA PRO A 41 -58.18 -6.27 8.96
C PRO A 41 -59.68 -6.44 9.21
N LYS A 42 -60.03 -7.10 10.31
CA LYS A 42 -61.42 -7.34 10.65
C LYS A 42 -62.13 -6.04 11.05
N GLY A 43 -61.45 -5.20 11.82
CA GLY A 43 -62.06 -3.96 12.29
C GLY A 43 -62.32 -2.95 11.18
N LYS A 44 -61.39 -2.87 10.24
CA LYS A 44 -61.58 -1.99 9.09
C LYS A 44 -62.71 -2.52 8.21
N GLY A 45 -62.84 -3.83 8.16
CA GLY A 45 -63.87 -4.46 7.35
C GLY A 45 -65.25 -4.16 7.89
N ALA A 46 -65.37 -4.21 9.22
CA ALA A 46 -66.67 -3.97 9.86
C ALA A 46 -67.08 -2.50 9.71
N LEU A 47 -66.14 -1.59 9.91
CA LEU A 47 -66.43 -0.17 9.70
C LEU A 47 -66.78 0.12 8.24
N LEU A 48 -66.13 -0.55 7.30
CA LEU A 48 -66.47 -0.34 5.89
C LEU A 48 -67.83 -0.96 5.55
N PHE A 49 -68.16 -2.10 6.16
CA PHE A 49 -69.47 -2.69 5.98
C PHE A 49 -70.53 -1.73 6.51
N LYS A 50 -70.25 -1.09 7.64
CA LYS A 50 -71.16 -0.09 8.19
C LYS A 50 -71.29 1.10 7.22
N LYS A 51 -70.15 1.57 6.71
CA LYS A 51 -70.13 2.73 5.83
C LYS A 51 -70.94 2.48 4.56
N LEU A 52 -70.66 1.35 3.92
CA LEU A 52 -71.32 1.03 2.66
C LEU A 52 -72.81 0.74 2.84
N ALA A 53 -73.16 -0.04 3.85
CA ALA A 53 -74.56 -0.37 4.10
C ALA A 53 -75.40 0.87 4.39
N GLU A 54 -74.88 1.75 5.23
CA GLU A 54 -75.64 2.92 5.63
C GLU A 54 -75.72 3.97 4.51
N GLU A 55 -74.76 3.94 3.59
CA GLU A 55 -74.81 4.81 2.42
C GLU A 55 -75.80 4.30 1.37
N ARG A 56 -75.81 2.99 1.17
CA ARG A 56 -76.55 2.38 0.06
C ARG A 56 -77.97 1.99 0.44
N LEU A 57 -78.22 1.83 1.73
CA LEU A 57 -79.56 1.49 2.21
C LEU A 57 -80.00 2.39 3.35
N PRO A 58 -80.08 3.72 3.09
CA PRO A 58 -80.45 4.65 4.15
C PRO A 58 -81.90 4.45 4.57
N GLY A 59 -82.16 4.47 5.87
CA GLY A 59 -83.49 4.22 6.39
C GLY A 59 -83.85 2.74 6.46
N LYS A 60 -83.15 1.92 5.70
CA LYS A 60 -83.45 0.48 5.64
C LYS A 60 -82.57 -0.32 6.61
N VAL A 61 -81.31 0.10 6.72
CA VAL A 61 -80.35 -0.62 7.56
C VAL A 61 -79.47 0.35 8.35
N LYS A 62 -79.31 0.06 9.64
CA LYS A 62 -78.38 0.78 10.49
C LYS A 62 -77.38 -0.24 11.06
N VAL A 63 -76.09 0.01 10.86
CA VAL A 63 -75.06 -0.92 11.32
C VAL A 63 -74.29 -0.32 12.49
N GLU A 64 -74.33 -1.00 13.63
CA GLU A 64 -73.57 -0.56 14.79
C GLU A 64 -72.37 -1.47 14.99
N VAL A 65 -71.18 -0.90 15.03
CA VAL A 65 -69.97 -1.69 15.18
C VAL A 65 -69.43 -1.58 16.59
N TYR A 66 -69.16 -2.75 17.19
CA TYR A 66 -68.65 -2.83 18.56
C TYR A 66 -67.32 -3.57 18.61
N PRO A 67 -66.21 -2.83 18.52
CA PRO A 67 -64.87 -3.41 18.60
C PRO A 67 -64.44 -3.74 20.02
N ASN A 68 -63.35 -4.48 20.15
CA ASN A 68 -62.72 -4.68 21.45
C ASN A 68 -63.60 -5.35 22.51
N SER A 69 -64.49 -6.25 22.09
CA SER A 69 -65.37 -6.99 23.00
C SER A 69 -66.27 -6.09 23.85
N THR A 70 -66.59 -4.90 23.37
CA THR A 70 -67.41 -3.98 24.14
C THR A 70 -68.85 -4.48 24.21
N LEU A 71 -69.31 -5.16 23.17
CA LEU A 71 -70.62 -5.79 23.22
C LEU A 71 -70.49 -7.22 23.78
N PHE A 72 -69.79 -8.09 23.06
CA PHE A 72 -69.53 -9.45 23.55
C PHE A 72 -68.10 -9.92 23.33
N GLY A 73 -67.58 -10.65 24.31
CA GLY A 73 -66.22 -11.17 24.22
C GLY A 73 -66.10 -12.48 23.47
N ASP A 74 -64.88 -12.97 23.40
CA ASP A 74 -64.51 -14.19 22.68
C ASP A 74 -65.36 -15.41 23.08
N ALA A 75 -65.46 -15.65 24.39
CA ALA A 75 -66.12 -16.84 24.92
C ALA A 75 -67.62 -16.94 24.61
N ASP A 76 -68.31 -15.81 24.61
CA ASP A 76 -69.75 -15.86 24.52
C ASP A 76 -70.36 -15.22 23.27
N GLU A 77 -69.54 -14.80 22.32
CA GLU A 77 -70.09 -14.09 21.15
C GLU A 77 -70.94 -14.98 20.26
N ILE A 78 -70.53 -16.21 19.99
CA ILE A 78 -71.30 -17.06 19.09
C ILE A 78 -72.67 -17.42 19.67
N GLU A 79 -72.71 -17.70 20.97
CA GLU A 79 -73.98 -18.00 21.59
C GLU A 79 -74.89 -16.76 21.61
N ALA A 80 -74.27 -15.59 21.74
CA ALA A 80 -75.01 -14.32 21.69
C ALA A 80 -75.65 -14.10 20.32
N LEU A 81 -74.94 -14.51 19.27
CA LEU A 81 -75.42 -14.40 17.91
C LEU A 81 -76.63 -15.28 17.69
N ARG A 82 -76.52 -16.55 18.09
CA ARG A 82 -77.63 -17.48 17.90
C ARG A 82 -78.83 -17.04 18.73
N ALA A 83 -78.57 -16.34 19.84
CA ALA A 83 -79.67 -15.86 20.69
C ALA A 83 -80.21 -14.51 20.20
N ASN A 84 -79.68 -14.04 19.06
CA ASN A 84 -79.99 -12.74 18.47
C ASN A 84 -79.78 -11.53 19.39
N LYS A 85 -78.72 -11.60 20.21
CA LYS A 85 -78.29 -10.46 21.03
C LYS A 85 -77.35 -9.60 20.19
N VAL A 86 -76.83 -10.22 19.14
CA VAL A 86 -75.94 -9.57 18.19
C VAL A 86 -76.28 -10.15 16.82
N GLN A 87 -76.00 -9.41 15.75
CA GLN A 87 -76.45 -9.85 14.42
C GLN A 87 -75.33 -10.23 13.47
N MET A 88 -74.09 -9.86 13.76
CA MET A 88 -73.01 -10.20 12.85
C MET A 88 -71.68 -10.31 13.58
N LEU A 89 -70.96 -11.40 13.31
CA LEU A 89 -69.62 -11.64 13.86
C LEU A 89 -68.64 -11.93 12.74
N ALA A 90 -67.35 -11.84 13.03
CA ALA A 90 -66.33 -12.35 12.11
C ALA A 90 -65.36 -13.18 12.94
N THR A 91 -65.63 -14.48 13.01
CA THR A 91 -65.03 -15.35 14.01
C THR A 91 -63.99 -16.26 13.38
N SER A 92 -62.86 -16.43 14.07
CA SER A 92 -61.80 -17.31 13.59
C SER A 92 -62.32 -18.70 13.29
N LEU A 93 -61.82 -19.28 12.20
CA LEU A 93 -62.24 -20.60 11.76
C LEU A 93 -61.85 -21.63 12.81
N SER A 94 -60.82 -21.31 13.59
CA SER A 94 -60.34 -22.17 14.65
C SER A 94 -61.32 -22.33 15.82
N LYS A 95 -62.37 -21.50 15.86
CA LYS A 95 -63.24 -21.48 17.04
C LYS A 95 -64.60 -22.14 16.89
N PHE A 96 -64.81 -22.93 15.83
CA PHE A 96 -66.14 -23.42 15.51
C PHE A 96 -66.37 -24.89 15.84
N GLU A 97 -65.41 -25.53 16.50
CA GLU A 97 -65.54 -26.96 16.81
C GLU A 97 -66.74 -27.33 17.71
N PRO A 98 -67.25 -26.41 18.55
CA PRO A 98 -68.51 -26.81 19.21
C PRO A 98 -69.71 -26.97 18.25
N TYR A 99 -69.58 -26.48 17.03
CA TYR A 99 -70.69 -26.48 16.08
C TYR A 99 -70.44 -27.36 14.86
N THR A 100 -69.18 -27.47 14.46
CA THR A 100 -68.82 -28.33 13.34
C THR A 100 -67.37 -28.73 13.38
N LYS A 101 -67.06 -29.89 12.78
CA LYS A 101 -65.67 -30.31 12.59
C LYS A 101 -65.26 -30.06 11.14
N GLN A 102 -66.16 -29.50 10.34
CA GLN A 102 -65.89 -29.33 8.91
C GLN A 102 -64.86 -28.23 8.58
N LEU A 103 -64.47 -27.43 9.57
CA LEU A 103 -63.55 -26.32 9.32
C LEU A 103 -62.13 -26.59 9.86
N GLN A 104 -61.95 -27.76 10.48
CA GLN A 104 -60.65 -28.17 11.02
C GLN A 104 -59.52 -28.11 9.98
N VAL A 105 -59.86 -28.34 8.72
CA VAL A 105 -58.88 -28.29 7.63
C VAL A 105 -58.09 -26.98 7.62
N PHE A 106 -58.76 -25.92 8.06
CA PHE A 106 -58.17 -24.58 8.00
C PHE A 106 -57.13 -24.36 9.08
N ASP A 107 -57.13 -25.20 10.12
CA ASP A 107 -56.14 -25.10 11.20
C ASP A 107 -54.85 -25.87 10.96
N LEU A 108 -54.78 -26.63 9.88
CA LEU A 108 -53.63 -27.49 9.66
C LEU A 108 -52.39 -26.65 9.34
N PRO A 109 -51.26 -26.96 9.99
CA PRO A 109 -50.05 -26.15 9.79
C PRO A 109 -49.40 -26.36 8.43
N PHE A 110 -48.92 -25.29 7.82
CA PHE A 110 -48.22 -25.32 6.54
C PHE A 110 -49.06 -25.92 5.39
N LEU A 111 -50.38 -25.99 5.56
CA LEU A 111 -51.25 -26.44 4.48
C LEU A 111 -51.33 -25.37 3.38
N PHE A 112 -51.45 -24.12 3.80
CA PHE A 112 -51.45 -22.98 2.90
C PHE A 112 -50.12 -22.24 2.98
N ASP A 113 -49.50 -22.02 1.83
CA ASP A 113 -48.22 -21.30 1.78
C ASP A 113 -48.37 -19.86 2.25
N ASP A 114 -49.41 -19.18 1.77
CA ASP A 114 -49.67 -17.80 2.16
C ASP A 114 -51.15 -17.51 1.95
N LEU A 115 -51.55 -16.26 2.14
CA LEU A 115 -52.97 -15.90 2.05
C LEU A 115 -53.50 -16.09 0.63
N GLU A 116 -52.62 -15.95 -0.35
CA GLU A 116 -53.02 -16.17 -1.74
C GLU A 116 -53.47 -17.61 -1.95
N ALA A 117 -52.73 -18.56 -1.39
CA ALA A 117 -53.09 -19.97 -1.51
C ALA A 117 -54.38 -20.28 -0.78
N LEU A 118 -54.50 -19.75 0.44
CA LEU A 118 -55.71 -19.85 1.21
C LEU A 118 -56.89 -19.29 0.43
N LYS A 119 -56.68 -18.14 -0.20
CA LYS A 119 -57.73 -17.48 -0.98
C LYS A 119 -58.26 -18.37 -2.11
N ARG A 120 -57.36 -19.02 -2.83
CA ARG A 120 -57.77 -19.91 -3.92
C ARG A 120 -58.56 -21.11 -3.42
N PHE A 121 -58.18 -21.62 -2.24
CA PHE A 121 -58.91 -22.70 -1.62
C PHE A 121 -60.35 -22.26 -1.31
N GLN A 122 -60.48 -21.04 -0.81
CA GLN A 122 -61.79 -20.56 -0.34
C GLN A 122 -62.78 -20.28 -1.47
N LYS A 123 -62.28 -20.21 -2.71
CA LYS A 123 -63.16 -20.00 -3.86
C LYS A 123 -63.69 -21.30 -4.46
N ARG A 124 -63.13 -22.44 -4.03
CA ARG A 124 -63.63 -23.72 -4.50
C ARG A 124 -65.08 -23.89 -4.08
N ASP A 125 -65.86 -24.61 -4.88
CA ASP A 125 -67.27 -24.82 -4.58
C ASP A 125 -67.47 -25.43 -3.18
N LYS A 126 -66.63 -26.41 -2.82
CA LYS A 126 -66.78 -27.07 -1.54
C LYS A 126 -66.49 -26.14 -0.36
N SER A 127 -65.57 -25.21 -0.54
CA SER A 127 -65.29 -24.22 0.48
C SER A 127 -66.46 -23.25 0.60
N ARG A 128 -67.09 -22.93 -0.53
CA ARG A 128 -68.30 -22.13 -0.51
C ARG A 128 -69.38 -22.83 0.30
N GLU A 129 -69.41 -24.15 0.21
CA GLU A 129 -70.42 -24.95 0.88
C GLU A 129 -70.20 -24.99 2.39
N LEU A 130 -68.96 -24.75 2.80
CA LEU A 130 -68.65 -24.78 4.22
C LEU A 130 -69.27 -23.60 4.95
N LEU A 131 -69.67 -22.57 4.21
CA LEU A 131 -70.35 -21.43 4.80
C LEU A 131 -71.71 -21.84 5.36
N ARG A 132 -72.18 -23.01 4.96
CA ARG A 132 -73.45 -23.53 5.43
C ARG A 132 -73.28 -24.71 6.38
N SER A 133 -72.06 -24.97 6.83
CA SER A 133 -71.80 -26.18 7.61
C SER A 133 -72.42 -26.16 9.02
N MET A 134 -72.84 -24.97 9.48
CA MET A 134 -73.39 -24.86 10.83
C MET A 134 -74.85 -24.45 10.80
N ALA A 135 -75.50 -24.64 9.64
CA ALA A 135 -76.92 -24.36 9.46
C ALA A 135 -77.78 -25.09 10.49
N LYS A 136 -77.38 -26.30 10.83
CA LYS A 136 -78.09 -27.10 11.81
C LYS A 136 -78.14 -26.42 13.19
N HIS A 137 -77.21 -25.48 13.43
CA HIS A 137 -77.21 -24.70 14.66
C HIS A 137 -77.64 -23.24 14.43
N GLY A 138 -78.22 -22.96 13.28
CA GLY A 138 -78.74 -21.64 12.99
C GLY A 138 -77.69 -20.60 12.69
N ILE A 139 -76.50 -21.04 12.28
CA ILE A 139 -75.41 -20.12 11.94
C ILE A 139 -75.31 -20.04 10.42
N TYR A 140 -75.35 -18.82 9.90
CA TYR A 140 -75.35 -18.62 8.46
C TYR A 140 -74.03 -17.96 8.06
N GLY A 141 -73.23 -18.65 7.27
CA GLY A 141 -71.96 -18.10 6.82
C GLY A 141 -72.16 -17.17 5.63
N LEU A 142 -71.49 -16.03 5.67
CA LEU A 142 -71.62 -15.01 4.64
C LEU A 142 -70.39 -14.91 3.74
N ALA A 143 -69.21 -15.05 4.33
CA ALA A 143 -67.94 -14.88 3.59
C ALA A 143 -66.75 -15.34 4.40
N TYR A 144 -65.61 -15.54 3.73
CA TYR A 144 -64.32 -15.67 4.43
C TYR A 144 -63.59 -14.34 4.45
N TRP A 145 -63.15 -13.92 5.64
CA TRP A 145 -62.27 -12.77 5.79
C TRP A 145 -60.91 -13.23 6.31
N ASN A 146 -59.84 -12.90 5.59
CA ASN A 146 -58.54 -13.38 6.03
C ASN A 146 -57.82 -12.34 6.87
N ASN A 147 -56.95 -12.80 7.75
CA ASN A 147 -56.14 -11.89 8.52
C ASN A 147 -54.71 -11.96 7.99
N GLY A 148 -54.06 -13.10 8.19
CA GLY A 148 -52.67 -13.24 7.78
C GLY A 148 -52.10 -14.58 8.21
N MET A 149 -50.79 -14.74 8.05
CA MET A 149 -50.14 -15.96 8.51
C MET A 149 -49.66 -15.84 9.96
N LYS A 150 -49.73 -16.96 10.69
CA LYS A 150 -49.32 -17.00 12.08
C LYS A 150 -47.81 -17.11 12.27
N GLN A 151 -47.29 -16.37 13.25
CA GLN A 151 -45.89 -16.44 13.68
C GLN A 151 -45.83 -17.04 15.08
N LEU A 152 -44.64 -17.33 15.58
CA LEU A 152 -44.51 -17.81 16.95
C LEU A 152 -43.78 -16.79 17.81
N SER A 153 -44.42 -16.31 18.88
CA SER A 153 -43.68 -15.47 19.83
C SER A 153 -43.32 -16.35 21.01
N ALA A 154 -42.18 -16.08 21.65
CA ALA A 154 -41.80 -16.85 22.83
C ALA A 154 -40.79 -16.11 23.73
N THR A 155 -40.53 -16.70 24.90
CA THR A 155 -39.50 -16.22 25.81
C THR A 155 -38.09 -16.51 25.31
N ARG A 156 -37.97 -17.26 24.22
CA ARG A 156 -36.65 -17.57 23.66
C ARG A 156 -36.70 -17.75 22.14
N GLU A 157 -35.53 -17.74 21.51
CA GLU A 157 -35.46 -17.92 20.04
C GLU A 157 -35.96 -19.30 19.66
N LEU A 158 -36.66 -19.37 18.54
CA LEU A 158 -37.16 -20.66 18.05
C LEU A 158 -36.63 -20.97 16.66
N HIS A 159 -35.31 -21.21 16.56
CA HIS A 159 -34.65 -21.50 15.29
C HIS A 159 -35.11 -22.82 14.70
N ARG A 160 -35.29 -23.80 15.58
CA ARG A 160 -35.58 -25.18 15.17
C ARG A 160 -36.76 -25.68 16.00
N PRO A 161 -37.57 -26.62 15.44
CA PRO A 161 -38.76 -27.13 16.14
C PRO A 161 -38.47 -27.66 17.55
N ASP A 162 -37.33 -28.31 17.74
CA ASP A 162 -36.90 -28.79 19.05
C ASP A 162 -36.82 -27.69 20.10
N ASP A 163 -36.59 -26.45 19.65
CA ASP A 163 -36.48 -25.32 20.56
C ASP A 163 -37.83 -25.04 21.24
N ALA A 164 -38.92 -25.44 20.58
CA ALA A 164 -40.25 -25.27 21.16
C ALA A 164 -40.54 -26.20 22.34
N LYS A 165 -39.73 -27.26 22.51
CA LYS A 165 -40.03 -28.25 23.54
C LYS A 165 -40.11 -27.67 24.95
N GLY A 166 -41.16 -28.03 25.67
CA GLY A 166 -41.30 -27.65 27.07
C GLY A 166 -41.97 -26.30 27.30
N LEU A 167 -42.29 -25.59 26.23
CA LEU A 167 -42.95 -24.31 26.38
C LEU A 167 -44.46 -24.51 26.38
N VAL A 168 -45.18 -23.63 27.08
CA VAL A 168 -46.63 -23.58 27.03
C VAL A 168 -47.05 -22.42 26.13
N PHE A 169 -47.79 -22.74 25.07
CA PHE A 169 -48.24 -21.73 24.11
C PHE A 169 -49.71 -21.45 24.29
N ARG A 170 -50.10 -20.18 24.32
CA ARG A 170 -51.53 -19.85 24.22
C ARG A 170 -52.02 -20.13 22.82
N ILE A 171 -53.16 -20.80 22.73
CA ILE A 171 -53.81 -21.00 21.45
C ILE A 171 -55.28 -20.60 21.54
N GLN A 172 -55.90 -20.42 20.38
CA GLN A 172 -57.36 -20.37 20.29
C GLN A 172 -57.94 -21.73 20.65
N PRO A 173 -59.22 -21.78 21.06
CA PRO A 173 -59.74 -23.05 21.60
C PRO A 173 -60.00 -24.10 20.54
N SER A 174 -58.94 -24.60 19.93
CA SER A 174 -59.01 -25.57 18.84
C SER A 174 -58.27 -26.85 19.19
N SER A 175 -58.93 -27.99 19.05
CA SER A 175 -58.27 -29.28 19.30
C SER A 175 -57.15 -29.53 18.30
N VAL A 176 -57.29 -28.95 17.11
CA VAL A 176 -56.29 -29.14 16.06
C VAL A 176 -55.02 -28.41 16.44
N LEU A 177 -55.18 -27.17 16.90
CA LEU A 177 -54.06 -26.37 17.34
C LEU A 177 -53.43 -26.94 18.61
N GLU A 178 -54.24 -27.54 19.48
CA GLU A 178 -53.68 -28.22 20.65
C GLU A 178 -52.77 -29.37 20.21
N ALA A 179 -53.23 -30.17 19.24
CA ALA A 179 -52.47 -31.32 18.75
C ALA A 179 -51.22 -30.87 18.02
N GLN A 180 -51.32 -29.70 17.39
CA GLN A 180 -50.19 -29.11 16.68
C GLN A 180 -48.99 -28.89 17.62
N PHE A 181 -49.26 -28.31 18.78
CA PHE A 181 -48.18 -28.03 19.73
C PHE A 181 -47.77 -29.29 20.49
N ALA A 182 -48.70 -30.20 20.71
CA ALA A 182 -48.35 -31.47 21.35
C ALA A 182 -47.33 -32.23 20.51
N MET A 183 -47.53 -32.23 19.19
CA MET A 183 -46.61 -32.86 18.26
C MET A 183 -45.20 -32.27 18.31
N LEU A 184 -45.11 -31.02 18.74
CA LEU A 184 -43.82 -30.34 18.84
C LEU A 184 -43.14 -30.60 20.19
N GLY A 185 -43.80 -31.37 21.04
CA GLY A 185 -43.30 -31.61 22.38
C GLY A 185 -43.51 -30.40 23.28
N ALA A 186 -44.38 -29.50 22.84
CA ALA A 186 -44.80 -28.36 23.66
C ALA A 186 -46.20 -28.65 24.20
N THR A 187 -46.73 -27.75 25.03
CA THR A 187 -48.10 -27.87 25.48
C THR A 187 -48.85 -26.58 25.16
N ALA A 188 -50.15 -26.70 24.93
CA ALA A 188 -50.95 -25.54 24.57
C ALA A 188 -51.90 -25.20 25.69
N LYS A 189 -52.15 -23.92 25.88
CA LYS A 189 -53.18 -23.49 26.82
C LYS A 189 -54.26 -22.77 26.03
N GLN A 190 -55.48 -23.31 26.06
CA GLN A 190 -56.59 -22.67 25.38
C GLN A 190 -57.09 -21.48 26.19
N LEU A 191 -57.04 -20.31 25.57
CA LEU A 191 -57.41 -19.04 26.19
C LEU A 191 -58.05 -18.11 25.17
N SER A 192 -58.86 -17.18 25.65
CA SER A 192 -59.49 -16.20 24.77
C SER A 192 -58.44 -15.20 24.30
N TYR A 193 -58.77 -14.42 23.26
CA TYR A 193 -57.88 -13.38 22.78
C TYR A 193 -57.44 -12.46 23.93
N ALA A 194 -58.39 -12.00 24.74
CA ALA A 194 -58.10 -10.99 25.77
C ALA A 194 -57.40 -11.54 27.02
N GLU A 195 -57.47 -12.86 27.23
CA GLU A 195 -56.86 -13.50 28.40
C GLU A 195 -55.35 -13.75 28.23
N THR A 196 -54.84 -13.53 27.02
CA THR A 196 -53.50 -13.99 26.65
C THR A 196 -52.39 -13.23 27.38
N LEU A 197 -52.49 -11.90 27.44
CA LEU A 197 -51.40 -11.12 28.01
C LEU A 197 -51.23 -11.40 29.52
N LYS A 198 -52.34 -11.47 30.23
CA LYS A 198 -52.29 -11.67 31.69
C LYS A 198 -51.66 -13.02 32.05
N ALA A 199 -51.84 -14.03 31.20
CA ALA A 199 -51.29 -15.35 31.46
C ALA A 199 -49.80 -15.37 31.20
N MET A 200 -49.37 -14.59 30.22
CA MET A 200 -47.95 -14.40 29.99
C MET A 200 -47.33 -13.60 31.11
N GLN A 201 -48.06 -12.59 31.57
CA GLN A 201 -47.58 -11.77 32.68
C GLN A 201 -47.44 -12.61 33.94
N ALA A 202 -48.35 -13.56 34.11
CA ALA A 202 -48.32 -14.46 35.26
C ALA A 202 -47.23 -15.53 35.14
N GLY A 203 -46.86 -15.88 33.92
CA GLY A 203 -45.82 -16.88 33.69
C GLY A 203 -46.33 -18.29 33.40
N SER A 204 -47.64 -18.42 33.25
CA SER A 204 -48.26 -19.72 32.95
C SER A 204 -48.25 -20.01 31.45
N VAL A 205 -47.95 -18.98 30.67
CA VAL A 205 -47.79 -19.12 29.23
C VAL A 205 -46.45 -18.49 28.83
N GLN A 206 -45.67 -19.19 27.99
CA GLN A 206 -44.37 -18.65 27.56
C GLN A 206 -44.33 -18.27 26.08
N GLY A 207 -45.36 -18.61 25.32
CA GLY A 207 -45.37 -18.30 23.91
C GLY A 207 -46.78 -18.23 23.34
N THR A 208 -46.90 -17.83 22.08
CA THR A 208 -48.20 -17.98 21.41
C THR A 208 -47.98 -17.99 19.89
N GLU A 209 -49.04 -18.28 19.17
CA GLU A 209 -49.04 -18.13 17.72
C GLU A 209 -50.06 -17.07 17.34
N ASN A 210 -49.70 -16.16 16.44
CA ASN A 210 -50.66 -15.20 15.90
C ASN A 210 -50.07 -14.37 14.77
N THR A 211 -50.94 -13.62 14.08
CA THR A 211 -50.47 -12.75 13.01
C THR A 211 -49.79 -11.55 13.63
N TRP A 212 -48.99 -10.84 12.84
CA TRP A 212 -48.32 -9.64 13.33
C TRP A 212 -49.31 -8.63 13.92
N SER A 213 -50.46 -8.49 13.26
CA SER A 213 -51.49 -7.56 13.71
C SER A 213 -51.99 -7.88 15.13
N ASN A 214 -52.17 -9.17 15.42
CA ASN A 214 -52.65 -9.57 16.73
C ASN A 214 -51.54 -9.62 17.79
N LEU A 215 -50.32 -9.94 17.38
CA LEU A 215 -49.21 -9.91 18.32
C LEU A 215 -49.03 -8.48 18.79
N ALA A 216 -49.18 -7.52 17.88
CA ALA A 216 -49.14 -6.10 18.26
C ALA A 216 -50.33 -5.75 19.13
N GLY A 217 -51.52 -6.17 18.69
CA GLY A 217 -52.76 -5.85 19.36
C GLY A 217 -52.86 -6.35 20.78
N GLN A 218 -52.21 -7.48 21.08
CA GLN A 218 -52.25 -8.07 22.41
C GLN A 218 -51.24 -7.42 23.33
N LYS A 219 -50.31 -6.67 22.74
CA LYS A 219 -49.29 -5.93 23.48
C LYS A 219 -48.39 -6.85 24.30
N ILE A 220 -48.09 -8.02 23.74
CA ILE A 220 -47.30 -8.99 24.46
C ILE A 220 -45.79 -8.84 24.21
N ASP A 221 -45.38 -7.83 23.45
CA ASP A 221 -43.95 -7.72 23.14
C ASP A 221 -43.10 -7.48 24.40
N SER A 222 -43.67 -6.81 25.40
CA SER A 222 -42.97 -6.56 26.66
C SER A 222 -42.61 -7.85 27.41
N VAL A 223 -43.33 -8.93 27.13
CA VAL A 223 -43.03 -10.22 27.77
C VAL A 223 -42.69 -11.32 26.77
N GLN A 224 -42.44 -10.94 25.52
CA GLN A 224 -42.09 -11.93 24.51
C GLN A 224 -40.89 -11.47 23.70
N PRO A 225 -39.67 -11.71 24.22
CA PRO A 225 -38.47 -11.11 23.63
C PRO A 225 -38.17 -11.53 22.18
N TYR A 226 -38.71 -12.65 21.73
CA TYR A 226 -38.46 -13.15 20.38
C TYR A 226 -39.72 -13.55 19.62
N ILE A 227 -39.81 -13.10 18.37
CA ILE A 227 -40.87 -13.58 17.46
C ILE A 227 -40.20 -14.21 16.24
N THR A 228 -40.45 -15.50 16.04
CA THR A 228 -39.92 -16.23 14.89
C THR A 228 -40.91 -16.24 13.73
N GLU A 229 -40.45 -15.79 12.57
CA GLU A 229 -41.32 -15.68 11.40
C GLU A 229 -41.42 -17.05 10.75
N THR A 230 -42.39 -17.83 11.23
CA THR A 230 -42.62 -19.21 10.82
C THR A 230 -43.65 -19.34 9.70
N ASN A 231 -44.63 -18.44 9.66
CA ASN A 231 -45.72 -18.54 8.68
C ASN A 231 -46.33 -19.95 8.68
N HIS A 232 -46.55 -20.49 9.88
CA HIS A 232 -46.83 -21.91 10.02
C HIS A 232 -48.32 -22.27 9.95
N GLY A 233 -49.19 -21.26 9.98
CA GLY A 233 -50.62 -21.52 9.86
C GLY A 233 -51.34 -20.25 9.47
N ALA A 234 -52.61 -20.36 9.14
CA ALA A 234 -53.38 -19.22 8.71
C ALA A 234 -54.38 -18.79 9.78
N LEU A 235 -54.56 -17.48 9.90
CA LEU A 235 -55.65 -16.95 10.72
C LEU A 235 -56.68 -16.36 9.78
N SER A 236 -57.86 -16.96 9.77
CA SER A 236 -58.90 -16.59 8.82
C SER A 236 -60.24 -16.57 9.55
N TYR A 237 -61.19 -15.78 9.06
CA TYR A 237 -62.48 -15.66 9.73
C TYR A 237 -63.62 -16.09 8.83
N MET A 238 -64.71 -16.58 9.44
CA MET A 238 -65.97 -16.63 8.72
C MET A 238 -66.83 -15.49 9.18
N LEU A 239 -67.27 -14.64 8.25
CA LEU A 239 -68.26 -13.63 8.57
C LEU A 239 -69.59 -14.35 8.73
N ILE A 240 -70.20 -14.25 9.90
CA ILE A 240 -71.42 -15.01 10.19
C ILE A 240 -72.57 -14.19 10.78
N THR A 241 -73.78 -14.68 10.58
CA THR A 241 -74.97 -14.12 11.21
C THR A 241 -75.85 -15.30 11.65
N SER A 242 -77.02 -15.01 12.21
CA SER A 242 -77.93 -16.12 12.54
C SER A 242 -78.90 -16.29 11.39
N SER A 243 -79.22 -17.54 11.06
CA SER A 243 -80.14 -17.79 9.93
C SER A 243 -81.49 -17.15 10.20
N ALA A 244 -81.92 -17.17 11.46
CA ALA A 244 -83.25 -16.62 11.78
C ALA A 244 -83.28 -15.12 11.52
N PHE A 245 -82.22 -14.41 11.92
CA PHE A 245 -82.18 -12.97 11.68
C PHE A 245 -82.08 -12.62 10.19
N TRP A 246 -81.24 -13.35 9.47
CA TRP A 246 -80.96 -13.00 8.08
C TRP A 246 -82.19 -13.27 7.22
N THR A 247 -82.90 -14.34 7.52
CA THR A 247 -84.12 -14.68 6.77
C THR A 247 -85.21 -13.63 6.99
N GLY A 248 -85.26 -13.05 8.18
CA GLY A 248 -86.29 -12.06 8.51
C GLY A 248 -86.10 -10.72 7.80
N ILE A 249 -84.90 -10.47 7.30
CA ILE A 249 -84.62 -9.25 6.53
C ILE A 249 -85.34 -9.31 5.19
N PRO A 250 -86.11 -8.25 4.86
CA PRO A 250 -86.78 -8.16 3.56
C PRO A 250 -85.85 -8.49 2.40
N TYR A 251 -86.31 -9.32 1.47
CA TYR A 251 -85.48 -9.89 0.40
C TYR A 251 -84.64 -8.87 -0.36
N GLN A 252 -85.25 -7.76 -0.76
CA GLN A 252 -84.55 -6.71 -1.50
C GLN A 252 -83.31 -6.24 -0.74
N THR A 253 -83.53 -5.90 0.53
CA THR A 253 -82.50 -5.37 1.41
C THR A 253 -81.42 -6.41 1.72
N ARG A 254 -81.86 -7.64 1.98
CA ARG A 254 -80.96 -8.75 2.23
C ARG A 254 -80.03 -9.01 1.04
N THR A 255 -80.62 -9.03 -0.16
CA THR A 255 -79.89 -9.15 -1.42
C THR A 255 -78.82 -8.08 -1.54
N GLU A 256 -79.21 -6.82 -1.38
CA GLU A 256 -78.26 -5.71 -1.35
C GLU A 256 -77.15 -5.90 -0.32
N LEU A 257 -77.52 -6.26 0.91
CA LEU A 257 -76.53 -6.43 1.98
C LEU A 257 -75.53 -7.50 1.61
N GLU A 258 -75.97 -8.49 0.85
CA GLU A 258 -75.08 -9.58 0.48
C GLU A 258 -74.10 -9.11 -0.59
N SER A 259 -74.53 -8.15 -1.41
CA SER A 259 -73.65 -7.58 -2.42
C SER A 259 -72.61 -6.70 -1.74
N ILE A 260 -73.02 -5.97 -0.71
CA ILE A 260 -72.08 -5.16 0.04
C ILE A 260 -71.06 -6.06 0.73
N VAL A 261 -71.53 -7.18 1.27
CA VAL A 261 -70.63 -8.15 1.92
C VAL A 261 -69.55 -8.65 0.98
N ASP A 262 -69.93 -8.99 -0.26
CA ASP A 262 -68.97 -9.47 -1.25
C ASP A 262 -67.93 -8.39 -1.58
N GLU A 263 -68.41 -7.15 -1.68
CA GLU A 263 -67.56 -5.99 -1.93
C GLU A 263 -66.57 -5.72 -0.80
N VAL A 264 -67.08 -5.70 0.43
CA VAL A 264 -66.22 -5.46 1.59
C VAL A 264 -65.19 -6.59 1.69
N THR A 265 -65.65 -7.81 1.44
CA THR A 265 -64.79 -9.00 1.52
C THR A 265 -63.59 -8.93 0.55
N LEU A 266 -63.80 -8.47 -0.68
CA LEU A 266 -62.70 -8.32 -1.62
C LEU A 266 -61.63 -7.37 -1.06
N VAL A 267 -62.08 -6.25 -0.52
CA VAL A 267 -61.21 -5.25 0.10
C VAL A 267 -60.43 -5.83 1.30
N VAL A 268 -61.15 -6.48 2.21
CA VAL A 268 -60.53 -7.05 3.39
C VAL A 268 -59.39 -7.96 2.99
N ASN A 269 -59.66 -8.87 2.05
CA ASN A 269 -58.69 -9.90 1.70
C ASN A 269 -57.54 -9.36 0.86
N LYS A 270 -57.77 -8.24 0.18
CA LYS A 270 -56.75 -7.63 -0.65
C LYS A 270 -55.77 -6.80 0.19
N GLU A 271 -56.20 -6.33 1.35
CA GLU A 271 -55.38 -5.43 2.15
C GLU A 271 -54.78 -6.08 3.39
N ALA A 272 -55.20 -7.29 3.71
CA ALA A 272 -54.85 -7.91 4.99
C ALA A 272 -53.36 -8.14 5.12
N GLU A 273 -52.73 -8.67 4.09
CA GLU A 273 -51.31 -8.96 4.14
C GLU A 273 -50.48 -7.68 4.30
N ALA A 274 -50.83 -6.63 3.55
CA ALA A 274 -50.11 -5.36 3.65
C ALA A 274 -50.21 -4.75 5.04
N LEU A 275 -51.39 -4.87 5.65
CA LEU A 275 -51.57 -4.36 7.01
C LEU A 275 -50.70 -5.16 7.97
N ASN A 276 -50.62 -6.47 7.76
CA ASN A 276 -49.84 -7.27 8.70
C ASN A 276 -48.35 -6.97 8.59
N GLN A 277 -47.88 -6.68 7.38
CA GLN A 277 -46.48 -6.31 7.19
C GLN A 277 -46.15 -4.96 7.84
N LYS A 278 -47.03 -3.97 7.72
CA LYS A 278 -46.84 -2.72 8.48
C LYS A 278 -46.82 -2.95 10.01
N GLU A 279 -47.67 -3.84 10.52
CA GLU A 279 -47.67 -4.10 11.96
C GLU A 279 -46.37 -4.82 12.36
N ARG A 280 -45.85 -5.66 11.47
CA ARG A 280 -44.55 -6.30 11.73
C ARG A 280 -43.47 -5.22 11.90
N GLU A 281 -43.42 -4.28 10.97
CA GLU A 281 -42.43 -3.20 11.03
C GLU A 281 -42.52 -2.43 12.34
N HIS A 282 -43.75 -2.07 12.73
CA HIS A 282 -43.94 -1.20 13.87
C HIS A 282 -43.69 -1.95 15.18
N LEU A 283 -44.05 -3.23 15.21
CA LEU A 283 -43.79 -4.03 16.42
C LEU A 283 -42.28 -4.16 16.61
N LEU A 284 -41.57 -4.60 15.56
CA LEU A 284 -40.13 -4.76 15.66
C LEU A 284 -39.44 -3.43 15.95
N ALA A 285 -40.00 -2.33 15.45
CA ALA A 285 -39.38 -1.03 15.63
C ALA A 285 -39.33 -0.66 17.11
N ALA A 286 -40.36 -1.09 17.85
CA ALA A 286 -40.46 -0.80 19.29
C ALA A 286 -39.31 -1.40 20.09
N GLY A 287 -38.72 -2.49 19.58
CA GLY A 287 -37.48 -3.00 20.12
C GLY A 287 -37.63 -3.97 21.28
N LYS A 288 -38.86 -4.29 21.66
CA LYS A 288 -39.09 -5.21 22.77
C LYS A 288 -38.99 -6.65 22.31
N SER A 289 -39.63 -6.95 21.19
CA SER A 289 -39.48 -8.24 20.53
C SER A 289 -38.47 -8.14 19.42
N ARG A 290 -37.61 -9.16 19.29
CA ARG A 290 -36.65 -9.20 18.21
C ARG A 290 -37.00 -10.30 17.23
N LEU A 291 -36.81 -10.01 15.95
CA LEU A 291 -37.20 -10.94 14.89
C LEU A 291 -36.18 -12.07 14.76
N VAL A 292 -36.69 -13.29 14.78
CA VAL A 292 -35.90 -14.46 14.48
C VAL A 292 -36.30 -14.94 13.09
N SER A 293 -35.33 -14.95 12.19
CA SER A 293 -35.53 -15.28 10.79
C SER A 293 -35.04 -16.69 10.47
N LEU A 294 -35.84 -17.43 9.69
CA LEU A 294 -35.53 -18.83 9.41
C LEU A 294 -34.89 -19.00 8.03
N SER A 295 -33.84 -19.81 7.96
CA SER A 295 -33.29 -20.23 6.67
C SER A 295 -34.22 -21.20 5.96
N ALA A 296 -33.92 -21.51 4.70
CA ALA A 296 -34.72 -22.51 3.97
C ALA A 296 -34.71 -23.84 4.71
N GLU A 297 -33.54 -24.21 5.21
CA GLU A 297 -33.38 -25.50 5.87
C GLU A 297 -34.14 -25.56 7.19
N GLU A 298 -34.09 -24.46 7.95
CA GLU A 298 -34.84 -24.39 9.20
C GLU A 298 -36.34 -24.39 8.91
N HIS A 299 -36.75 -23.65 7.88
CA HIS A 299 -38.16 -23.66 7.47
C HIS A 299 -38.63 -25.07 7.11
N GLU A 300 -37.80 -25.78 6.36
CA GLU A 300 -38.11 -27.14 5.99
C GLU A 300 -38.19 -28.04 7.22
N ALA A 301 -37.30 -27.80 8.20
CA ALA A 301 -37.34 -28.56 9.43
C ALA A 301 -38.67 -28.33 10.17
N TRP A 302 -39.12 -27.08 10.26
CA TRP A 302 -40.42 -26.80 10.90
C TRP A 302 -41.57 -27.46 10.18
N ARG A 303 -41.53 -27.39 8.85
CA ARG A 303 -42.59 -27.96 8.04
C ARG A 303 -42.61 -29.49 8.20
N ASN A 304 -41.43 -30.09 8.19
CA ASN A 304 -41.31 -31.52 8.37
C ASN A 304 -41.75 -31.97 9.76
N ALA A 305 -41.58 -31.11 10.76
CA ALA A 305 -42.04 -31.46 12.10
C ALA A 305 -43.56 -31.35 12.28
N MET A 306 -44.21 -30.47 11.52
CA MET A 306 -45.61 -30.16 11.82
C MET A 306 -46.60 -30.75 10.83
N LYS A 307 -46.18 -30.90 9.58
CA LYS A 307 -47.02 -31.52 8.54
C LYS A 307 -47.55 -32.94 8.88
N PRO A 308 -46.81 -33.75 9.66
CA PRO A 308 -47.41 -35.06 9.97
C PRO A 308 -48.76 -34.99 10.69
N LEU A 309 -49.13 -33.82 11.18
CA LEU A 309 -50.44 -33.64 11.82
C LEU A 309 -51.59 -33.88 10.85
N TRP A 310 -51.36 -33.58 9.57
CA TRP A 310 -52.40 -33.75 8.56
C TRP A 310 -52.96 -35.18 8.54
N LYS A 311 -52.10 -36.16 8.77
CA LYS A 311 -52.51 -37.56 8.71
C LYS A 311 -53.58 -37.88 9.76
N ASN A 312 -53.59 -37.14 10.86
CA ASN A 312 -54.63 -37.34 11.88
C ASN A 312 -56.01 -36.91 11.42
N TYR A 313 -56.07 -36.12 10.36
CA TYR A 313 -57.34 -35.53 9.91
C TYR A 313 -57.68 -35.88 8.46
N GLU A 314 -56.78 -36.58 7.79
CA GLU A 314 -56.88 -36.86 6.36
C GLU A 314 -58.09 -37.72 6.02
N ALA A 315 -58.40 -38.70 6.88
CA ALA A 315 -59.55 -39.57 6.63
C ALA A 315 -60.86 -38.77 6.59
N GLN A 316 -61.02 -37.82 7.50
CA GLN A 316 -62.22 -36.95 7.50
C GLN A 316 -62.24 -36.01 6.29
N ILE A 317 -61.11 -35.41 5.97
CA ILE A 317 -61.06 -34.36 4.95
C ILE A 317 -60.85 -34.92 3.53
N PRO B 27 -3.47 21.66 55.34
CA PRO B 27 -4.01 20.54 54.57
C PRO B 27 -3.67 20.63 53.09
N VAL B 28 -2.80 19.74 52.61
CA VAL B 28 -2.43 19.73 51.20
C VAL B 28 -3.57 19.19 50.35
N VAL B 29 -4.01 20.00 49.39
CA VAL B 29 -5.11 19.63 48.51
C VAL B 29 -4.57 18.99 47.25
N ILE B 30 -5.10 17.81 46.91
CA ILE B 30 -4.74 17.12 45.68
C ILE B 30 -5.94 16.94 44.77
N LYS B 31 -6.00 17.73 43.69
CA LYS B 31 -7.06 17.59 42.70
C LYS B 31 -6.61 16.58 41.64
N PHE B 32 -7.45 15.59 41.39
CA PHE B 32 -7.15 14.48 40.49
C PHE B 32 -8.11 14.57 39.30
N SER B 33 -7.59 14.92 38.13
CA SER B 33 -8.44 15.06 36.95
C SER B 33 -8.22 13.93 35.96
N HIS B 34 -9.29 13.37 35.40
CA HIS B 34 -9.12 12.43 34.30
C HIS B 34 -10.35 12.45 33.41
N VAL B 35 -10.25 11.80 32.25
CA VAL B 35 -11.20 12.03 31.17
C VAL B 35 -12.24 10.92 31.00
N VAL B 36 -12.19 9.88 31.84
CA VAL B 36 -13.10 8.75 31.69
C VAL B 36 -14.04 8.71 32.88
N SER B 37 -14.94 7.72 32.92
CA SER B 37 -15.94 7.69 33.99
C SER B 37 -15.39 7.10 35.29
N ASP B 38 -16.19 7.16 36.36
CA ASP B 38 -15.78 6.64 37.65
C ASP B 38 -15.62 5.12 37.63
N ASP B 39 -16.37 4.44 36.76
CA ASP B 39 -16.42 2.97 36.78
C ASP B 39 -15.44 2.32 35.79
N THR B 40 -14.23 2.85 35.74
CA THR B 40 -13.18 2.39 34.84
C THR B 40 -12.00 1.98 35.72
N PRO B 41 -10.97 1.33 35.12
CA PRO B 41 -9.80 1.04 35.96
C PRO B 41 -9.19 2.29 36.57
N LYS B 42 -9.05 3.34 35.76
CA LYS B 42 -8.51 4.61 36.23
C LYS B 42 -9.44 5.30 37.22
N GLY B 43 -10.73 5.33 36.91
CA GLY B 43 -11.70 6.02 37.76
C GLY B 43 -11.74 5.42 39.15
N LYS B 44 -11.72 4.10 39.20
CA LYS B 44 -11.69 3.37 40.47
C LYS B 44 -10.38 3.59 41.23
N GLY B 45 -9.28 3.67 40.49
CA GLY B 45 -8.00 3.98 41.09
C GLY B 45 -7.99 5.33 41.77
N ALA B 46 -8.47 6.35 41.05
CA ALA B 46 -8.49 7.72 41.57
C ALA B 46 -9.33 7.77 42.84
N LEU B 47 -10.50 7.14 42.80
CA LEU B 47 -11.40 7.16 43.94
C LEU B 47 -10.83 6.37 45.13
N LEU B 48 -10.07 5.32 44.86
CA LEU B 48 -9.41 4.59 45.94
C LEU B 48 -8.32 5.45 46.57
N PHE B 49 -7.69 6.27 45.74
CA PHE B 49 -6.70 7.22 46.25
C PHE B 49 -7.40 8.43 46.85
N VAL B 63 -8.31 15.15 48.80
CA VAL B 63 -8.35 14.61 47.45
C VAL B 63 -9.69 14.88 46.78
N GLU B 64 -9.67 15.62 45.68
CA GLU B 64 -10.87 15.90 44.91
C GLU B 64 -10.77 15.26 43.54
N VAL B 65 -11.69 14.35 43.21
CA VAL B 65 -11.62 13.66 41.92
C VAL B 65 -12.57 14.25 40.87
N TYR B 66 -12.02 14.53 39.70
CA TYR B 66 -12.78 15.13 38.61
C TYR B 66 -12.77 14.23 37.38
N PRO B 67 -13.76 13.34 37.26
CA PRO B 67 -13.84 12.42 36.12
C PRO B 67 -14.48 13.09 34.92
N ASN B 68 -14.46 12.41 33.77
CA ASN B 68 -15.18 12.85 32.59
C ASN B 68 -14.80 14.24 32.12
N SER B 69 -13.52 14.59 32.28
CA SER B 69 -12.99 15.91 31.90
C SER B 69 -13.75 17.10 32.49
N THR B 70 -14.34 16.94 33.67
CA THR B 70 -15.07 18.04 34.30
C THR B 70 -14.12 19.16 34.76
N LEU B 71 -12.85 18.81 34.99
CA LEU B 71 -11.89 19.85 35.35
C LEU B 71 -11.05 20.21 34.13
N PHE B 72 -10.29 19.25 33.61
CA PHE B 72 -9.53 19.48 32.38
C PHE B 72 -9.65 18.27 31.47
N GLY B 73 -9.73 18.52 30.17
CA GLY B 73 -9.78 17.46 29.19
C GLY B 73 -8.40 16.98 28.74
N ASP B 74 -8.41 16.10 27.74
CA ASP B 74 -7.21 15.51 27.16
C ASP B 74 -6.18 16.55 26.75
N ALA B 75 -6.66 17.50 25.97
CA ALA B 75 -5.78 18.47 25.33
C ALA B 75 -5.16 19.44 26.34
N ASP B 76 -5.83 19.64 27.46
CA ASP B 76 -5.41 20.69 28.40
C ASP B 76 -4.77 20.22 29.71
N GLU B 77 -4.91 18.94 30.05
CA GLU B 77 -4.58 18.50 31.40
C GLU B 77 -3.09 18.62 31.79
N ILE B 78 -2.19 18.24 30.88
CA ILE B 78 -0.77 18.18 31.22
C ILE B 78 -0.22 19.56 31.51
N GLU B 79 -0.60 20.53 30.69
CA GLU B 79 -0.16 21.89 30.95
C GLU B 79 -0.82 22.45 32.21
N ALA B 80 -2.07 22.08 32.46
CA ALA B 80 -2.72 22.49 33.70
C ALA B 80 -2.00 21.92 34.92
N LEU B 81 -1.44 20.73 34.78
CA LEU B 81 -0.69 20.07 35.85
C LEU B 81 0.62 20.79 36.17
N ARG B 82 1.36 21.13 35.11
CA ARG B 82 2.63 21.83 35.28
C ARG B 82 2.43 23.18 35.96
N ALA B 83 1.30 23.83 35.67
CA ALA B 83 0.98 25.13 36.26
C ALA B 83 0.36 25.00 37.65
N ASN B 84 0.23 23.77 38.13
CA ASN B 84 -0.39 23.48 39.42
C ASN B 84 -1.87 23.89 39.51
N LYS B 85 -2.56 23.86 38.38
CA LYS B 85 -4.02 24.00 38.35
C LYS B 85 -4.69 22.71 38.80
N VAL B 86 -3.93 21.63 38.76
CA VAL B 86 -4.39 20.30 39.16
C VAL B 86 -3.16 19.59 39.71
N GLN B 87 -3.35 18.59 40.56
CA GLN B 87 -2.21 18.00 41.27
C GLN B 87 -1.90 16.57 40.86
N MET B 88 -2.87 15.88 40.27
CA MET B 88 -2.63 14.50 39.87
C MET B 88 -3.37 14.16 38.58
N LEU B 89 -2.69 13.46 37.68
CA LEU B 89 -3.29 12.93 36.45
C LEU B 89 -2.89 11.46 36.29
N ALA B 90 -3.62 10.72 35.47
CA ALA B 90 -3.14 9.43 35.01
C ALA B 90 -3.34 9.39 33.51
N THR B 91 -2.27 9.67 32.79
CA THR B 91 -2.36 10.00 31.37
C THR B 91 -1.76 8.88 30.55
N SER B 92 -2.44 8.49 29.47
CA SER B 92 -1.95 7.43 28.60
C SER B 92 -0.51 7.65 28.17
N LEU B 93 0.27 6.58 28.24
CA LEU B 93 1.68 6.62 27.85
C LEU B 93 1.84 7.11 26.41
N SER B 94 0.79 6.93 25.60
CA SER B 94 0.78 7.37 24.20
C SER B 94 0.73 8.89 24.01
N LYS B 95 0.60 9.65 25.10
CA LYS B 95 0.26 11.07 24.97
C LYS B 95 1.37 12.00 25.42
N PHE B 96 2.58 11.44 25.53
CA PHE B 96 3.67 12.13 26.17
C PHE B 96 4.73 12.66 25.22
N GLU B 97 4.54 12.46 23.91
CA GLU B 97 5.56 12.90 22.96
C GLU B 97 5.92 14.40 22.95
N PRO B 98 5.00 15.29 23.35
CA PRO B 98 5.50 16.66 23.49
C PRO B 98 6.55 16.86 24.60
N TYR B 99 6.79 15.86 25.44
CA TYR B 99 7.69 16.02 26.58
C TYR B 99 8.86 15.03 26.61
N THR B 100 8.67 13.84 26.03
CA THR B 100 9.75 12.85 25.97
C THR B 100 9.50 11.87 24.85
N LYS B 101 10.58 11.33 24.28
CA LYS B 101 10.45 10.24 23.30
C LYS B 101 10.63 8.89 23.97
N GLN B 102 11.01 8.90 25.25
CA GLN B 102 11.43 7.69 25.96
C GLN B 102 10.30 6.71 26.30
N LEU B 103 9.05 7.08 26.00
CA LEU B 103 7.91 6.21 26.31
C LEU B 103 7.30 5.59 25.07
N GLN B 104 7.87 5.90 23.91
CA GLN B 104 7.34 5.38 22.66
C GLN B 104 7.37 3.85 22.59
N VAL B 105 8.28 3.22 23.32
CA VAL B 105 8.33 1.75 23.41
C VAL B 105 6.96 1.18 23.81
N PHE B 106 6.22 1.89 24.66
CA PHE B 106 4.97 1.35 25.18
C PHE B 106 3.85 1.34 24.12
N ASP B 107 4.05 2.05 23.02
CA ASP B 107 3.06 2.12 21.95
C ASP B 107 3.23 1.02 20.90
N LEU B 108 4.36 0.29 20.94
CA LEU B 108 4.67 -0.68 19.90
C LEU B 108 3.71 -1.87 19.89
N PRO B 109 3.22 -2.24 18.70
CA PRO B 109 2.19 -3.27 18.58
C PRO B 109 2.73 -4.67 18.77
N PHE B 110 2.01 -5.47 19.55
CA PHE B 110 2.36 -6.86 19.86
C PHE B 110 3.68 -7.02 20.60
N LEU B 111 4.22 -5.94 21.17
CA LEU B 111 5.44 -6.05 21.97
C LEU B 111 5.12 -6.75 23.28
N PHE B 112 3.95 -6.47 23.83
CA PHE B 112 3.49 -7.12 25.06
C PHE B 112 2.37 -8.08 24.76
N ASP B 113 2.52 -9.35 25.14
CA ASP B 113 1.49 -10.35 24.90
C ASP B 113 0.17 -9.96 25.56
N ASP B 114 0.26 -9.55 26.81
CA ASP B 114 -0.90 -9.21 27.61
C ASP B 114 -0.49 -8.32 28.77
N LEU B 115 -1.45 -7.96 29.62
CA LEU B 115 -1.15 -7.05 30.73
C LEU B 115 -0.11 -7.62 31.69
N GLU B 116 -0.13 -8.93 31.88
CA GLU B 116 0.89 -9.56 32.72
C GLU B 116 2.30 -9.32 32.17
N ALA B 117 2.44 -9.39 30.85
CA ALA B 117 3.75 -9.16 30.24
C ALA B 117 4.16 -7.70 30.38
N LEU B 118 3.20 -6.79 30.19
CA LEU B 118 3.49 -5.37 30.33
C LEU B 118 3.90 -5.06 31.77
N LYS B 119 3.14 -5.60 32.71
CA LYS B 119 3.42 -5.45 34.13
C LYS B 119 4.84 -5.90 34.50
N ARG B 120 5.27 -7.03 33.93
CA ARG B 120 6.63 -7.54 34.17
C ARG B 120 7.67 -6.56 33.65
N PHE B 121 7.44 -6.04 32.47
CA PHE B 121 8.32 -5.04 31.86
C PHE B 121 8.40 -3.77 32.72
N GLN B 122 7.26 -3.30 33.21
CA GLN B 122 7.23 -2.07 34.00
C GLN B 122 7.99 -2.19 35.32
N LYS B 123 8.19 -3.41 35.81
CA LYS B 123 8.86 -3.59 37.09
C LYS B 123 10.40 -3.54 36.97
N ARG B 124 10.91 -3.53 35.75
CA ARG B 124 12.37 -3.51 35.55
C ARG B 124 12.96 -2.15 35.89
N ASP B 125 14.27 -2.12 36.19
CA ASP B 125 14.95 -0.87 36.58
C ASP B 125 14.88 0.23 35.53
N LYS B 126 15.11 -0.14 34.27
CA LYS B 126 15.11 0.86 33.20
C LYS B 126 13.71 1.43 33.03
N SER B 127 12.70 0.58 33.24
CA SER B 127 11.32 1.02 33.12
C SER B 127 10.91 1.91 34.29
N ARG B 128 11.44 1.61 35.48
CA ARG B 128 11.24 2.45 36.65
C ARG B 128 11.78 3.84 36.40
N GLU B 129 12.95 3.90 35.77
CA GLU B 129 13.63 5.16 35.51
C GLU B 129 12.88 6.02 34.47
N LEU B 130 12.03 5.39 33.66
CA LEU B 130 11.28 6.14 32.67
C LEU B 130 10.21 7.02 33.33
N LEU B 131 9.90 6.73 34.58
CA LEU B 131 9.01 7.57 35.37
C LEU B 131 9.57 8.97 35.57
N ARG B 132 10.89 9.12 35.42
CA ARG B 132 11.53 10.42 35.59
C ARG B 132 11.90 11.03 34.23
N SER B 133 11.38 10.46 33.15
CA SER B 133 11.77 10.90 31.80
C SER B 133 11.32 12.33 31.47
N MET B 134 10.43 12.88 32.30
CA MET B 134 9.86 14.20 32.04
C MET B 134 10.19 15.22 33.11
N ALA B 135 11.16 14.88 33.96
CA ALA B 135 11.53 15.75 35.08
C ALA B 135 11.98 17.10 34.57
N LYS B 136 12.60 17.11 33.40
CA LYS B 136 13.00 18.33 32.70
C LYS B 136 11.84 19.30 32.53
N HIS B 137 10.63 18.77 32.43
CA HIS B 137 9.43 19.60 32.28
C HIS B 137 8.62 19.68 33.56
N GLY B 138 9.21 19.28 34.67
CA GLY B 138 8.59 19.41 35.97
C GLY B 138 7.47 18.41 36.21
N ILE B 139 7.51 17.30 35.47
CA ILE B 139 6.53 16.24 35.64
C ILE B 139 7.17 15.06 36.36
N TYR B 140 6.54 14.66 37.46
CA TYR B 140 7.08 13.65 38.36
C TYR B 140 6.19 12.41 38.30
N GLY B 141 6.74 11.31 37.78
CA GLY B 141 5.98 10.08 37.59
C GLY B 141 5.90 9.30 38.88
N LEU B 142 4.68 8.93 39.26
CA LEU B 142 4.49 8.21 40.52
C LEU B 142 4.39 6.70 40.32
N ALA B 143 3.78 6.27 39.21
CA ALA B 143 3.48 4.86 38.97
C ALA B 143 3.02 4.60 37.54
N TYR B 144 2.99 3.32 37.17
CA TYR B 144 2.26 2.88 35.98
C TYR B 144 0.90 2.30 36.37
N TRP B 145 -0.17 2.76 35.72
CA TRP B 145 -1.49 2.21 35.92
C TRP B 145 -1.95 1.64 34.60
N ASN B 146 -2.33 0.36 34.60
CA ASN B 146 -2.69 -0.28 33.35
C ASN B 146 -4.19 -0.32 33.15
N ASN B 147 -4.59 -0.24 31.88
CA ASN B 147 -6.00 -0.37 31.53
C ASN B 147 -6.24 -1.76 30.96
N GLY B 148 -5.62 -2.06 29.82
CA GLY B 148 -5.90 -3.31 29.13
C GLY B 148 -5.30 -3.34 27.73
N MET B 149 -5.57 -4.43 27.01
CA MET B 149 -5.08 -4.56 25.65
C MET B 149 -6.06 -3.91 24.70
N LYS B 150 -5.53 -3.32 23.64
CA LYS B 150 -6.40 -2.61 22.71
C LYS B 150 -6.96 -3.57 21.65
N GLN B 151 -8.23 -3.34 21.32
CA GLN B 151 -8.91 -4.03 20.21
C GLN B 151 -9.14 -3.08 19.04
N LEU B 152 -9.60 -3.59 17.90
CA LEU B 152 -9.95 -2.72 16.78
C LEU B 152 -11.45 -2.74 16.50
N SER B 153 -12.10 -1.58 16.57
CA SER B 153 -13.51 -1.51 16.16
C SER B 153 -13.51 -0.87 14.77
N ALA B 154 -14.48 -1.23 13.94
CA ALA B 154 -14.54 -0.67 12.59
C ALA B 154 -15.88 -0.92 11.95
N THR B 155 -16.06 -0.38 10.76
CA THR B 155 -17.27 -0.59 9.98
C THR B 155 -17.21 -1.88 9.17
N ARG B 156 -16.13 -2.63 9.32
CA ARG B 156 -16.11 -3.96 8.73
C ARG B 156 -15.31 -4.90 9.61
N GLU B 157 -15.48 -6.21 9.38
CA GLU B 157 -14.72 -7.22 10.11
C GLU B 157 -13.27 -7.17 9.69
N LEU B 158 -12.35 -7.16 10.64
CA LEU B 158 -10.94 -7.08 10.28
C LEU B 158 -10.22 -8.41 10.57
N HIS B 159 -10.46 -9.42 9.73
CA HIS B 159 -9.87 -10.75 9.95
C HIS B 159 -8.37 -10.76 9.68
N ARG B 160 -7.95 -9.96 8.72
CA ARG B 160 -6.55 -9.91 8.30
C ARG B 160 -6.12 -8.45 8.18
N PRO B 161 -4.82 -8.17 8.31
CA PRO B 161 -4.32 -6.77 8.27
C PRO B 161 -4.72 -6.02 6.99
N ASP B 162 -4.77 -6.73 5.85
CA ASP B 162 -5.18 -6.11 4.60
C ASP B 162 -6.61 -5.55 4.63
N ASP B 163 -7.45 -6.06 5.53
CA ASP B 163 -8.82 -5.54 5.68
C ASP B 163 -8.84 -4.11 6.25
N ALA B 164 -7.74 -3.69 6.87
CA ALA B 164 -7.67 -2.35 7.45
C ALA B 164 -7.36 -1.32 6.39
N LYS B 165 -6.92 -1.78 5.21
CA LYS B 165 -6.56 -0.88 4.13
C LYS B 165 -7.67 0.10 3.81
N GLY B 166 -7.32 1.38 3.74
CA GLY B 166 -8.25 2.40 3.29
C GLY B 166 -9.12 3.02 4.37
N LEU B 167 -9.12 2.42 5.56
CA LEU B 167 -9.95 2.94 6.65
C LEU B 167 -9.23 4.06 7.38
N VAL B 168 -9.99 4.98 7.98
CA VAL B 168 -9.43 5.98 8.87
C VAL B 168 -9.72 5.57 10.29
N PHE B 169 -8.67 5.45 11.10
CA PHE B 169 -8.79 5.06 12.50
C PHE B 169 -8.47 6.23 13.42
N ARG B 170 -9.37 6.53 14.35
CA ARG B 170 -9.02 7.46 15.43
C ARG B 170 -7.92 6.85 16.29
N ILE B 171 -6.90 7.65 16.58
CA ILE B 171 -5.89 7.26 17.55
C ILE B 171 -5.68 8.38 18.56
N GLN B 172 -5.05 8.03 19.67
CA GLN B 172 -4.45 9.00 20.58
C GLN B 172 -3.33 9.73 19.82
N PRO B 173 -2.98 10.96 20.23
CA PRO B 173 -2.00 11.75 19.47
C PRO B 173 -0.55 11.25 19.59
N SER B 174 -0.28 10.09 19.01
CA SER B 174 1.04 9.46 19.06
C SER B 174 1.58 9.20 17.68
N SER B 175 2.79 9.70 17.40
CA SER B 175 3.42 9.47 16.10
C SER B 175 3.70 7.98 15.87
N VAL B 176 3.87 7.23 16.95
CA VAL B 176 4.05 5.79 16.87
C VAL B 176 2.79 5.10 16.41
N LEU B 177 1.66 5.49 17.00
CA LEU B 177 0.38 4.91 16.60
C LEU B 177 -0.01 5.34 15.19
N GLU B 178 0.44 6.52 14.77
CA GLU B 178 0.21 6.94 13.40
C GLU B 178 0.99 6.05 12.43
N ALA B 179 2.25 5.79 12.76
CA ALA B 179 3.11 4.96 11.93
C ALA B 179 2.59 3.52 11.90
N GLN B 180 2.01 3.09 13.01
CA GLN B 180 1.39 1.77 13.10
C GLN B 180 0.31 1.58 12.03
N PHE B 181 -0.61 2.54 11.91
CA PHE B 181 -1.69 2.38 10.93
C PHE B 181 -1.22 2.67 9.51
N ALA B 182 -0.28 3.62 9.36
CA ALA B 182 0.35 3.85 8.07
C ALA B 182 0.96 2.56 7.52
N MET B 183 1.60 1.79 8.39
CA MET B 183 2.23 0.53 7.99
C MET B 183 1.21 -0.49 7.46
N LEU B 184 -0.04 -0.37 7.89
CA LEU B 184 -1.09 -1.27 7.46
C LEU B 184 -1.80 -0.81 6.19
N GLY B 185 -1.41 0.35 5.68
CA GLY B 185 -2.07 0.92 4.53
C GLY B 185 -3.37 1.60 4.92
N ALA B 186 -3.51 1.93 6.19
CA ALA B 186 -4.69 2.65 6.68
C ALA B 186 -4.30 4.09 6.97
N THR B 187 -5.26 4.90 7.38
CA THR B 187 -4.92 6.26 7.81
C THR B 187 -5.33 6.44 9.26
N ALA B 188 -4.47 7.10 10.04
CA ALA B 188 -4.83 7.46 11.41
C ALA B 188 -5.27 8.91 11.44
N LYS B 189 -6.09 9.24 12.43
CA LYS B 189 -6.44 10.62 12.72
C LYS B 189 -6.34 10.84 14.23
N GLN B 190 -5.49 11.76 14.66
CA GLN B 190 -5.32 12.01 16.07
C GLN B 190 -6.47 12.86 16.59
N LEU B 191 -7.18 12.34 17.59
CA LEU B 191 -8.29 13.03 18.22
C LEU B 191 -8.28 12.73 19.71
N SER B 192 -8.90 13.60 20.50
CA SER B 192 -8.98 13.35 21.94
C SER B 192 -9.98 12.24 22.18
N TYR B 193 -9.96 11.70 23.39
CA TYR B 193 -10.95 10.70 23.79
C TYR B 193 -12.37 11.18 23.53
N ALA B 194 -12.65 12.42 23.90
CA ALA B 194 -14.01 12.96 23.84
C ALA B 194 -14.48 13.21 22.40
N GLU B 195 -13.52 13.38 21.49
CA GLU B 195 -13.82 13.82 20.12
C GLU B 195 -14.14 12.66 19.18
N THR B 196 -13.95 11.43 19.66
CA THR B 196 -14.03 10.25 18.81
C THR B 196 -15.44 9.96 18.26
N LEU B 197 -16.46 10.00 19.12
CA LEU B 197 -17.79 9.58 18.68
C LEU B 197 -18.32 10.48 17.57
N LYS B 198 -18.15 11.79 17.73
CA LYS B 198 -18.63 12.75 16.75
C LYS B 198 -18.01 12.50 15.38
N ALA B 199 -16.71 12.20 15.36
CA ALA B 199 -16.01 12.00 14.11
C ALA B 199 -16.48 10.72 13.41
N MET B 200 -16.87 9.73 14.20
CA MET B 200 -17.41 8.49 13.63
C MET B 200 -18.81 8.71 13.12
N GLN B 201 -19.60 9.48 13.88
CA GLN B 201 -20.96 9.78 13.48
C GLN B 201 -20.96 10.52 12.16
N ALA B 202 -20.01 11.44 12.01
CA ALA B 202 -19.92 12.25 10.81
C ALA B 202 -19.32 11.48 9.64
N GLY B 203 -18.68 10.34 9.94
CA GLY B 203 -18.11 9.49 8.91
C GLY B 203 -16.67 9.79 8.51
N SER B 204 -16.03 10.70 9.22
CA SER B 204 -14.65 11.04 8.93
C SER B 204 -13.68 10.01 9.50
N VAL B 205 -14.18 9.25 10.48
CA VAL B 205 -13.45 8.13 11.06
C VAL B 205 -14.30 6.86 10.94
N GLN B 206 -13.68 5.76 10.56
CA GLN B 206 -14.43 4.50 10.39
C GLN B 206 -14.06 3.45 11.42
N GLY B 207 -13.04 3.70 12.23
CA GLY B 207 -12.62 2.70 13.20
C GLY B 207 -11.74 3.30 14.29
N THR B 208 -11.44 2.52 15.32
CA THR B 208 -10.49 3.00 16.30
C THR B 208 -9.82 1.81 17.01
N GLU B 209 -8.83 2.10 17.86
CA GLU B 209 -8.24 1.09 18.73
C GLU B 209 -8.49 1.51 20.16
N ASN B 210 -8.93 0.58 20.99
CA ASN B 210 -9.04 0.86 22.42
C ASN B 210 -9.37 -0.39 23.21
N THR B 211 -9.27 -0.31 24.52
CA THR B 211 -9.70 -1.39 25.40
C THR B 211 -11.23 -1.49 25.41
N TRP B 212 -11.74 -2.62 25.88
CA TRP B 212 -13.19 -2.85 25.95
C TRP B 212 -13.85 -1.77 26.80
N SER B 213 -13.18 -1.41 27.88
CA SER B 213 -13.72 -0.43 28.81
C SER B 213 -13.87 0.93 28.13
N ASN B 214 -12.91 1.32 27.31
CA ASN B 214 -13.03 2.60 26.61
C ASN B 214 -13.92 2.53 25.37
N LEU B 215 -13.93 1.39 24.68
CA LEU B 215 -14.90 1.23 23.58
C LEU B 215 -16.33 1.36 24.11
N ALA B 216 -16.60 0.76 25.26
CA ALA B 216 -17.90 0.92 25.92
C ALA B 216 -18.15 2.38 26.34
N GLY B 217 -17.17 2.97 27.01
CA GLY B 217 -17.30 4.33 27.51
C GLY B 217 -17.50 5.39 26.43
N GLN B 218 -16.96 5.16 25.23
CA GLN B 218 -17.08 6.17 24.18
C GLN B 218 -18.44 6.10 23.49
N LYS B 219 -19.16 5.02 23.76
CA LYS B 219 -20.54 4.83 23.28
C LYS B 219 -20.56 4.74 21.78
N ILE B 220 -19.56 4.09 21.21
CA ILE B 220 -19.41 4.07 19.78
C ILE B 220 -20.02 2.83 19.13
N ASP B 221 -20.59 1.93 19.93
CA ASP B 221 -21.11 0.68 19.36
C ASP B 221 -22.23 0.96 18.35
N SER B 222 -22.90 2.10 18.51
CA SER B 222 -23.94 2.51 17.58
C SER B 222 -23.42 2.81 16.16
N VAL B 223 -22.13 3.12 16.04
CA VAL B 223 -21.57 3.43 14.72
C VAL B 223 -20.37 2.56 14.41
N GLN B 224 -20.15 1.55 15.26
CA GLN B 224 -19.07 0.57 15.06
C GLN B 224 -19.61 -0.86 15.12
N PRO B 225 -20.02 -1.39 13.96
CA PRO B 225 -20.72 -2.68 13.95
C PRO B 225 -19.85 -3.87 14.33
N TYR B 226 -18.54 -3.76 14.17
CA TYR B 226 -17.67 -4.89 14.49
C TYR B 226 -16.51 -4.51 15.38
N ILE B 227 -16.18 -5.36 16.33
CA ILE B 227 -14.96 -5.17 17.12
C ILE B 227 -14.12 -6.44 16.98
N THR B 228 -12.93 -6.30 16.42
CA THR B 228 -12.07 -7.44 16.21
C THR B 228 -11.11 -7.55 17.39
N GLU B 229 -11.08 -8.73 17.99
CA GLU B 229 -10.34 -8.93 19.23
C GLU B 229 -8.89 -9.23 18.84
N THR B 230 -8.14 -8.16 18.60
CA THR B 230 -6.75 -8.25 18.13
C THR B 230 -5.68 -8.31 19.24
N ASN B 231 -5.95 -7.70 20.39
CA ASN B 231 -4.98 -7.54 21.47
C ASN B 231 -3.63 -7.01 20.95
N HIS B 232 -3.70 -6.03 20.05
CA HIS B 232 -2.52 -5.64 19.26
C HIS B 232 -1.60 -4.62 19.95
N GLY B 233 -2.04 -4.08 21.09
CA GLY B 233 -1.19 -3.14 21.81
C GLY B 233 -1.75 -2.85 23.18
N ALA B 234 -0.97 -2.17 24.01
CA ALA B 234 -1.37 -1.89 25.37
C ALA B 234 -1.90 -0.47 25.55
N LEU B 235 -2.86 -0.34 26.46
CA LEU B 235 -3.26 0.98 26.91
C LEU B 235 -2.89 1.06 28.39
N SER B 236 -1.96 1.95 28.69
CA SER B 236 -1.42 2.07 30.04
C SER B 236 -1.20 3.54 30.35
N TYR B 237 -1.22 3.89 31.64
CA TYR B 237 -1.10 5.26 32.08
C TYR B 237 0.14 5.49 32.91
N MET B 238 0.64 6.72 32.92
CA MET B 238 1.54 7.13 33.98
C MET B 238 0.77 8.00 34.96
N LEU B 239 0.70 7.56 36.21
CA LEU B 239 0.27 8.41 37.30
C LEU B 239 1.33 9.48 37.51
N ILE B 240 0.92 10.74 37.38
CA ILE B 240 1.87 11.85 37.43
C ILE B 240 1.41 12.99 38.31
N THR B 241 2.38 13.70 38.89
CA THR B 241 2.12 14.96 39.54
C THR B 241 3.14 15.98 39.04
N SER B 242 3.12 17.20 39.57
CA SER B 242 4.17 18.14 39.22
C SER B 242 5.27 18.07 40.28
N SER B 243 6.53 18.19 39.85
CA SER B 243 7.65 18.12 40.78
C SER B 243 7.54 19.16 41.89
N ALA B 244 7.16 20.38 41.51
CA ALA B 244 7.05 21.49 42.44
C ALA B 244 6.05 21.18 43.56
N PHE B 245 4.85 20.73 43.18
CA PHE B 245 3.83 20.39 44.16
C PHE B 245 4.26 19.23 45.05
N TRP B 246 4.75 18.16 44.44
CA TRP B 246 5.06 16.95 45.20
C TRP B 246 6.22 17.18 46.15
N THR B 247 7.33 17.71 45.64
CA THR B 247 8.51 17.99 46.47
C THR B 247 8.23 18.97 47.61
N GLY B 248 7.22 19.82 47.44
CA GLY B 248 6.88 20.82 48.44
C GLY B 248 5.87 20.33 49.44
N ARG B 254 3.91 13.08 52.49
CA ARG B 254 4.47 12.74 51.18
C ARG B 254 4.94 11.31 51.11
N THR B 255 5.86 10.95 52.00
CA THR B 255 6.44 9.62 52.00
C THR B 255 5.37 8.55 52.18
N GLU B 256 4.30 8.90 52.89
CA GLU B 256 3.16 8.00 53.06
C GLU B 256 2.30 7.98 51.81
N LEU B 257 2.15 9.16 51.19
CA LEU B 257 1.43 9.27 49.93
C LEU B 257 2.07 8.39 48.86
N GLU B 258 3.40 8.32 48.86
CA GLU B 258 4.09 7.44 47.93
C GLU B 258 3.87 5.98 48.30
N SER B 259 3.72 5.71 49.59
CA SER B 259 3.42 4.36 50.05
C SER B 259 2.01 3.94 49.62
N ILE B 260 1.08 4.89 49.62
CA ILE B 260 -0.28 4.53 49.26
C ILE B 260 -0.46 4.50 47.74
N VAL B 261 0.34 5.27 47.02
CA VAL B 261 0.31 5.25 45.56
C VAL B 261 0.72 3.85 45.11
N ASP B 262 1.78 3.33 45.71
CA ASP B 262 2.26 1.98 45.43
C ASP B 262 1.18 0.94 45.74
N GLU B 263 0.35 1.21 46.74
CA GLU B 263 -0.70 0.29 47.15
C GLU B 263 -1.89 0.30 46.21
N VAL B 264 -2.35 1.50 45.86
CA VAL B 264 -3.44 1.70 44.92
C VAL B 264 -3.08 1.09 43.57
N THR B 265 -1.81 1.25 43.21
CA THR B 265 -1.28 0.76 41.94
C THR B 265 -1.42 -0.76 41.86
N LEU B 266 -1.12 -1.46 42.95
CA LEU B 266 -1.26 -2.92 42.98
C LEU B 266 -2.67 -3.35 42.67
N VAL B 267 -3.63 -2.67 43.28
CA VAL B 267 -5.05 -3.00 43.14
C VAL B 267 -5.54 -2.72 41.72
N VAL B 268 -5.18 -1.54 41.21
CA VAL B 268 -5.54 -1.14 39.85
C VAL B 268 -5.03 -2.16 38.84
N ASN B 269 -3.76 -2.48 38.96
CA ASN B 269 -3.12 -3.39 38.01
C ASN B 269 -3.56 -4.83 38.18
N LYS B 270 -3.99 -5.22 39.38
CA LYS B 270 -4.49 -6.58 39.56
C LYS B 270 -5.94 -6.71 39.07
N GLU B 271 -6.67 -5.60 38.97
CA GLU B 271 -8.10 -5.68 38.63
C GLU B 271 -8.42 -5.25 37.20
N ALA B 272 -7.46 -4.60 36.53
CA ALA B 272 -7.74 -3.98 35.22
C ALA B 272 -8.22 -4.98 34.17
N GLU B 273 -7.57 -6.14 34.08
CA GLU B 273 -7.94 -7.08 33.02
C GLU B 273 -9.33 -7.66 33.27
N ALA B 274 -9.64 -7.96 34.52
CA ALA B 274 -10.96 -8.51 34.84
C ALA B 274 -12.07 -7.51 34.55
N LEU B 275 -11.80 -6.25 34.85
CA LEU B 275 -12.73 -5.18 34.56
C LEU B 275 -12.98 -5.12 33.04
N ASN B 276 -11.91 -5.19 32.24
CA ASN B 276 -12.10 -5.11 30.79
C ASN B 276 -12.81 -6.33 30.22
N GLN B 277 -12.60 -7.49 30.80
CA GLN B 277 -13.37 -8.65 30.35
C GLN B 277 -14.86 -8.52 30.68
N LYS B 278 -15.17 -7.99 31.86
CA LYS B 278 -16.58 -7.70 32.17
C LYS B 278 -17.18 -6.68 31.18
N GLU B 279 -16.39 -5.67 30.82
CA GLU B 279 -16.85 -4.67 29.84
C GLU B 279 -17.05 -5.30 28.47
N ARG B 280 -16.14 -6.18 28.05
CA ARG B 280 -16.37 -6.94 26.82
C ARG B 280 -17.72 -7.69 26.84
N GLU B 281 -18.00 -8.41 27.92
CA GLU B 281 -19.23 -9.18 28.03
C GLU B 281 -20.45 -8.28 27.83
N HIS B 282 -20.47 -7.18 28.57
CA HIS B 282 -21.64 -6.31 28.59
C HIS B 282 -21.84 -5.56 27.27
N LEU B 283 -20.73 -5.24 26.62
CA LEU B 283 -20.81 -4.49 25.36
C LEU B 283 -21.34 -5.41 24.28
N LEU B 284 -20.79 -6.62 24.22
CA LEU B 284 -21.27 -7.61 23.28
C LEU B 284 -22.73 -7.97 23.56
N ALA B 285 -23.08 -8.12 24.84
CA ALA B 285 -24.48 -8.33 25.25
C ALA B 285 -25.47 -7.28 24.71
N ALA B 286 -25.05 -6.03 24.61
CA ALA B 286 -25.94 -4.97 24.11
C ALA B 286 -26.26 -5.15 22.62
N GLY B 287 -25.41 -5.92 21.92
CA GLY B 287 -25.73 -6.42 20.60
C GLY B 287 -25.64 -5.44 19.44
N LYS B 288 -25.07 -4.26 19.69
CA LYS B 288 -24.84 -3.32 18.61
C LYS B 288 -23.49 -3.61 17.93
N SER B 289 -22.42 -3.74 18.71
CA SER B 289 -21.14 -4.23 18.15
C SER B 289 -21.07 -5.77 18.21
N ARG B 290 -20.59 -6.40 17.14
CA ARG B 290 -20.39 -7.85 17.12
C ARG B 290 -18.93 -8.24 17.21
N LEU B 291 -18.65 -9.28 17.99
CA LEU B 291 -17.29 -9.79 18.18
C LEU B 291 -16.76 -10.53 16.95
N VAL B 292 -15.58 -10.12 16.49
CA VAL B 292 -14.87 -10.81 15.41
C VAL B 292 -13.67 -11.49 16.03
N SER B 293 -13.65 -12.82 16.00
CA SER B 293 -12.60 -13.60 16.65
C SER B 293 -11.55 -14.09 15.66
N LEU B 294 -10.28 -14.04 16.05
CA LEU B 294 -9.19 -14.41 15.15
C LEU B 294 -8.69 -15.81 15.42
N SER B 295 -8.46 -16.56 14.36
CA SER B 295 -7.75 -17.85 14.46
C SER B 295 -6.31 -17.63 14.86
N ALA B 296 -5.62 -18.69 15.26
CA ALA B 296 -4.18 -18.60 15.50
C ALA B 296 -3.44 -18.10 14.26
N GLU B 297 -3.87 -18.54 13.07
CA GLU B 297 -3.23 -18.12 11.83
C GLU B 297 -3.45 -16.64 11.52
N GLU B 298 -4.67 -16.17 11.74
CA GLU B 298 -4.98 -14.74 11.55
C GLU B 298 -4.23 -13.87 12.55
N HIS B 299 -4.15 -14.32 13.80
CA HIS B 299 -3.40 -13.58 14.82
C HIS B 299 -1.95 -13.42 14.40
N GLU B 300 -1.38 -14.50 13.86
CA GLU B 300 0.01 -14.49 13.43
C GLU B 300 0.22 -13.55 12.25
N ALA B 301 -0.77 -13.50 11.37
CA ALA B 301 -0.72 -12.58 10.23
C ALA B 301 -0.69 -11.14 10.69
N TRP B 302 -1.55 -10.80 11.65
CA TRP B 302 -1.57 -9.46 12.25
C TRP B 302 -0.23 -9.13 12.90
N ARG B 303 0.28 -10.07 13.68
CA ARG B 303 1.54 -9.86 14.38
C ARG B 303 2.67 -9.63 13.39
N ASN B 304 2.73 -10.48 12.37
CA ASN B 304 3.78 -10.38 11.37
C ASN B 304 3.70 -9.08 10.59
N ALA B 305 2.49 -8.54 10.44
CA ALA B 305 2.31 -7.31 9.68
C ALA B 305 2.73 -6.09 10.47
N MET B 306 2.65 -6.16 11.79
CA MET B 306 2.83 -4.97 12.60
C MET B 306 4.18 -4.93 13.31
N LYS B 307 4.72 -6.10 13.59
CA LYS B 307 6.05 -6.22 14.22
C LYS B 307 7.20 -5.46 13.51
N PRO B 308 7.14 -5.29 12.18
CA PRO B 308 8.27 -4.54 11.61
C PRO B 308 8.39 -3.08 12.09
N LEU B 309 7.33 -2.51 12.64
CA LEU B 309 7.38 -1.14 13.14
C LEU B 309 8.47 -0.99 14.21
N TRP B 310 8.74 -2.06 14.96
CA TRP B 310 9.75 -2.06 16.02
C TRP B 310 11.11 -1.58 15.53
N LYS B 311 11.44 -1.93 14.29
CA LYS B 311 12.77 -1.63 13.78
C LYS B 311 13.01 -0.12 13.73
N ASN B 312 11.95 0.65 13.50
CA ASN B 312 12.06 2.11 13.43
C ASN B 312 12.55 2.73 14.73
N TYR B 313 12.22 2.10 15.86
CA TYR B 313 12.49 2.66 17.18
C TYR B 313 13.55 1.89 17.96
N GLU B 314 14.08 0.84 17.36
CA GLU B 314 15.01 -0.09 18.03
C GLU B 314 16.28 0.59 18.55
N ALA B 315 16.92 1.40 17.71
CA ALA B 315 18.14 2.09 18.11
C ALA B 315 17.87 3.13 19.20
N GLN B 316 16.69 3.75 19.12
CA GLN B 316 16.27 4.73 20.12
C GLN B 316 16.01 4.05 21.48
N ILE B 317 15.36 2.89 21.43
CA ILE B 317 14.93 2.19 22.65
C ILE B 317 16.07 1.37 23.27
N PRO C 27 16.46 -45.20 39.34
CA PRO C 27 15.81 -43.91 39.54
C PRO C 27 14.41 -44.03 40.14
N VAL C 28 13.93 -42.96 40.77
CA VAL C 28 12.53 -42.91 41.18
C VAL C 28 11.69 -42.68 39.92
N VAL C 29 10.64 -43.46 39.75
CA VAL C 29 9.83 -43.32 38.52
C VAL C 29 8.44 -42.77 38.83
N ILE C 30 8.09 -41.65 38.21
CA ILE C 30 6.78 -41.06 38.43
C ILE C 30 5.99 -41.08 37.13
N LYS C 31 4.97 -41.93 37.08
CA LYS C 31 4.08 -41.95 35.93
C LYS C 31 2.92 -41.00 36.24
N PHE C 32 2.76 -39.99 35.39
CA PHE C 32 1.77 -38.94 35.52
C PHE C 32 0.69 -39.25 34.48
N SER C 33 -0.52 -39.59 34.90
CA SER C 33 -1.57 -39.89 33.92
C SER C 33 -2.66 -38.83 33.97
N HIS C 34 -3.16 -38.39 32.81
CA HIS C 34 -4.31 -37.48 32.79
C HIS C 34 -5.09 -37.62 31.49
N VAL C 35 -6.30 -37.06 31.47
CA VAL C 35 -7.27 -37.40 30.44
C VAL C 35 -7.41 -36.38 29.32
N VAL C 36 -6.65 -35.28 29.38
CA VAL C 36 -6.75 -34.25 28.34
C VAL C 36 -5.48 -34.18 27.51
N SER C 37 -5.39 -33.24 26.57
CA SER C 37 -4.24 -33.24 25.67
C SER C 37 -3.05 -32.50 26.28
N ASP C 38 -1.90 -32.61 25.63
CA ASP C 38 -0.66 -31.94 26.06
C ASP C 38 -0.78 -30.42 26.07
N ASP C 39 -1.61 -29.87 25.19
CA ASP C 39 -1.69 -28.41 25.03
C ASP C 39 -2.83 -27.79 25.86
N THR C 40 -2.86 -28.09 27.14
CA THR C 40 -3.90 -27.66 28.06
C THR C 40 -3.20 -27.12 29.30
N PRO C 41 -3.91 -26.41 30.19
CA PRO C 41 -3.28 -26.03 31.47
C PRO C 41 -2.67 -27.22 32.20
N LYS C 42 -3.42 -28.32 32.30
CA LYS C 42 -2.93 -29.52 32.98
C LYS C 42 -1.80 -30.20 32.21
N GLY C 43 -1.96 -30.33 30.90
CA GLY C 43 -0.98 -31.01 30.06
C GLY C 43 0.39 -30.34 30.06
N LYS C 44 0.40 -29.02 29.98
CA LYS C 44 1.64 -28.26 30.06
C LYS C 44 2.30 -28.36 31.42
N GLY C 45 1.46 -28.36 32.45
CA GLY C 45 1.92 -28.53 33.82
C GLY C 45 2.64 -29.86 33.97
N ALA C 46 2.03 -30.94 33.50
CA ALA C 46 2.66 -32.26 33.60
C ALA C 46 4.02 -32.31 32.88
N LEU C 47 4.07 -31.74 31.67
CA LEU C 47 5.31 -31.74 30.88
C LEU C 47 6.40 -30.85 31.48
N LEU C 48 5.99 -29.75 32.12
CA LEU C 48 6.97 -28.88 32.79
C LEU C 48 7.58 -29.59 33.98
N PHE C 49 6.73 -30.29 34.72
CA PHE C 49 7.17 -31.12 35.84
C PHE C 49 8.20 -32.16 35.41
N LYS C 50 7.91 -32.89 34.34
CA LYS C 50 8.87 -33.83 33.76
C LYS C 50 10.20 -33.16 33.40
N LYS C 51 10.11 -32.03 32.72
CA LYS C 51 11.30 -31.36 32.21
C LYS C 51 12.18 -30.89 33.36
N LEU C 52 11.56 -30.21 34.31
CA LEU C 52 12.30 -29.71 35.48
C LEU C 52 12.91 -30.82 36.31
N ALA C 53 12.12 -31.84 36.65
CA ALA C 53 12.63 -32.93 37.49
C ALA C 53 13.77 -33.66 36.82
N GLU C 54 13.62 -33.95 35.54
CA GLU C 54 14.58 -34.77 34.85
C GLU C 54 15.91 -34.06 34.56
N GLU C 55 15.89 -32.74 34.38
CA GLU C 55 17.15 -32.06 34.12
C GLU C 55 17.81 -31.56 35.42
N ARG C 56 17.03 -31.43 36.50
CA ARG C 56 17.58 -30.99 37.78
C ARG C 56 17.90 -32.14 38.73
N LEU C 57 17.28 -33.29 38.51
CA LEU C 57 17.64 -34.49 39.26
C LEU C 57 18.09 -35.60 38.32
N PRO C 58 19.12 -35.33 37.48
CA PRO C 58 19.48 -36.28 36.44
C PRO C 58 19.91 -37.61 37.03
N GLY C 59 19.18 -38.68 36.76
CA GLY C 59 19.55 -40.00 37.25
C GLY C 59 18.80 -40.45 38.48
N LYS C 60 18.21 -39.50 39.20
CA LYS C 60 17.46 -39.85 40.41
C LYS C 60 15.97 -39.97 40.17
N VAL C 61 15.47 -39.27 39.17
CA VAL C 61 14.04 -39.26 38.87
C VAL C 61 13.76 -39.39 37.38
N LYS C 62 12.84 -40.28 37.04
CA LYS C 62 12.27 -40.34 35.70
C LYS C 62 10.78 -40.01 35.76
N VAL C 63 10.34 -39.07 34.93
CA VAL C 63 8.91 -38.77 34.86
C VAL C 63 8.39 -39.14 33.48
N GLU C 64 7.33 -39.94 33.47
CA GLU C 64 6.63 -40.26 32.23
C GLU C 64 5.22 -39.70 32.26
N VAL C 65 4.88 -38.93 31.24
CA VAL C 65 3.58 -38.28 31.15
C VAL C 65 2.71 -38.99 30.11
N TYR C 66 1.47 -39.31 30.51
CA TYR C 66 0.54 -40.01 29.64
C TYR C 66 -0.74 -39.20 29.51
N PRO C 67 -0.85 -38.40 28.43
CA PRO C 67 -2.06 -37.58 28.25
C PRO C 67 -3.17 -38.41 27.65
N ASN C 68 -4.34 -37.79 27.50
CA ASN C 68 -5.44 -38.38 26.72
C ASN C 68 -5.86 -39.78 27.14
N SER C 69 -5.78 -40.08 28.43
CA SER C 69 -6.18 -41.38 28.96
C SER C 69 -5.40 -42.55 28.34
N THR C 70 -4.19 -42.27 27.83
CA THR C 70 -3.38 -43.34 27.24
C THR C 70 -2.91 -44.35 28.29
N LEU C 71 -2.77 -43.91 29.53
CA LEU C 71 -2.48 -44.87 30.61
C LEU C 71 -3.79 -45.19 31.33
N PHE C 72 -4.26 -44.30 32.21
CA PHE C 72 -5.53 -44.53 32.88
C PHE C 72 -6.54 -43.44 32.55
N GLY C 73 -7.83 -43.77 32.64
CA GLY C 73 -8.87 -42.80 32.32
C GLY C 73 -9.59 -42.32 33.55
N ASP C 74 -10.62 -41.49 33.36
CA ASP C 74 -11.48 -40.99 34.45
C ASP C 74 -11.90 -42.07 35.44
N ALA C 75 -12.45 -43.15 34.90
CA ALA C 75 -13.13 -44.15 35.73
C ALA C 75 -12.17 -44.98 36.56
N ASP C 76 -10.94 -45.14 36.11
CA ASP C 76 -10.06 -46.09 36.81
C ASP C 76 -8.79 -45.47 37.40
N GLU C 77 -8.58 -44.16 37.20
CA GLU C 77 -7.30 -43.56 37.58
C GLU C 77 -7.04 -43.55 39.08
N ILE C 78 -8.05 -43.22 39.89
CA ILE C 78 -7.80 -43.03 41.33
C ILE C 78 -7.55 -44.39 41.99
N GLU C 79 -8.32 -45.38 41.60
CA GLU C 79 -8.05 -46.72 42.10
C GLU C 79 -6.69 -47.19 41.62
N ALA C 80 -6.33 -46.87 40.37
CA ALA C 80 -4.99 -47.18 39.88
C ALA C 80 -3.89 -46.50 40.70
N LEU C 81 -4.10 -45.23 41.06
CA LEU C 81 -3.18 -44.49 41.91
C LEU C 81 -3.04 -45.11 43.32
N ARG C 82 -4.18 -45.43 43.93
CA ARG C 82 -4.21 -46.08 45.24
C ARG C 82 -3.43 -47.41 45.20
N ALA C 83 -3.45 -48.07 44.06
CA ALA C 83 -2.75 -49.35 43.90
C ALA C 83 -1.32 -49.16 43.41
N ASN C 84 -0.89 -47.91 43.24
CA ASN C 84 0.46 -47.57 42.79
C ASN C 84 0.81 -48.19 41.42
N LYS C 85 -0.21 -48.35 40.58
CA LYS C 85 0.03 -48.59 39.15
C LYS C 85 0.38 -47.29 38.42
N VAL C 86 0.13 -46.16 39.09
CA VAL C 86 0.42 -44.84 38.54
C VAL C 86 0.78 -43.99 39.76
N GLN C 87 1.55 -42.93 39.55
CA GLN C 87 2.16 -42.23 40.68
C GLN C 87 1.69 -40.79 40.86
N MET C 88 1.15 -40.20 39.80
CA MET C 88 0.70 -38.82 39.90
C MET C 88 -0.52 -38.60 39.01
N LEU C 89 -1.53 -37.93 39.54
CA LEU C 89 -2.70 -37.52 38.77
C LEU C 89 -2.95 -36.04 39.02
N ALA C 90 -3.78 -35.42 38.19
CA ALA C 90 -4.35 -34.12 38.55
C ALA C 90 -5.82 -34.18 38.18
N THR C 91 -6.64 -34.48 39.17
CA THR C 91 -8.02 -34.86 38.93
C THR C 91 -8.97 -33.73 39.34
N SER C 92 -9.99 -33.46 38.53
CA SER C 92 -10.98 -32.44 38.90
C SER C 92 -11.49 -32.63 40.32
N LEU C 93 -11.60 -31.52 41.05
CA LEU C 93 -12.15 -31.51 42.40
C LEU C 93 -13.60 -32.04 42.44
N SER C 94 -14.28 -31.97 41.30
CA SER C 94 -15.66 -32.44 41.17
C SER C 94 -15.78 -33.98 41.22
N LYS C 95 -14.67 -34.69 41.13
CA LYS C 95 -14.69 -36.15 40.97
C LYS C 95 -14.27 -36.95 42.21
N PHE C 96 -14.18 -36.29 43.37
CA PHE C 96 -13.65 -36.95 44.56
C PHE C 96 -14.71 -37.41 45.56
N GLU C 97 -15.99 -37.25 45.24
CA GLU C 97 -17.06 -37.58 46.19
C GLU C 97 -17.12 -39.04 46.67
N PRO C 98 -16.63 -40.01 45.87
CA PRO C 98 -16.51 -41.33 46.49
C PRO C 98 -15.45 -41.40 47.60
N TYR C 99 -14.65 -40.36 47.77
CA TYR C 99 -13.54 -40.40 48.71
C TYR C 99 -13.67 -39.40 49.86
N THR C 100 -14.28 -38.25 49.57
CA THR C 100 -14.51 -37.24 50.57
C THR C 100 -15.67 -36.35 50.17
N LYS C 101 -16.29 -35.67 51.15
CA LYS C 101 -17.29 -34.67 50.82
C LYS C 101 -16.74 -33.26 51.04
N GLN C 102 -15.49 -33.19 51.48
CA GLN C 102 -14.90 -31.92 51.90
C GLN C 102 -14.51 -31.01 50.74
N LEU C 103 -14.62 -31.51 49.51
CA LEU C 103 -14.23 -30.71 48.35
C LEU C 103 -15.43 -30.20 47.58
N GLN C 104 -16.62 -30.49 48.10
CA GLN C 104 -17.86 -30.11 47.45
C GLN C 104 -18.01 -28.60 47.31
N VAL C 105 -17.41 -27.85 48.24
CA VAL C 105 -17.42 -26.39 48.19
C VAL C 105 -16.95 -25.87 46.82
N PHE C 106 -15.99 -26.57 46.22
CA PHE C 106 -15.38 -26.13 44.98
C PHE C 106 -16.32 -26.24 43.77
N ASP C 107 -17.39 -27.04 43.90
CA ASP C 107 -18.37 -27.20 42.81
C ASP C 107 -19.50 -26.15 42.84
N LEU C 108 -19.54 -25.31 43.87
CA LEU C 108 -20.73 -24.45 44.03
C LEU C 108 -20.73 -23.34 42.99
N PRO C 109 -21.91 -23.07 42.40
CA PRO C 109 -21.98 -22.07 41.35
C PRO C 109 -21.90 -20.64 41.86
N PHE C 110 -21.15 -19.83 41.12
CA PHE C 110 -20.89 -18.41 41.39
C PHE C 110 -20.27 -18.11 42.76
N LEU C 111 -19.72 -19.12 43.42
CA LEU C 111 -19.03 -18.89 44.69
C LEU C 111 -17.75 -18.09 44.42
N PHE C 112 -17.04 -18.45 43.35
CA PHE C 112 -15.81 -17.77 42.94
C PHE C 112 -16.07 -16.89 41.71
N ASP C 113 -15.73 -15.61 41.79
CA ASP C 113 -15.97 -14.68 40.67
C ASP C 113 -15.14 -15.05 39.46
N ASP C 114 -13.88 -15.39 39.71
CA ASP C 114 -12.94 -15.72 38.66
C ASP C 114 -11.81 -16.56 39.25
N LEU C 115 -10.82 -16.93 38.44
CA LEU C 115 -9.75 -17.80 38.93
C LEU C 115 -8.92 -17.14 40.01
N GLU C 116 -8.79 -15.81 39.94
CA GLU C 116 -8.01 -15.12 40.97
C GLU C 116 -8.66 -15.26 42.34
N ALA C 117 -9.99 -15.25 42.36
CA ALA C 117 -10.70 -15.41 43.63
C ALA C 117 -10.56 -16.84 44.13
N LEU C 118 -10.66 -17.81 43.22
CA LEU C 118 -10.46 -19.20 43.58
C LEU C 118 -9.07 -19.38 44.19
N LYS C 119 -8.09 -18.80 43.50
CA LYS C 119 -6.70 -18.87 43.90
C LYS C 119 -6.49 -18.31 45.31
N ARG C 120 -7.11 -17.18 45.62
CA ARG C 120 -7.02 -16.62 46.96
C ARG C 120 -7.63 -17.57 48.01
N PHE C 121 -8.76 -18.18 47.67
CA PHE C 121 -9.42 -19.11 48.57
C PHE C 121 -8.53 -20.33 48.86
N GLN C 122 -7.89 -20.83 47.82
CA GLN C 122 -7.04 -22.02 47.92
C GLN C 122 -5.81 -21.81 48.79
N LYS C 123 -5.41 -20.56 48.98
CA LYS C 123 -4.25 -20.25 49.83
C LYS C 123 -4.56 -20.20 51.31
N ARG C 124 -5.83 -20.16 51.68
CA ARG C 124 -6.22 -20.16 53.08
C ARG C 124 -5.82 -21.45 53.78
N ASP C 125 -5.58 -21.36 55.08
CA ASP C 125 -5.16 -22.49 55.90
C ASP C 125 -6.11 -23.68 55.79
N LYS C 126 -7.40 -23.41 55.85
CA LYS C 126 -8.42 -24.45 55.76
C LYS C 126 -8.45 -25.12 54.39
N SER C 127 -8.23 -24.34 53.33
CA SER C 127 -8.16 -24.91 51.99
C SER C 127 -6.86 -25.72 51.80
N ARG C 128 -5.77 -25.29 52.43
CA ARG C 128 -4.54 -26.07 52.41
C ARG C 128 -4.78 -27.41 53.11
N GLU C 129 -5.63 -27.39 54.12
CA GLU C 129 -5.96 -28.60 54.87
C GLU C 129 -6.74 -29.60 54.02
N LEU C 130 -7.53 -29.11 53.07
CA LEU C 130 -8.34 -29.99 52.23
C LEU C 130 -7.47 -30.87 51.34
N LEU C 131 -6.20 -30.50 51.18
CA LEU C 131 -5.28 -31.33 50.42
C LEU C 131 -5.09 -32.70 51.06
N ARG C 132 -5.36 -32.81 52.36
CA ARG C 132 -5.22 -34.08 53.05
C ARG C 132 -6.57 -34.74 53.36
N SER C 133 -7.64 -34.24 52.76
CA SER C 133 -8.99 -34.74 53.04
C SER C 133 -9.15 -36.22 52.67
N MET C 134 -8.25 -36.76 51.86
CA MET C 134 -8.35 -38.14 51.41
C MET C 134 -7.15 -39.00 51.86
N ALA C 135 -6.33 -38.45 52.76
CA ALA C 135 -5.13 -39.14 53.27
C ALA C 135 -5.48 -40.50 53.89
N LYS C 136 -6.72 -40.63 54.33
CA LYS C 136 -7.17 -41.86 54.96
C LYS C 136 -7.49 -42.94 53.93
N HIS C 137 -7.80 -42.55 52.70
CA HIS C 137 -7.96 -43.53 51.65
C HIS C 137 -6.61 -43.69 50.93
N GLY C 138 -5.56 -43.16 51.55
CA GLY C 138 -4.22 -43.32 51.03
C GLY C 138 -3.87 -42.40 49.88
N ILE C 139 -4.67 -41.34 49.71
CA ILE C 139 -4.46 -40.32 48.68
C ILE C 139 -3.81 -39.05 49.26
N TYR C 140 -2.70 -38.63 48.67
CA TYR C 140 -1.90 -37.52 49.20
C TYR C 140 -1.97 -36.31 48.27
N GLY C 141 -2.59 -35.22 48.74
CA GLY C 141 -2.71 -34.02 47.93
C GLY C 141 -1.46 -33.16 47.93
N LEU C 142 -0.97 -32.80 46.75
CA LEU C 142 0.25 -32.02 46.61
C LEU C 142 -0.02 -30.55 46.29
N ALA C 143 -1.07 -30.26 45.53
CA ALA C 143 -1.32 -28.89 45.08
C ALA C 143 -2.66 -28.74 44.41
N TYR C 144 -3.15 -27.50 44.33
CA TYR C 144 -4.25 -27.13 43.47
C TYR C 144 -3.74 -26.63 42.13
N TRP C 145 -4.21 -27.24 41.05
CA TRP C 145 -3.95 -26.77 39.71
C TRP C 145 -5.24 -26.26 39.12
N ASN C 146 -5.28 -25.01 38.71
CA ASN C 146 -6.52 -24.45 38.19
C ASN C 146 -6.60 -24.55 36.66
N ASN C 147 -7.82 -24.71 36.14
CA ASN C 147 -8.02 -24.67 34.69
C ASN C 147 -8.69 -23.36 34.29
N GLY C 148 -9.93 -23.15 34.73
CA GLY C 148 -10.63 -21.94 34.32
C GLY C 148 -12.06 -21.93 34.81
N MET C 149 -12.80 -20.91 34.40
CA MET C 149 -14.24 -20.84 34.69
C MET C 149 -15.07 -21.61 33.65
N LYS C 150 -16.15 -22.23 34.11
CA LYS C 150 -17.02 -23.00 33.21
C LYS C 150 -18.02 -22.09 32.51
N GLN C 151 -18.27 -22.42 31.24
CA GLN C 151 -19.28 -21.82 30.40
C GLN C 151 -20.36 -22.85 30.09
N LEU C 152 -21.47 -22.44 29.50
CA LEU C 152 -22.50 -23.41 29.08
C LEU C 152 -22.61 -23.48 27.56
N SER C 153 -22.36 -24.65 26.99
CA SER C 153 -22.61 -24.89 25.56
C SER C 153 -23.94 -25.61 25.44
N ALA C 154 -24.69 -25.35 24.36
CA ALA C 154 -25.98 -26.00 24.20
C ALA C 154 -26.50 -25.88 22.78
N THR C 155 -27.66 -26.47 22.56
CA THR C 155 -28.31 -26.43 21.26
C THR C 155 -29.09 -25.12 21.07
N ARG C 156 -29.21 -24.33 22.13
CA ARG C 156 -29.76 -23.01 21.97
C ARG C 156 -29.09 -21.96 22.85
N GLU C 157 -29.43 -20.70 22.58
CA GLU C 157 -28.94 -19.58 23.37
C GLU C 157 -29.52 -19.66 24.77
N LEU C 158 -28.67 -19.46 25.78
CA LEU C 158 -29.12 -19.49 27.16
C LEU C 158 -29.02 -18.10 27.79
N HIS C 159 -29.92 -17.21 27.39
CA HIS C 159 -29.84 -15.83 27.89
C HIS C 159 -30.17 -15.77 29.37
N ARG C 160 -31.15 -16.56 29.77
CA ARG C 160 -31.68 -16.56 31.14
C ARG C 160 -31.71 -17.98 31.65
N PRO C 161 -31.66 -18.16 32.99
CA PRO C 161 -31.71 -19.54 33.53
C PRO C 161 -32.90 -20.37 33.04
N ASP C 162 -34.08 -19.79 32.89
CA ASP C 162 -35.24 -20.55 32.40
C ASP C 162 -35.06 -21.10 30.99
N ASP C 163 -34.11 -20.54 30.23
CA ASP C 163 -33.80 -21.06 28.91
C ASP C 163 -33.17 -22.46 28.96
N ALA C 164 -32.65 -22.87 30.10
CA ALA C 164 -32.00 -24.17 30.23
C ALA C 164 -33.01 -25.28 30.55
N LYS C 165 -34.25 -24.90 30.85
CA LYS C 165 -35.26 -25.88 31.22
C LYS C 165 -35.50 -26.90 30.12
N GLY C 166 -35.50 -28.18 30.48
CA GLY C 166 -35.78 -29.24 29.52
C GLY C 166 -34.58 -29.74 28.75
N LEU C 167 -33.42 -29.16 29.02
CA LEU C 167 -32.19 -29.62 28.39
C LEU C 167 -31.48 -30.63 29.29
N VAL C 168 -30.80 -31.58 28.67
CA VAL C 168 -29.96 -32.51 29.39
C VAL C 168 -28.49 -32.10 29.24
N PHE C 169 -27.81 -31.84 30.36
CA PHE C 169 -26.41 -31.41 30.32
C PHE C 169 -25.46 -32.53 30.76
N ARG C 170 -24.39 -32.74 29.99
CA ARG C 170 -23.32 -33.59 30.50
C ARG C 170 -22.63 -32.87 31.63
N ILE C 171 -22.43 -33.57 32.74
CA ILE C 171 -21.59 -33.08 33.83
C ILE C 171 -20.56 -34.11 34.25
N GLN C 172 -19.59 -33.64 35.03
CA GLN C 172 -18.70 -34.54 35.75
C GLN C 172 -19.53 -35.23 36.82
N PRO C 173 -19.06 -36.40 37.30
CA PRO C 173 -19.87 -37.19 38.24
C PRO C 173 -19.91 -36.59 39.66
N SER C 174 -20.57 -35.46 39.77
CA SER C 174 -20.70 -34.71 41.01
C SER C 174 -22.16 -34.54 41.38
N SER C 175 -22.54 -34.94 42.59
CA SER C 175 -23.91 -34.72 43.04
C SER C 175 -24.22 -33.23 43.23
N VAL C 176 -23.19 -32.42 43.49
CA VAL C 176 -23.38 -30.98 43.58
C VAL C 176 -23.77 -30.41 42.22
N LEU C 177 -23.06 -30.85 41.19
CA LEU C 177 -23.30 -30.35 39.83
C LEU C 177 -24.63 -30.91 39.30
N GLU C 178 -25.00 -32.08 39.75
CA GLU C 178 -26.31 -32.62 39.41
C GLU C 178 -27.42 -31.74 40.00
N ALA C 179 -27.26 -31.37 41.26
CA ALA C 179 -28.24 -30.55 41.97
C ALA C 179 -28.25 -29.14 41.41
N GLN C 180 -27.10 -28.71 40.90
CA GLN C 180 -27.01 -27.42 40.24
C GLN C 180 -27.95 -27.35 39.04
N PHE C 181 -27.95 -28.37 38.21
CA PHE C 181 -28.79 -28.30 37.01
C PHE C 181 -30.25 -28.59 37.32
N ALA C 182 -30.48 -29.45 38.32
CA ALA C 182 -31.85 -29.69 38.79
C ALA C 182 -32.51 -28.39 39.26
N MET C 183 -31.73 -27.53 39.92
CA MET C 183 -32.23 -26.26 40.42
C MET C 183 -32.68 -25.37 39.26
N LEU C 184 -32.06 -25.57 38.10
CA LEU C 184 -32.40 -24.83 36.89
C LEU C 184 -33.64 -25.39 36.16
N GLY C 185 -34.11 -26.56 36.60
CA GLY C 185 -35.17 -27.24 35.88
C GLY C 185 -34.65 -27.93 34.63
N ALA C 186 -33.35 -28.19 34.61
CA ALA C 186 -32.70 -29.00 33.60
C ALA C 186 -32.39 -30.38 34.19
N THR C 187 -31.88 -31.30 33.39
CA THR C 187 -31.38 -32.54 33.97
C THR C 187 -29.92 -32.72 33.55
N ALA C 188 -29.20 -33.55 34.28
CA ALA C 188 -27.79 -33.72 34.02
C ALA C 188 -27.48 -35.20 33.87
N LYS C 189 -26.49 -35.49 33.02
CA LYS C 189 -26.03 -36.85 32.83
C LYS C 189 -24.57 -36.89 33.24
N GLN C 190 -24.25 -37.76 34.19
CA GLN C 190 -22.87 -37.85 34.64
C GLN C 190 -22.12 -38.75 33.67
N LEU C 191 -21.13 -38.18 33.00
CA LEU C 191 -20.33 -38.90 32.03
C LEU C 191 -18.88 -38.51 32.22
N SER C 192 -17.96 -39.37 31.79
CA SER C 192 -16.55 -39.02 31.82
C SER C 192 -16.25 -37.98 30.74
N TYR C 193 -15.06 -37.40 30.83
CA TYR C 193 -14.61 -36.44 29.85
C TYR C 193 -14.68 -37.01 28.44
N ALA C 194 -14.16 -38.21 28.27
CA ALA C 194 -14.07 -38.83 26.95
C ALA C 194 -15.41 -39.32 26.40
N GLU C 195 -16.38 -39.51 27.29
CA GLU C 195 -17.70 -40.04 26.89
C GLU C 195 -18.63 -38.96 26.34
N THR C 196 -18.20 -37.71 26.50
CA THR C 196 -19.08 -36.57 26.23
C THR C 196 -19.46 -36.43 24.74
N LEU C 197 -18.46 -36.48 23.86
CA LEU C 197 -18.73 -36.29 22.43
C LEU C 197 -19.71 -37.35 21.90
N LYS C 198 -19.47 -38.60 22.27
CA LYS C 198 -20.34 -39.70 21.88
C LYS C 198 -21.80 -39.41 22.25
N ALA C 199 -22.01 -38.92 23.47
CA ALA C 199 -23.36 -38.66 23.96
C ALA C 199 -24.00 -37.53 23.17
N MET C 200 -23.18 -36.56 22.81
CA MET C 200 -23.66 -35.37 22.15
C MET C 200 -24.10 -35.74 20.73
N GLN C 201 -23.26 -36.50 20.05
CA GLN C 201 -23.55 -36.87 18.67
C GLN C 201 -24.71 -37.85 18.59
N ALA C 202 -24.91 -38.64 19.64
CA ALA C 202 -26.07 -39.53 19.69
C ALA C 202 -27.34 -38.76 20.07
N GLY C 203 -27.16 -37.56 20.63
CA GLY C 203 -28.31 -36.74 21.00
C GLY C 203 -28.89 -37.03 22.38
N SER C 204 -28.19 -37.81 23.19
CA SER C 204 -28.66 -38.08 24.55
C SER C 204 -28.35 -36.92 25.52
N VAL C 205 -27.43 -36.03 25.14
CA VAL C 205 -27.24 -34.78 25.88
C VAL C 205 -27.30 -33.61 24.91
N GLN C 206 -27.85 -32.47 25.33
CA GLN C 206 -27.91 -31.31 24.44
C GLN C 206 -26.99 -30.16 24.86
N GLY C 207 -26.25 -30.35 25.94
CA GLY C 207 -25.45 -29.26 26.44
C GLY C 207 -24.43 -29.76 27.45
N THR C 208 -23.48 -28.90 27.83
CA THR C 208 -22.54 -29.25 28.89
C THR C 208 -21.98 -27.98 29.52
N GLU C 209 -21.19 -28.17 30.58
CA GLU C 209 -20.48 -27.05 31.19
C GLU C 209 -18.99 -27.40 31.15
N ASN C 210 -18.18 -26.45 30.70
CA ASN C 210 -16.75 -26.63 30.78
C ASN C 210 -16.01 -25.34 30.48
N THR C 211 -14.70 -25.36 30.74
CA THR C 211 -13.85 -24.25 30.35
C THR C 211 -13.69 -24.24 28.84
N TRP C 212 -13.29 -23.08 28.30
CA TRP C 212 -13.04 -22.97 26.86
C TRP C 212 -12.02 -24.00 26.38
N SER C 213 -10.97 -24.23 27.15
CA SER C 213 -9.98 -25.26 26.78
C SER C 213 -10.62 -26.64 26.57
N ASN C 214 -11.52 -27.04 27.47
CA ASN C 214 -12.12 -28.38 27.35
C ASN C 214 -13.25 -28.42 26.33
N LEU C 215 -14.00 -27.33 26.20
CA LEU C 215 -15.02 -27.25 25.15
C LEU C 215 -14.35 -27.41 23.79
N ALA C 216 -13.19 -26.78 23.61
CA ALA C 216 -12.41 -26.99 22.39
C ALA C 216 -11.85 -28.41 22.29
N GLY C 217 -11.30 -28.90 23.40
CA GLY C 217 -10.69 -30.22 23.42
C GLY C 217 -11.67 -31.36 23.13
N GLN C 218 -12.92 -31.18 23.53
CA GLN C 218 -13.90 -32.24 23.30
C GLN C 218 -14.42 -32.27 21.86
N LYS C 219 -14.13 -31.22 21.10
CA LYS C 219 -14.56 -31.11 19.69
C LYS C 219 -16.07 -31.24 19.53
N ILE C 220 -16.81 -30.60 20.44
CA ILE C 220 -18.25 -30.67 20.39
C ILE C 220 -18.85 -29.47 19.66
N ASP C 221 -18.03 -28.54 19.20
CA ASP C 221 -18.58 -27.31 18.62
C ASP C 221 -19.45 -27.62 17.40
N SER C 222 -19.17 -28.73 16.71
CA SER C 222 -19.99 -29.12 15.56
C SER C 222 -21.44 -29.47 15.94
N VAL C 223 -21.68 -29.84 17.19
CA VAL C 223 -23.04 -30.16 17.60
C VAL C 223 -23.52 -29.21 18.69
N GLN C 224 -22.80 -28.11 18.89
CA GLN C 224 -23.15 -27.14 19.93
C GLN C 224 -23.10 -25.72 19.37
N PRO C 225 -24.17 -25.28 18.71
CA PRO C 225 -24.16 -23.99 17.99
C PRO C 225 -23.99 -22.77 18.89
N TYR C 226 -24.24 -22.92 20.20
CA TYR C 226 -24.15 -21.77 21.09
C TYR C 226 -23.37 -22.03 22.36
N ILE C 227 -22.51 -21.11 22.70
CA ILE C 227 -21.81 -21.14 23.99
C ILE C 227 -22.09 -19.84 24.71
N THR C 228 -22.76 -19.94 25.84
CA THR C 228 -23.09 -18.77 26.67
C THR C 228 -22.00 -18.57 27.72
N GLU C 229 -21.46 -17.36 27.77
CA GLU C 229 -20.33 -17.05 28.66
C GLU C 229 -20.87 -16.69 30.04
N THR C 230 -21.17 -17.73 30.81
CA THR C 230 -21.77 -17.62 32.15
C THR C 230 -20.76 -17.48 33.28
N ASN C 231 -19.57 -18.06 33.10
CA ASN C 231 -18.58 -18.11 34.19
C ASN C 231 -19.20 -18.56 35.53
N HIS C 232 -20.00 -19.62 35.47
CA HIS C 232 -20.91 -19.94 36.58
C HIS C 232 -20.26 -20.86 37.61
N GLY C 233 -19.07 -21.38 37.30
CA GLY C 233 -18.41 -22.31 38.20
C GLY C 233 -16.95 -22.49 37.83
N ALA C 234 -16.18 -23.07 38.73
CA ALA C 234 -14.75 -23.25 38.50
C ALA C 234 -14.41 -24.67 38.13
N LEU C 235 -13.37 -24.84 37.32
CA LEU C 235 -12.80 -26.17 37.07
C LEU C 235 -11.37 -26.12 37.53
N SER C 236 -11.05 -26.94 38.53
CA SER C 236 -9.77 -26.93 39.20
C SER C 236 -9.42 -28.38 39.54
N TYR C 237 -8.12 -28.68 39.65
CA TYR C 237 -7.66 -30.04 39.95
C TYR C 237 -6.96 -30.12 41.27
N MET C 238 -6.96 -31.32 41.85
CA MET C 238 -5.99 -31.61 42.88
C MET C 238 -4.88 -32.44 42.28
N LEU C 239 -3.67 -31.92 42.34
CA LEU C 239 -2.51 -32.73 41.99
C LEU C 239 -2.32 -33.71 43.13
N ILE C 240 -2.40 -35.01 42.84
CA ILE C 240 -2.34 -36.04 43.89
C ILE C 240 -1.37 -37.18 43.59
N THR C 241 -0.87 -37.78 44.65
CA THR C 241 -0.12 -39.03 44.56
C THR C 241 -0.69 -40.00 45.60
N SER C 242 -0.08 -41.16 45.78
CA SER C 242 -0.49 -42.01 46.90
C SER C 242 0.51 -41.84 48.05
N SER C 243 0.00 -41.81 49.29
CA SER C 243 0.86 -41.62 50.46
C SER C 243 1.98 -42.65 50.52
N ALA C 244 1.64 -43.90 50.21
CA ALA C 244 2.61 -44.98 50.30
C ALA C 244 3.74 -44.75 49.32
N PHE C 245 3.42 -44.37 48.08
CA PHE C 245 4.48 -44.07 47.13
C PHE C 245 5.29 -42.86 47.53
N TRP C 246 4.63 -41.77 47.92
CA TRP C 246 5.34 -40.50 48.13
C TRP C 246 6.28 -40.54 49.34
N THR C 247 5.83 -41.17 50.43
CA THR C 247 6.67 -41.29 51.62
C THR C 247 7.88 -42.22 51.40
N GLY C 248 7.87 -43.01 50.33
CA GLY C 248 8.94 -43.96 50.08
C GLY C 248 10.14 -43.35 49.38
N ILE C 249 9.92 -42.24 48.66
CA ILE C 249 10.99 -41.50 48.01
C ILE C 249 12.00 -41.03 49.06
N PRO C 250 13.31 -41.15 48.79
CA PRO C 250 14.29 -40.66 49.76
C PRO C 250 14.15 -39.15 50.02
N TYR C 251 14.47 -38.70 51.24
CA TYR C 251 14.15 -37.33 51.69
C TYR C 251 14.59 -36.21 50.73
N GLN C 252 15.89 -36.13 50.52
CA GLN C 252 16.48 -35.25 49.53
C GLN C 252 15.88 -35.23 48.12
N THR C 253 15.62 -36.38 47.52
CA THR C 253 14.99 -36.35 46.23
C THR C 253 13.58 -35.78 46.37
N ARG C 254 12.85 -36.27 47.38
CA ARG C 254 11.48 -35.83 47.61
C ARG C 254 11.36 -34.33 47.87
N THR C 255 12.29 -33.80 48.66
CA THR C 255 12.31 -32.39 48.99
C THR C 255 12.54 -31.56 47.74
N GLU C 256 13.49 -32.00 46.91
CA GLU C 256 13.73 -31.33 45.63
C GLU C 256 12.47 -31.40 44.77
N LEU C 257 11.80 -32.56 44.78
CA LEU C 257 10.60 -32.75 43.97
C LEU C 257 9.44 -31.84 44.39
N GLU C 258 9.20 -31.73 45.70
CA GLU C 258 8.12 -30.88 46.19
C GLU C 258 8.41 -29.41 45.94
N SER C 259 9.69 -29.06 45.87
CA SER C 259 10.08 -27.70 45.50
C SER C 259 9.77 -27.46 44.03
N ILE C 260 10.01 -28.49 43.20
CA ILE C 260 9.68 -28.41 41.78
C ILE C 260 8.16 -28.33 41.60
N VAL C 261 7.41 -29.08 42.39
CA VAL C 261 5.95 -29.00 42.33
C VAL C 261 5.47 -27.57 42.61
N ASP C 262 6.06 -26.92 43.62
CA ASP C 262 5.69 -25.54 43.94
C ASP C 262 5.96 -24.57 42.81
N GLU C 263 7.11 -24.71 42.17
CA GLU C 263 7.47 -23.89 41.01
C GLU C 263 6.52 -24.12 39.84
N VAL C 264 6.28 -25.39 39.52
CA VAL C 264 5.37 -25.74 38.42
C VAL C 264 3.96 -25.24 38.70
N THR C 265 3.51 -25.45 39.93
CA THR C 265 2.17 -25.05 40.33
C THR C 265 1.92 -23.55 40.13
N LEU C 266 2.92 -22.73 40.47
CA LEU C 266 2.86 -21.27 40.24
C LEU C 266 2.68 -20.94 38.76
N VAL C 267 3.38 -21.68 37.90
CA VAL C 267 3.34 -21.41 36.46
C VAL C 267 1.97 -21.76 35.91
N VAL C 268 1.51 -22.97 36.25
CA VAL C 268 0.20 -23.44 35.85
C VAL C 268 -0.92 -22.47 36.26
N ASN C 269 -0.93 -22.05 37.50
CA ASN C 269 -2.04 -21.22 37.97
C ASN C 269 -1.99 -19.78 37.48
N LYS C 270 -0.80 -19.30 37.11
CA LYS C 270 -0.72 -17.96 36.57
C LYS C 270 -0.95 -17.92 35.06
N GLU C 271 -0.93 -19.07 34.39
CA GLU C 271 -1.07 -19.11 32.93
C GLU C 271 -2.43 -19.67 32.49
N ALA C 272 -3.18 -20.27 33.41
CA ALA C 272 -4.41 -21.01 33.04
C ALA C 272 -5.45 -20.10 32.40
N GLU C 273 -5.70 -18.95 33.00
CA GLU C 273 -6.73 -18.06 32.48
C GLU C 273 -6.39 -17.57 31.08
N ALA C 274 -5.14 -17.19 30.85
CA ALA C 274 -4.72 -16.68 29.53
C ALA C 274 -4.83 -17.79 28.47
N LEU C 275 -4.53 -19.01 28.86
CA LEU C 275 -4.65 -20.14 27.92
C LEU C 275 -6.11 -20.35 27.54
N ASN C 276 -7.01 -20.28 28.52
CA ASN C 276 -8.44 -20.41 28.23
C ASN C 276 -8.98 -19.27 27.35
N GLN C 277 -8.50 -18.05 27.54
CA GLN C 277 -8.97 -16.94 26.69
C GLN C 277 -8.50 -17.11 25.23
N LYS C 278 -7.29 -17.61 25.03
CA LYS C 278 -6.85 -17.95 23.67
C LYS C 278 -7.74 -19.02 23.04
N GLU C 279 -8.10 -20.04 23.83
CA GLU C 279 -8.96 -21.10 23.30
C GLU C 279 -10.34 -20.56 22.97
N ARG C 280 -10.82 -19.62 23.79
CA ARG C 280 -12.08 -18.94 23.48
C ARG C 280 -12.00 -18.27 22.09
N GLU C 281 -10.96 -17.47 21.87
CA GLU C 281 -10.74 -16.79 20.59
C GLU C 281 -10.74 -17.79 19.44
N HIS C 282 -9.95 -18.86 19.56
CA HIS C 282 -9.79 -19.81 18.45
C HIS C 282 -11.05 -20.63 18.19
N LEU C 283 -11.78 -20.97 19.26
N LEU C 283 -11.79 -20.95 19.25
CA LEU C 283 -13.01 -21.72 19.09
CA LEU C 283 -13.03 -21.73 19.11
C LEU C 283 -14.03 -20.88 18.32
C LEU C 283 -14.12 -20.93 18.41
N LEU C 284 -14.28 -19.68 18.83
CA LEU C 284 -15.23 -18.78 18.18
C LEU C 284 -14.81 -18.44 16.76
N ALA C 285 -13.50 -18.25 16.53
CA ALA C 285 -13.00 -18.03 15.17
C ALA C 285 -13.40 -19.13 14.19
N ALA C 286 -13.49 -20.37 14.66
CA ALA C 286 -13.88 -21.49 13.79
C ALA C 286 -15.33 -21.40 13.30
N GLY C 287 -16.18 -20.69 14.02
CA GLY C 287 -17.48 -20.33 13.49
C GLY C 287 -18.62 -21.33 13.69
N LYS C 288 -18.32 -22.47 14.29
CA LYS C 288 -19.35 -23.49 14.51
C LYS C 288 -20.21 -23.16 15.74
N SER C 289 -19.55 -22.84 16.86
CA SER C 289 -20.26 -22.34 18.04
C SER C 289 -20.24 -20.81 18.02
N ARG C 290 -21.36 -20.19 18.40
CA ARG C 290 -21.48 -18.74 18.49
C ARG C 290 -21.53 -18.30 19.95
N LEU C 291 -20.88 -17.18 20.24
CA LEU C 291 -20.83 -16.65 21.59
C LEU C 291 -22.12 -15.96 21.96
N VAL C 292 -22.70 -16.37 23.08
CA VAL C 292 -23.83 -15.65 23.67
C VAL C 292 -23.32 -14.88 24.87
N SER C 293 -23.49 -13.56 24.84
CA SER C 293 -22.92 -12.71 25.90
C SER C 293 -24.02 -12.26 26.84
N LEU C 294 -23.71 -12.22 28.13
CA LEU C 294 -24.71 -11.86 29.14
C LEU C 294 -24.57 -10.41 29.61
N SER C 295 -25.70 -9.71 29.69
CA SER C 295 -25.73 -8.38 30.29
C SER C 295 -25.51 -8.50 31.79
N ALA C 296 -25.32 -7.37 32.46
CA ALA C 296 -25.21 -7.37 33.92
C ALA C 296 -26.47 -7.95 34.56
N GLU C 297 -27.63 -7.56 34.04
CA GLU C 297 -28.91 -8.03 34.55
C GLU C 297 -29.11 -9.53 34.31
N GLU C 298 -28.65 -10.02 33.16
CA GLU C 298 -28.78 -11.44 32.87
C GLU C 298 -27.84 -12.22 33.81
N HIS C 299 -26.64 -11.70 34.01
CA HIS C 299 -25.68 -12.32 34.92
C HIS C 299 -26.27 -12.43 36.32
N GLU C 300 -26.87 -11.35 36.81
CA GLU C 300 -27.53 -11.36 38.12
C GLU C 300 -28.68 -12.37 38.19
N ALA C 301 -29.42 -12.49 37.09
CA ALA C 301 -30.51 -13.47 37.01
C ALA C 301 -29.98 -14.90 37.16
N TRP C 302 -28.88 -15.20 36.45
CA TRP C 302 -28.24 -16.50 36.56
C TRP C 302 -27.74 -16.77 37.98
N ARG C 303 -27.11 -15.78 38.56
CA ARG C 303 -26.52 -15.92 39.88
C ARG C 303 -27.60 -16.11 40.94
N ASN C 304 -28.68 -15.34 40.83
CA ASN C 304 -29.78 -15.46 41.77
C ASN C 304 -30.45 -16.83 41.69
N ALA C 305 -30.53 -17.38 40.49
CA ALA C 305 -31.14 -18.70 40.31
C ALA C 305 -30.27 -19.83 40.87
N MET C 306 -28.95 -19.63 40.89
CA MET C 306 -28.06 -20.76 41.22
C MET C 306 -27.49 -20.68 42.63
N LYS C 307 -27.30 -19.48 43.18
CA LYS C 307 -26.72 -19.38 44.52
C LYS C 307 -27.54 -19.97 45.69
N PRO C 308 -28.86 -20.17 45.53
CA PRO C 308 -29.53 -20.81 46.67
C PRO C 308 -29.04 -22.23 46.96
N LEU C 309 -28.35 -22.83 46.00
CA LEU C 309 -27.79 -24.16 46.18
C LEU C 309 -26.78 -24.20 47.34
N TRP C 310 -26.12 -23.08 47.62
CA TRP C 310 -25.08 -23.06 48.64
C TRP C 310 -25.62 -23.44 50.03
N LYS C 311 -26.86 -23.06 50.31
CA LYS C 311 -27.46 -23.29 51.62
C LYS C 311 -27.54 -24.77 51.97
N ASN C 312 -27.60 -25.62 50.95
CA ASN C 312 -27.62 -27.06 51.15
C ASN C 312 -26.33 -27.60 51.74
N TYR C 313 -25.24 -26.85 51.56
CA TYR C 313 -23.91 -27.32 51.96
C TYR C 313 -23.29 -26.45 53.04
N GLU C 314 -24.02 -25.42 53.46
CA GLU C 314 -23.47 -24.40 54.34
C GLU C 314 -23.00 -24.96 55.69
N ALA C 315 -23.78 -25.87 56.27
CA ALA C 315 -23.46 -26.40 57.61
C ALA C 315 -22.17 -27.23 57.58
N GLN C 316 -22.00 -28.02 56.52
CA GLN C 316 -20.80 -28.87 56.37
C GLN C 316 -19.56 -28.04 56.02
N ILE C 317 -19.75 -27.03 55.18
CA ILE C 317 -18.63 -26.20 54.76
C ILE C 317 -18.27 -25.19 55.83
N PRO D 27 -36.83 -21.36 -36.99
CA PRO D 27 -37.61 -20.59 -36.00
C PRO D 27 -37.07 -19.17 -35.82
N VAL D 28 -37.94 -18.28 -35.34
CA VAL D 28 -37.53 -16.97 -34.85
C VAL D 28 -36.76 -17.15 -33.54
N VAL D 29 -35.50 -16.70 -33.53
CA VAL D 29 -34.65 -16.83 -32.35
C VAL D 29 -34.76 -15.58 -31.48
N ILE D 30 -35.09 -15.77 -30.21
CA ILE D 30 -35.16 -14.65 -29.27
C ILE D 30 -34.12 -14.84 -28.15
N LYS D 31 -33.04 -14.06 -28.18
CA LYS D 31 -32.10 -14.08 -27.06
C LYS D 31 -32.57 -13.05 -26.05
N PHE D 32 -32.72 -13.48 -24.80
CA PHE D 32 -33.20 -12.67 -23.68
C PHE D 32 -32.02 -12.48 -22.73
N SER D 33 -31.49 -11.25 -22.66
CA SER D 33 -30.32 -10.98 -21.82
C SER D 33 -30.71 -10.18 -20.58
N HIS D 34 -30.09 -10.49 -19.43
CA HIS D 34 -30.28 -9.64 -18.26
C HIS D 34 -29.14 -9.84 -17.27
N VAL D 35 -29.11 -9.00 -16.24
CA VAL D 35 -27.89 -8.89 -15.44
C VAL D 35 -27.99 -9.54 -14.06
N VAL D 36 -29.12 -10.14 -13.74
CA VAL D 36 -29.26 -10.83 -12.45
C VAL D 36 -29.33 -12.34 -12.66
N SER D 37 -29.54 -13.10 -11.58
N SER D 37 -29.55 -13.09 -11.58
CA SER D 37 -29.54 -14.55 -11.70
CA SER D 37 -29.54 -14.55 -11.66
C SER D 37 -30.90 -15.11 -12.07
C SER D 37 -30.89 -15.10 -12.11
N ASP D 38 -30.96 -16.41 -12.31
CA ASP D 38 -32.20 -17.09 -12.71
C ASP D 38 -33.26 -17.08 -11.62
N ASP D 39 -32.83 -17.16 -10.36
CA ASP D 39 -33.79 -17.25 -9.25
C ASP D 39 -34.14 -15.87 -8.71
N THR D 40 -34.67 -15.03 -9.60
CA THR D 40 -35.11 -13.69 -9.26
C THR D 40 -36.47 -13.46 -9.89
N PRO D 41 -37.17 -12.36 -9.52
CA PRO D 41 -38.40 -12.05 -10.27
C PRO D 41 -38.18 -11.94 -11.78
N LYS D 42 -37.11 -11.27 -12.19
CA LYS D 42 -36.86 -11.10 -13.62
C LYS D 42 -36.38 -12.41 -14.23
N GLY D 43 -35.51 -13.10 -13.50
CA GLY D 43 -34.93 -14.35 -13.99
C GLY D 43 -35.99 -15.42 -14.22
N LYS D 44 -36.94 -15.53 -13.30
CA LYS D 44 -38.05 -16.48 -13.42
C LYS D 44 -39.01 -16.11 -14.54
N GLY D 45 -39.23 -14.82 -14.72
CA GLY D 45 -40.05 -14.33 -15.79
C GLY D 45 -39.45 -14.69 -17.14
N ALA D 46 -38.14 -14.45 -17.29
CA ALA D 46 -37.45 -14.79 -18.53
C ALA D 46 -37.53 -16.28 -18.82
N LEU D 47 -37.36 -17.10 -17.81
CA LEU D 47 -37.44 -18.56 -18.00
C LEU D 47 -38.88 -19.02 -18.29
N LEU D 48 -39.86 -18.36 -17.67
CA LEU D 48 -41.26 -18.74 -17.91
C LEU D 48 -41.65 -18.37 -19.34
N PHE D 49 -41.19 -17.21 -19.79
CA PHE D 49 -41.44 -16.76 -21.16
C PHE D 49 -40.87 -17.79 -22.13
N LYS D 50 -39.66 -18.27 -21.84
CA LYS D 50 -39.04 -19.28 -22.71
C LYS D 50 -39.87 -20.56 -22.73
N LYS D 51 -40.28 -21.02 -21.54
CA LYS D 51 -41.05 -22.25 -21.42
C LYS D 51 -42.37 -22.20 -22.20
N LEU D 52 -43.14 -21.14 -22.02
CA LEU D 52 -44.44 -21.04 -22.71
C LEU D 52 -44.29 -20.85 -24.23
N ALA D 53 -43.32 -20.04 -24.63
CA ALA D 53 -43.07 -19.77 -26.04
C ALA D 53 -42.77 -21.04 -26.82
N GLU D 54 -41.88 -21.86 -26.29
CA GLU D 54 -41.45 -23.08 -26.96
C GLU D 54 -42.50 -24.19 -26.85
N GLU D 55 -43.42 -24.06 -25.91
CA GLU D 55 -44.52 -25.01 -25.79
C GLU D 55 -45.65 -24.67 -26.75
N ARG D 56 -45.90 -23.38 -26.90
CA ARG D 56 -47.06 -22.92 -27.66
C ARG D 56 -46.69 -22.60 -29.11
N LEU D 57 -45.41 -22.37 -29.35
CA LEU D 57 -44.95 -22.10 -30.70
C LEU D 57 -43.80 -23.01 -31.11
N PRO D 58 -43.98 -24.34 -30.99
CA PRO D 58 -42.87 -25.25 -31.26
C PRO D 58 -42.46 -25.19 -32.72
N GLY D 59 -41.18 -24.93 -32.98
CA GLY D 59 -40.69 -24.87 -34.34
C GLY D 59 -40.84 -23.49 -34.97
N LYS D 60 -41.58 -22.61 -34.31
CA LYS D 60 -41.71 -21.24 -34.80
C LYS D 60 -40.84 -20.27 -34.01
N VAL D 61 -40.67 -20.54 -32.72
CA VAL D 61 -39.86 -19.68 -31.85
C VAL D 61 -38.84 -20.49 -31.05
N LYS D 62 -37.64 -19.95 -30.94
CA LYS D 62 -36.64 -20.49 -30.03
C LYS D 62 -36.21 -19.36 -29.12
N VAL D 63 -36.25 -19.60 -27.81
CA VAL D 63 -35.83 -18.57 -26.84
C VAL D 63 -34.60 -19.03 -26.06
N GLU D 64 -33.56 -18.20 -26.03
CA GLU D 64 -32.42 -18.52 -25.19
C GLU D 64 -32.24 -17.42 -24.16
N VAL D 65 -32.02 -17.81 -22.90
CA VAL D 65 -31.98 -16.86 -21.80
C VAL D 65 -30.56 -16.76 -21.25
N TYR D 66 -30.08 -15.53 -21.09
CA TYR D 66 -28.72 -15.30 -20.64
C TYR D 66 -28.72 -14.42 -19.40
N PRO D 67 -28.66 -15.05 -18.21
CA PRO D 67 -28.62 -14.29 -16.96
C PRO D 67 -27.20 -13.80 -16.66
N ASN D 68 -27.06 -13.02 -15.59
CA ASN D 68 -25.77 -12.63 -15.07
C ASN D 68 -24.85 -11.91 -16.06
N SER D 69 -25.42 -11.17 -17.01
CA SER D 69 -24.64 -10.43 -18.01
C SER D 69 -23.75 -11.34 -18.85
N THR D 70 -24.12 -12.61 -19.00
CA THR D 70 -23.31 -13.52 -19.78
C THR D 70 -23.34 -13.14 -21.26
N LEU D 71 -24.37 -12.42 -21.69
CA LEU D 71 -24.41 -11.96 -23.08
C LEU D 71 -24.07 -10.47 -23.13
N PHE D 72 -24.97 -9.65 -22.57
CA PHE D 72 -24.70 -8.21 -22.44
C PHE D 72 -24.95 -7.74 -21.01
N GLY D 73 -24.21 -6.71 -20.59
CA GLY D 73 -24.45 -6.13 -19.28
C GLY D 73 -25.16 -4.78 -19.32
N ASP D 74 -25.19 -4.10 -18.16
CA ASP D 74 -25.81 -2.78 -18.06
C ASP D 74 -25.29 -1.83 -19.14
N ALA D 75 -23.98 -1.83 -19.37
CA ALA D 75 -23.35 -0.79 -20.19
C ALA D 75 -23.51 -0.97 -21.69
N ASP D 76 -23.82 -2.18 -22.17
CA ASP D 76 -23.91 -2.36 -23.62
C ASP D 76 -25.22 -3.01 -24.11
N GLU D 77 -26.14 -3.32 -23.19
CA GLU D 77 -27.35 -4.09 -23.62
C GLU D 77 -28.26 -3.32 -24.58
N ILE D 78 -28.46 -2.01 -24.36
CA ILE D 78 -29.41 -1.26 -25.18
C ILE D 78 -28.93 -1.18 -26.63
N GLU D 79 -27.65 -0.89 -26.83
CA GLU D 79 -27.17 -0.75 -28.20
C GLU D 79 -27.12 -2.12 -28.87
N ALA D 80 -26.87 -3.16 -28.07
CA ALA D 80 -26.93 -4.52 -28.60
C ALA D 80 -28.35 -4.84 -29.06
N LEU D 81 -29.34 -4.44 -28.28
CA LEU D 81 -30.73 -4.66 -28.64
C LEU D 81 -31.10 -3.90 -29.92
N ARG D 82 -30.61 -2.68 -30.06
CA ARG D 82 -30.95 -1.87 -31.23
C ARG D 82 -30.33 -2.46 -32.48
N ALA D 83 -29.13 -3.04 -32.32
CA ALA D 83 -28.41 -3.69 -33.41
C ALA D 83 -28.88 -5.13 -33.64
N ASN D 84 -29.86 -5.57 -32.85
CA ASN D 84 -30.45 -6.92 -32.98
C ASN D 84 -29.46 -8.04 -32.69
N LYS D 85 -28.47 -7.77 -31.84
CA LYS D 85 -27.60 -8.84 -31.33
C LYS D 85 -28.27 -9.57 -30.18
N VAL D 86 -29.34 -8.98 -29.66
CA VAL D 86 -30.15 -9.55 -28.59
C VAL D 86 -31.57 -9.06 -28.89
N GLN D 87 -32.56 -9.80 -28.42
CA GLN D 87 -33.95 -9.55 -28.86
C GLN D 87 -34.86 -9.10 -27.75
N MET D 88 -34.48 -9.32 -26.50
CA MET D 88 -35.35 -8.97 -25.41
C MET D 88 -34.52 -8.64 -24.19
N LEU D 89 -34.87 -7.54 -23.52
CA LEU D 89 -34.23 -7.15 -22.27
C LEU D 89 -35.33 -6.84 -21.28
N ALA D 90 -34.97 -6.76 -20.01
CA ALA D 90 -35.88 -6.18 -19.03
C ALA D 90 -35.03 -5.31 -18.12
N THR D 91 -34.96 -4.04 -18.49
CA THR D 91 -34.05 -3.07 -17.90
C THR D 91 -34.77 -2.19 -16.89
N SER D 92 -34.09 -1.89 -15.78
CA SER D 92 -34.69 -1.04 -14.77
C SER D 92 -35.13 0.28 -15.38
N LEU D 93 -36.28 0.77 -14.92
CA LEU D 93 -36.81 2.05 -15.38
C LEU D 93 -35.90 3.21 -15.03
N SER D 94 -35.11 3.02 -13.97
CA SER D 94 -34.08 3.96 -13.54
C SER D 94 -32.92 4.14 -14.54
N LYS D 95 -32.82 3.26 -15.51
CA LYS D 95 -31.63 3.27 -16.39
C LYS D 95 -31.86 3.86 -17.78
N PHE D 96 -33.01 4.48 -18.03
CA PHE D 96 -33.34 4.93 -19.38
C PHE D 96 -33.13 6.42 -19.66
N GLU D 97 -32.55 7.15 -18.71
CA GLU D 97 -32.33 8.59 -18.91
C GLU D 97 -31.54 8.99 -20.17
N PRO D 98 -30.63 8.12 -20.66
CA PRO D 98 -30.00 8.50 -21.94
C PRO D 98 -30.95 8.53 -23.13
N TYR D 99 -32.14 7.94 -23.00
CA TYR D 99 -33.05 7.76 -24.12
C TYR D 99 -34.36 8.53 -23.96
N THR D 100 -34.75 8.75 -22.70
CA THR D 100 -35.97 9.48 -22.38
C THR D 100 -35.95 10.04 -20.97
N LYS D 101 -36.65 11.14 -20.74
CA LYS D 101 -36.85 11.64 -19.38
C LYS D 101 -38.21 11.22 -18.85
N GLN D 102 -39.00 10.55 -19.70
CA GLN D 102 -40.39 10.28 -19.35
C GLN D 102 -40.58 9.18 -18.29
N LEU D 103 -39.51 8.53 -17.86
CA LEU D 103 -39.65 7.46 -16.86
C LEU D 103 -39.12 7.86 -15.47
N GLN D 104 -38.62 9.09 -15.38
CA GLN D 104 -38.08 9.61 -14.12
C GLN D 104 -39.08 9.54 -12.99
N VAL D 105 -40.38 9.61 -13.33
CA VAL D 105 -41.44 9.54 -12.33
C VAL D 105 -41.33 8.28 -11.49
N PHE D 106 -40.88 7.18 -12.10
CA PHE D 106 -40.83 5.89 -11.39
C PHE D 106 -39.71 5.85 -10.37
N ASP D 107 -38.78 6.79 -10.45
CA ASP D 107 -37.69 6.86 -9.48
C ASP D 107 -38.01 7.69 -8.22
N LEU D 108 -39.13 8.40 -8.20
CA LEU D 108 -39.41 9.30 -7.08
C LEU D 108 -39.67 8.55 -5.76
N PRO D 109 -39.03 9.01 -4.68
CA PRO D 109 -39.13 8.35 -3.37
C PRO D 109 -40.53 8.47 -2.76
N PHE D 110 -41.02 7.36 -2.21
CA PHE D 110 -42.30 7.31 -1.50
C PHE D 110 -43.50 7.72 -2.37
N LEU D 111 -43.33 7.75 -3.68
CA LEU D 111 -44.46 8.06 -4.55
C LEU D 111 -45.45 6.89 -4.55
N PHE D 112 -44.92 5.67 -4.50
CA PHE D 112 -45.74 4.47 -4.45
C PHE D 112 -45.60 3.82 -3.09
N ASP D 113 -46.72 3.59 -2.42
CA ASP D 113 -46.72 2.96 -1.10
C ASP D 113 -46.12 1.57 -1.14
N ASP D 114 -46.53 0.78 -2.14
CA ASP D 114 -46.06 -0.59 -2.32
C ASP D 114 -46.24 -0.97 -3.78
N LEU D 115 -45.98 -2.23 -4.12
CA LEU D 115 -46.03 -2.68 -5.51
C LEU D 115 -47.43 -2.67 -6.06
N GLU D 116 -48.41 -2.83 -5.19
CA GLU D 116 -49.79 -2.77 -5.63
C GLU D 116 -50.12 -1.35 -6.08
N ALA D 117 -49.63 -0.35 -5.34
CA ALA D 117 -49.81 1.04 -5.78
C ALA D 117 -49.09 1.30 -7.11
N LEU D 118 -47.89 0.76 -7.25
CA LEU D 118 -47.15 0.88 -8.50
C LEU D 118 -47.95 0.25 -9.66
N LYS D 119 -48.44 -0.97 -9.43
CA LYS D 119 -49.21 -1.71 -10.42
C LYS D 119 -50.43 -0.93 -10.86
N ARG D 120 -51.14 -0.31 -9.91
CA ARG D 120 -52.31 0.50 -10.26
C ARG D 120 -51.91 1.69 -11.13
N PHE D 121 -50.79 2.31 -10.82
CA PHE D 121 -50.34 3.47 -11.58
C PHE D 121 -49.91 3.05 -12.99
N GLN D 122 -49.32 1.84 -13.13
CA GLN D 122 -48.83 1.37 -14.44
C GLN D 122 -49.96 1.02 -15.39
N LYS D 123 -51.15 0.81 -14.85
CA LYS D 123 -52.32 0.47 -15.65
C LYS D 123 -53.01 1.68 -16.26
N ARG D 124 -52.66 2.88 -15.77
CA ARG D 124 -53.24 4.11 -16.29
C ARG D 124 -52.85 4.28 -17.75
N ASP D 125 -53.74 4.89 -18.55
CA ASP D 125 -53.49 5.07 -19.97
C ASP D 125 -52.17 5.78 -20.26
N LYS D 126 -51.91 6.86 -19.51
CA LYS D 126 -50.70 7.63 -19.72
C LYS D 126 -49.44 6.83 -19.36
N SER D 127 -49.55 5.90 -18.42
CA SER D 127 -48.41 5.04 -18.09
C SER D 127 -48.20 3.97 -19.16
N ARG D 128 -49.29 3.43 -19.67
CA ARG D 128 -49.21 2.46 -20.78
C ARG D 128 -48.48 3.12 -21.94
N GLU D 129 -48.80 4.39 -22.16
CA GLU D 129 -48.17 5.25 -23.16
C GLU D 129 -46.66 5.39 -23.01
N LEU D 130 -46.14 5.33 -21.79
CA LEU D 130 -44.71 5.45 -21.60
C LEU D 130 -43.94 4.27 -22.18
N LEU D 131 -44.63 3.17 -22.49
CA LEU D 131 -43.94 2.02 -23.06
C LEU D 131 -43.42 2.36 -24.48
N ARG D 132 -43.96 3.43 -25.07
CA ARG D 132 -43.47 3.90 -26.35
C ARG D 132 -42.63 5.18 -26.26
N SER D 133 -42.14 5.53 -25.08
CA SER D 133 -41.41 6.78 -24.91
C SER D 133 -40.04 6.79 -25.61
N MET D 134 -39.59 5.60 -26.00
CA MET D 134 -38.27 5.46 -26.61
C MET D 134 -38.37 4.94 -28.06
N ALA D 135 -39.55 5.08 -28.66
CA ALA D 135 -39.78 4.68 -30.04
C ALA D 135 -38.85 5.42 -31.01
N LYS D 136 -38.56 6.68 -30.68
CA LYS D 136 -37.60 7.49 -31.43
C LYS D 136 -36.25 6.80 -31.59
N HIS D 137 -35.90 5.96 -30.62
CA HIS D 137 -34.59 5.32 -30.59
C HIS D 137 -34.67 3.85 -30.97
N GLY D 138 -35.80 3.44 -31.53
CA GLY D 138 -35.95 2.09 -32.03
C GLY D 138 -36.26 1.06 -30.97
N ILE D 139 -36.67 1.54 -29.79
CA ILE D 139 -36.94 0.69 -28.63
C ILE D 139 -38.44 0.53 -28.43
N TYR D 140 -38.86 -0.73 -28.34
CA TYR D 140 -40.29 -1.08 -28.23
C TYR D 140 -40.64 -1.69 -26.87
N GLY D 141 -41.39 -0.95 -26.06
CA GLY D 141 -41.79 -1.43 -24.73
C GLY D 141 -42.91 -2.45 -24.80
N LEU D 142 -42.70 -3.62 -24.21
CA LEU D 142 -43.68 -4.70 -24.25
C LEU D 142 -44.52 -4.77 -22.97
N ALA D 143 -43.89 -4.47 -21.84
CA ALA D 143 -44.57 -4.62 -20.54
C ALA D 143 -43.79 -3.99 -19.41
N TYR D 144 -44.46 -3.79 -18.29
CA TYR D 144 -43.78 -3.51 -17.02
C TYR D 144 -43.62 -4.77 -16.19
N TRP D 145 -42.40 -5.03 -15.72
CA TRP D 145 -42.12 -6.14 -14.83
C TRP D 145 -41.61 -5.59 -13.51
N ASN D 146 -42.31 -5.87 -12.43
CA ASN D 146 -41.97 -5.27 -11.15
C ASN D 146 -41.06 -6.16 -10.33
N ASN D 147 -40.16 -5.56 -9.56
CA ASN D 147 -39.33 -6.36 -8.68
C ASN D 147 -39.85 -6.23 -7.23
N GLY D 148 -39.72 -5.04 -6.67
CA GLY D 148 -40.17 -4.83 -5.31
C GLY D 148 -39.81 -3.45 -4.84
N MET D 149 -39.98 -3.21 -3.54
CA MET D 149 -39.66 -1.92 -2.96
C MET D 149 -38.21 -1.94 -2.50
N LYS D 150 -37.54 -0.81 -2.63
CA LYS D 150 -36.12 -0.74 -2.22
C LYS D 150 -35.97 -0.45 -0.74
N GLN D 151 -34.93 -1.06 -0.15
CA GLN D 151 -34.51 -0.86 1.24
C GLN D 151 -33.14 -0.21 1.26
N LEU D 152 -32.64 0.18 2.43
CA LEU D 152 -31.28 0.75 2.52
C LEU D 152 -30.33 -0.12 3.33
N SER D 153 -29.32 -0.67 2.68
CA SER D 153 -28.26 -1.37 3.40
C SER D 153 -27.17 -0.36 3.74
N ALA D 154 -26.46 -0.57 4.85
CA ALA D 154 -25.40 0.34 5.25
C ALA D 154 -24.55 -0.26 6.34
N THR D 155 -23.52 0.50 6.73
CA THR D 155 -22.66 0.13 7.82
C THR D 155 -23.20 0.62 9.16
N ARG D 156 -24.38 1.22 9.12
CA ARG D 156 -25.01 1.67 10.35
C ARG D 156 -26.52 1.54 10.23
N GLU D 157 -27.19 1.59 11.39
CA GLU D 157 -28.65 1.64 11.40
C GLU D 157 -29.09 3.00 10.92
N LEU D 158 -30.12 3.03 10.08
CA LEU D 158 -30.65 4.28 9.58
C LEU D 158 -32.07 4.55 10.07
N HIS D 159 -32.23 4.77 11.37
CA HIS D 159 -33.58 5.00 11.92
C HIS D 159 -34.19 6.29 11.40
N ARG D 160 -33.35 7.29 11.17
CA ARG D 160 -33.82 8.60 10.70
C ARG D 160 -32.96 9.08 9.53
N PRO D 161 -33.50 9.97 8.69
CA PRO D 161 -32.75 10.40 7.50
C PRO D 161 -31.37 10.96 7.84
N ASP D 162 -31.26 11.68 8.97
CA ASP D 162 -29.99 12.28 9.36
C ASP D 162 -28.89 11.26 9.60
N ASP D 163 -29.26 10.02 9.90
CA ASP D 163 -28.29 8.96 10.07
C ASP D 163 -27.54 8.67 8.77
N ALA D 164 -28.15 9.03 7.64
CA ALA D 164 -27.58 8.79 6.31
C ALA D 164 -26.54 9.83 5.90
N LYS D 165 -26.53 10.97 6.60
CA LYS D 165 -25.57 12.02 6.30
C LYS D 165 -24.16 11.52 6.45
N GLY D 166 -23.31 11.84 5.48
CA GLY D 166 -21.93 11.43 5.52
C GLY D 166 -21.61 10.08 4.90
N LEU D 167 -22.63 9.31 4.51
CA LEU D 167 -22.38 8.04 3.85
C LEU D 167 -22.48 8.21 2.32
N VAL D 168 -21.81 7.33 1.59
CA VAL D 168 -21.91 7.30 0.13
C VAL D 168 -22.66 6.03 -0.26
N PHE D 169 -23.69 6.19 -1.08
CA PHE D 169 -24.53 5.06 -1.47
C PHE D 169 -24.31 4.71 -2.91
N ARG D 170 -24.18 3.42 -3.23
CA ARG D 170 -24.26 3.02 -4.64
C ARG D 170 -25.71 3.15 -5.11
N ILE D 171 -25.89 3.71 -6.30
CA ILE D 171 -27.18 3.76 -6.96
C ILE D 171 -27.06 3.35 -8.42
N GLN D 172 -28.21 3.08 -9.00
CA GLN D 172 -28.34 2.93 -10.43
C GLN D 172 -28.07 4.30 -11.03
N PRO D 173 -27.70 4.36 -12.32
CA PRO D 173 -27.30 5.64 -12.94
C PRO D 173 -28.46 6.55 -13.29
N SER D 174 -29.14 7.03 -12.26
CA SER D 174 -30.28 7.93 -12.39
C SER D 174 -30.01 9.24 -11.66
N SER D 175 -30.19 10.35 -12.36
CA SER D 175 -30.04 11.67 -11.77
C SER D 175 -31.09 11.90 -10.70
N VAL D 176 -32.23 11.21 -10.80
CA VAL D 176 -33.27 11.32 -9.79
C VAL D 176 -32.80 10.69 -8.49
N LEU D 177 -32.25 9.49 -8.60
CA LEU D 177 -31.76 8.78 -7.42
C LEU D 177 -30.57 9.51 -6.80
N GLU D 178 -29.74 10.12 -7.62
CA GLU D 178 -28.65 10.92 -7.09
C GLU D 178 -29.20 12.11 -6.28
N ALA D 179 -30.21 12.79 -6.81
CA ALA D 179 -30.80 13.93 -6.11
C ALA D 179 -31.50 13.50 -4.82
N GLN D 180 -32.04 12.28 -4.84
CA GLN D 180 -32.68 11.69 -3.67
C GLN D 180 -31.73 11.63 -2.46
N PHE D 181 -30.52 11.14 -2.68
CA PHE D 181 -29.56 11.04 -1.58
C PHE D 181 -28.95 12.41 -1.25
N ALA D 182 -28.82 13.27 -2.26
CA ALA D 182 -28.31 14.62 -2.05
C ALA D 182 -29.16 15.37 -1.02
N MET D 183 -30.48 15.22 -1.15
CA MET D 183 -31.40 15.82 -0.20
C MET D 183 -31.20 15.36 1.23
N LEU D 184 -30.80 14.09 1.41
CA LEU D 184 -30.55 13.54 2.74
C LEU D 184 -29.26 14.10 3.32
N GLY D 185 -28.47 14.78 2.49
CA GLY D 185 -27.16 15.23 2.90
C GLY D 185 -26.16 14.10 2.79
N ALA D 186 -26.53 13.06 2.05
CA ALA D 186 -25.62 11.97 1.72
C ALA D 186 -25.14 12.19 0.31
N THR D 187 -24.31 11.30 -0.22
CA THR D 187 -23.93 11.39 -1.62
C THR D 187 -24.08 10.02 -2.26
N ALA D 188 -24.11 9.99 -3.58
CA ALA D 188 -24.39 8.72 -4.24
C ALA D 188 -23.43 8.51 -5.37
N LYS D 189 -23.03 7.27 -5.57
CA LYS D 189 -22.17 6.95 -6.71
C LYS D 189 -22.94 6.08 -7.67
N GLN D 190 -23.07 6.56 -8.91
CA GLN D 190 -23.77 5.82 -9.94
C GLN D 190 -22.85 4.73 -10.44
N LEU D 191 -23.27 3.49 -10.25
CA LEU D 191 -22.48 2.32 -10.57
C LEU D 191 -23.40 1.24 -11.09
N SER D 192 -22.85 0.31 -11.85
CA SER D 192 -23.66 -0.79 -12.35
C SER D 192 -23.99 -1.82 -11.26
N TYR D 193 -24.98 -2.67 -11.53
CA TYR D 193 -25.33 -3.74 -10.61
C TYR D 193 -24.12 -4.62 -10.32
N ALA D 194 -23.42 -5.01 -11.38
CA ALA D 194 -22.35 -5.99 -11.27
C ALA D 194 -21.13 -5.48 -10.50
N GLU D 195 -20.83 -4.19 -10.58
CA GLU D 195 -19.62 -3.66 -9.93
C GLU D 195 -19.84 -3.22 -8.48
N THR D 196 -21.07 -3.35 -7.98
CA THR D 196 -21.42 -2.81 -6.66
C THR D 196 -20.64 -3.48 -5.51
N LEU D 197 -20.57 -4.80 -5.52
CA LEU D 197 -19.93 -5.51 -4.41
C LEU D 197 -18.47 -5.09 -4.25
N LYS D 198 -17.77 -4.96 -5.38
CA LYS D 198 -16.37 -4.57 -5.38
C LYS D 198 -16.16 -3.16 -4.84
N ALA D 199 -17.08 -2.24 -5.14
CA ALA D 199 -16.99 -0.89 -4.60
C ALA D 199 -17.21 -0.90 -3.08
N MET D 200 -18.11 -1.75 -2.60
CA MET D 200 -18.30 -1.85 -1.16
C MET D 200 -17.12 -2.48 -0.46
N GLN D 201 -16.52 -3.50 -1.08
CA GLN D 201 -15.35 -4.14 -0.49
C GLN D 201 -14.18 -3.16 -0.44
N ALA D 202 -14.07 -2.34 -1.48
CA ALA D 202 -13.01 -1.34 -1.51
C ALA D 202 -13.29 -0.19 -0.53
N GLY D 203 -14.55 -0.01 -0.13
CA GLY D 203 -14.91 1.09 0.74
C GLY D 203 -15.26 2.40 0.04
N SER D 204 -15.43 2.36 -1.28
CA SER D 204 -15.78 3.58 -2.00
C SER D 204 -17.27 3.90 -1.86
N VAL D 205 -18.07 2.91 -1.48
CA VAL D 205 -19.46 3.17 -1.08
C VAL D 205 -19.71 2.46 0.26
N GLN D 206 -20.61 3.00 1.08
CA GLN D 206 -20.87 2.41 2.40
C GLN D 206 -22.31 1.94 2.56
N GLY D 207 -23.14 2.17 1.55
CA GLY D 207 -24.53 1.73 1.59
C GLY D 207 -25.04 1.57 0.18
N THR D 208 -26.25 1.05 0.02
CA THR D 208 -26.92 1.06 -1.28
C THR D 208 -28.41 0.95 -1.06
N GLU D 209 -29.19 1.13 -2.13
CA GLU D 209 -30.61 0.88 -2.05
C GLU D 209 -30.92 -0.28 -2.98
N ASN D 210 -31.69 -1.26 -2.51
CA ASN D 210 -32.17 -2.26 -3.45
C ASN D 210 -33.25 -3.13 -2.83
N THR D 211 -33.89 -3.95 -3.64
CA THR D 211 -34.90 -4.88 -3.12
C THR D 211 -34.19 -6.00 -2.40
N TRP D 212 -34.92 -6.74 -1.57
CA TRP D 212 -34.32 -7.85 -0.82
C TRP D 212 -33.64 -8.85 -1.74
N SER D 213 -34.31 -9.16 -2.86
CA SER D 213 -33.80 -10.06 -3.88
C SER D 213 -32.42 -9.64 -4.41
N ASN D 214 -32.28 -8.35 -4.72
CA ASN D 214 -31.00 -7.85 -5.25
C ASN D 214 -29.93 -7.68 -4.14
N LEU D 215 -30.35 -7.31 -2.93
CA LEU D 215 -29.39 -7.23 -1.81
C LEU D 215 -28.78 -8.61 -1.58
N ALA D 216 -29.64 -9.64 -1.57
CA ALA D 216 -29.17 -11.02 -1.50
C ALA D 216 -28.30 -11.39 -2.71
N GLY D 217 -28.78 -11.06 -3.92
CA GLY D 217 -28.06 -11.43 -5.12
C GLY D 217 -26.68 -10.80 -5.27
N GLN D 218 -26.52 -9.60 -4.71
CA GLN D 218 -25.23 -8.90 -4.80
C GLN D 218 -24.24 -9.39 -3.75
N LYS D 219 -24.72 -10.18 -2.80
CA LYS D 219 -23.88 -10.79 -1.78
C LYS D 219 -23.24 -9.71 -0.89
N ILE D 220 -23.94 -8.60 -0.71
CA ILE D 220 -23.34 -7.51 0.04
C ILE D 220 -23.49 -7.65 1.56
N ASP D 221 -24.17 -8.70 2.03
CA ASP D 221 -24.43 -8.80 3.47
C ASP D 221 -23.13 -8.95 4.28
N SER D 222 -22.09 -9.49 3.67
CA SER D 222 -20.79 -9.61 4.35
C SER D 222 -20.15 -8.24 4.65
N VAL D 223 -20.55 -7.21 3.92
CA VAL D 223 -19.97 -5.88 4.15
C VAL D 223 -20.99 -4.83 4.52
N GLN D 224 -22.23 -5.26 4.73
CA GLN D 224 -23.34 -4.40 5.15
C GLN D 224 -24.05 -4.97 6.37
N PRO D 225 -23.63 -4.55 7.57
CA PRO D 225 -24.18 -5.15 8.80
C PRO D 225 -25.64 -4.82 9.06
N TYR D 226 -26.17 -3.77 8.42
CA TYR D 226 -27.58 -3.41 8.63
C TYR D 226 -28.34 -3.18 7.34
N ILE D 227 -29.58 -3.63 7.34
CA ILE D 227 -30.51 -3.25 6.28
C ILE D 227 -31.70 -2.61 6.96
N THR D 228 -31.99 -1.36 6.61
CA THR D 228 -33.14 -0.66 7.15
C THR D 228 -34.33 -0.77 6.21
N GLU D 229 -35.44 -1.30 6.71
CA GLU D 229 -36.61 -1.54 5.88
C GLU D 229 -37.41 -0.25 5.71
N THR D 230 -36.93 0.57 4.77
CA THR D 230 -37.48 1.87 4.41
C THR D 230 -38.64 1.87 3.38
N ASN D 231 -38.64 0.88 2.48
CA ASN D 231 -39.59 0.83 1.38
C ASN D 231 -39.73 2.17 0.65
N HIS D 232 -38.60 2.83 0.43
CA HIS D 232 -38.61 4.24 0.06
C HIS D 232 -38.70 4.47 -1.45
N GLY D 233 -38.62 3.41 -2.24
CA GLY D 233 -38.69 3.59 -3.68
C GLY D 233 -38.99 2.26 -4.35
N ALA D 234 -39.36 2.31 -5.62
CA ALA D 234 -39.70 1.10 -6.35
C ALA D 234 -38.58 0.68 -7.31
N LEU D 235 -38.38 -0.63 -7.44
CA LEU D 235 -37.53 -1.18 -8.50
C LEU D 235 -38.41 -1.96 -9.48
N SER D 236 -38.46 -1.48 -10.72
CA SER D 236 -39.34 -2.04 -11.74
C SER D 236 -38.59 -2.04 -13.07
N TYR D 237 -38.94 -2.93 -13.98
CA TYR D 237 -38.30 -3.00 -15.29
C TYR D 237 -39.21 -2.65 -16.43
N MET D 238 -38.64 -2.21 -17.55
CA MET D 238 -39.42 -2.30 -18.79
C MET D 238 -38.95 -3.49 -19.60
N LEU D 239 -39.88 -4.39 -19.89
CA LEU D 239 -39.61 -5.46 -20.82
C LEU D 239 -39.57 -4.83 -22.22
N ILE D 240 -38.42 -4.90 -22.89
CA ILE D 240 -38.23 -4.21 -24.17
C ILE D 240 -37.64 -5.11 -25.24
N THR D 241 -37.94 -4.79 -26.50
CA THR D 241 -37.34 -5.42 -27.66
C THR D 241 -37.06 -4.28 -28.65
N SER D 242 -36.52 -4.58 -29.81
CA SER D 242 -36.33 -3.52 -30.81
C SER D 242 -37.52 -3.52 -31.76
N SER D 243 -37.94 -2.33 -32.16
CA SER D 243 -39.02 -2.15 -33.12
C SER D 243 -38.79 -2.95 -34.39
N ALA D 244 -37.61 -2.80 -34.99
CA ALA D 244 -37.27 -3.51 -36.23
C ALA D 244 -37.38 -5.02 -36.09
N PHE D 245 -36.90 -5.57 -34.99
CA PHE D 245 -37.02 -7.01 -34.81
C PHE D 245 -38.49 -7.41 -34.63
N TRP D 246 -39.18 -6.74 -33.72
CA TRP D 246 -40.50 -7.21 -33.33
C TRP D 246 -41.47 -7.10 -34.49
N THR D 247 -41.45 -5.98 -35.19
CA THR D 247 -42.33 -5.80 -36.36
C THR D 247 -42.01 -6.78 -37.48
N GLY D 248 -40.80 -7.31 -37.49
CA GLY D 248 -40.37 -8.23 -38.53
C GLY D 248 -40.82 -9.66 -38.32
N ILE D 249 -41.23 -9.98 -37.09
CA ILE D 249 -41.77 -11.30 -36.78
C ILE D 249 -43.08 -11.50 -37.55
N PRO D 250 -43.29 -12.70 -38.11
CA PRO D 250 -44.57 -13.02 -38.75
C PRO D 250 -45.75 -12.70 -37.82
N TYR D 251 -46.85 -12.21 -38.39
CA TYR D 251 -47.96 -11.69 -37.59
C TYR D 251 -48.54 -12.70 -36.60
N GLN D 252 -48.76 -13.93 -37.06
CA GLN D 252 -49.40 -14.94 -36.21
C GLN D 252 -48.53 -15.26 -35.00
N THR D 253 -47.23 -15.33 -35.24
CA THR D 253 -46.28 -15.64 -34.19
C THR D 253 -46.17 -14.47 -33.22
N ARG D 254 -46.13 -13.26 -33.77
CA ARG D 254 -45.99 -12.06 -32.95
C ARG D 254 -47.19 -11.91 -32.03
N THR D 255 -48.37 -12.14 -32.58
CA THR D 255 -49.61 -12.06 -31.84
C THR D 255 -49.65 -13.08 -30.70
N GLU D 256 -49.21 -14.31 -30.99
CA GLU D 256 -49.18 -15.31 -29.94
C GLU D 256 -48.13 -14.92 -28.89
N LEU D 257 -47.01 -14.39 -29.38
CA LEU D 257 -45.92 -14.00 -28.47
C LEU D 257 -46.43 -12.93 -27.53
N GLU D 258 -47.18 -11.98 -28.08
CA GLU D 258 -47.68 -10.89 -27.27
C GLU D 258 -48.67 -11.39 -26.22
N SER D 259 -49.47 -12.39 -26.59
CA SER D 259 -50.32 -13.11 -25.65
C SER D 259 -49.50 -13.73 -24.50
N ILE D 260 -48.36 -14.33 -24.83
CA ILE D 260 -47.52 -14.96 -23.83
C ILE D 260 -46.88 -13.91 -22.91
N VAL D 261 -46.48 -12.79 -23.48
CA VAL D 261 -45.92 -11.70 -22.68
C VAL D 261 -46.96 -11.19 -21.67
N ASP D 262 -48.21 -11.07 -22.09
CA ASP D 262 -49.26 -10.67 -21.17
C ASP D 262 -49.40 -11.64 -19.99
N GLU D 263 -49.32 -12.93 -20.28
CA GLU D 263 -49.52 -13.98 -19.29
C GLU D 263 -48.35 -14.08 -18.31
N VAL D 264 -47.15 -13.97 -18.86
CA VAL D 264 -45.95 -14.02 -18.04
C VAL D 264 -45.88 -12.78 -17.16
N THR D 265 -46.23 -11.63 -17.75
CA THR D 265 -46.25 -10.36 -17.02
C THR D 265 -47.16 -10.41 -15.80
N LEU D 266 -48.36 -10.95 -15.97
CA LEU D 266 -49.28 -11.14 -14.84
C LEU D 266 -48.64 -11.99 -13.73
N VAL D 267 -47.98 -13.08 -14.11
CA VAL D 267 -47.34 -13.96 -13.14
C VAL D 267 -46.20 -13.27 -12.41
N VAL D 268 -45.32 -12.62 -13.16
CA VAL D 268 -44.18 -11.90 -12.56
C VAL D 268 -44.68 -10.88 -11.54
N ASN D 269 -45.69 -10.11 -11.89
CA ASN D 269 -46.10 -9.03 -11.02
C ASN D 269 -46.90 -9.54 -9.82
N LYS D 270 -47.56 -10.69 -9.96
CA LYS D 270 -48.30 -11.28 -8.86
C LYS D 270 -47.38 -11.93 -7.83
N GLU D 271 -46.20 -12.37 -8.26
CA GLU D 271 -45.35 -13.17 -7.38
C GLU D 271 -44.16 -12.39 -6.85
N ALA D 272 -43.90 -11.21 -7.41
CA ALA D 272 -42.66 -10.47 -7.12
C ALA D 272 -42.53 -10.11 -5.64
N GLU D 273 -43.60 -9.61 -5.03
CA GLU D 273 -43.50 -9.22 -3.63
C GLU D 273 -43.23 -10.41 -2.72
N ALA D 274 -43.95 -11.50 -2.96
CA ALA D 274 -43.76 -12.73 -2.17
C ALA D 274 -42.35 -13.30 -2.32
N LEU D 275 -41.79 -13.21 -3.53
CA LEU D 275 -40.41 -13.67 -3.70
C LEU D 275 -39.44 -12.84 -2.87
N ASN D 276 -39.64 -11.53 -2.88
CA ASN D 276 -38.75 -10.65 -2.11
C ASN D 276 -38.87 -10.85 -0.61
N GLN D 277 -40.07 -11.17 -0.13
CA GLN D 277 -40.22 -11.47 1.28
C GLN D 277 -39.51 -12.77 1.66
N LYS D 278 -39.52 -13.77 0.78
CA LYS D 278 -38.73 -14.99 1.02
C LYS D 278 -37.23 -14.68 1.07
N GLU D 279 -36.77 -13.83 0.16
CA GLU D 279 -35.38 -13.41 0.20
C GLU D 279 -35.06 -12.61 1.46
N ARG D 280 -36.01 -11.80 1.94
CA ARG D 280 -35.80 -11.09 3.21
C ARG D 280 -35.53 -12.12 4.34
N GLU D 281 -36.38 -13.13 4.43
CA GLU D 281 -36.25 -14.13 5.50
C GLU D 281 -34.89 -14.80 5.46
N HIS D 282 -34.54 -15.30 4.28
CA HIS D 282 -33.29 -16.04 4.12
C HIS D 282 -32.04 -15.19 4.31
N LEU D 283 -32.08 -13.94 3.86
CA LEU D 283 -30.90 -13.06 4.01
C LEU D 283 -30.70 -12.74 5.48
N LEU D 284 -31.80 -12.41 6.17
CA LEU D 284 -31.74 -12.13 7.60
C LEU D 284 -31.37 -13.37 8.42
N ALA D 285 -31.82 -14.54 7.97
CA ALA D 285 -31.50 -15.78 8.66
C ALA D 285 -29.99 -16.03 8.68
N ALA D 286 -29.28 -15.56 7.65
CA ALA D 286 -27.85 -15.80 7.51
C ALA D 286 -27.07 -15.02 8.56
N GLY D 287 -27.70 -13.95 9.06
CA GLY D 287 -27.24 -13.27 10.25
C GLY D 287 -26.10 -12.28 10.03
N LYS D 288 -25.70 -12.09 8.78
CA LYS D 288 -24.65 -11.12 8.50
C LYS D 288 -25.21 -9.71 8.46
N SER D 289 -26.31 -9.52 7.74
CA SER D 289 -27.04 -8.27 7.81
C SER D 289 -28.17 -8.40 8.82
N ARG D 290 -28.34 -7.38 9.65
CA ARG D 290 -29.43 -7.37 10.62
C ARG D 290 -30.52 -6.37 10.23
N LEU D 291 -31.77 -6.73 10.49
CA LEU D 291 -32.91 -5.86 10.12
C LEU D 291 -33.06 -4.66 11.05
N VAL D 292 -33.13 -3.47 10.47
CA VAL D 292 -33.55 -2.27 11.19
C VAL D 292 -34.99 -1.92 10.81
N SER D 293 -35.87 -1.87 11.81
CA SER D 293 -37.28 -1.60 11.56
C SER D 293 -37.66 -0.18 11.95
N LEU D 294 -38.53 0.43 11.16
CA LEU D 294 -38.90 1.83 11.38
C LEU D 294 -40.29 1.99 12.03
N SER D 295 -40.37 2.82 13.05
CA SER D 295 -41.68 3.17 13.61
C SER D 295 -42.48 3.99 12.60
N ALA D 296 -43.78 4.18 12.89
CA ALA D 296 -44.62 5.01 12.04
C ALA D 296 -44.05 6.43 12.01
N GLU D 297 -43.57 6.90 13.16
CA GLU D 297 -43.00 8.23 13.27
C GLU D 297 -41.72 8.36 12.45
N GLU D 298 -40.84 7.36 12.55
CA GLU D 298 -39.61 7.32 11.75
C GLU D 298 -39.92 7.22 10.25
N HIS D 299 -40.91 6.42 9.89
CA HIS D 299 -41.36 6.33 8.50
C HIS D 299 -41.79 7.70 7.96
N GLU D 300 -42.57 8.43 8.77
CA GLU D 300 -43.04 9.76 8.38
C GLU D 300 -41.88 10.74 8.23
N ALA D 301 -40.88 10.64 9.11
CA ALA D 301 -39.70 11.50 9.02
C ALA D 301 -38.97 11.25 7.70
N TRP D 302 -38.77 9.97 7.36
CA TRP D 302 -38.21 9.62 6.05
C TRP D 302 -39.03 10.17 4.88
N ARG D 303 -40.34 9.93 4.92
CA ARG D 303 -41.21 10.37 3.84
C ARG D 303 -41.11 11.89 3.68
N ASN D 304 -41.18 12.61 4.80
CA ASN D 304 -41.15 14.07 4.78
C ASN D 304 -39.81 14.64 4.31
N ALA D 305 -38.74 13.91 4.58
CA ALA D 305 -37.43 14.35 4.10
C ALA D 305 -37.30 14.18 2.58
N MET D 306 -37.92 13.15 2.02
CA MET D 306 -37.68 12.81 0.61
C MET D 306 -38.76 13.29 -0.37
N LYS D 307 -39.99 13.45 0.09
CA LYS D 307 -41.08 13.92 -0.77
C LYS D 307 -40.85 15.30 -1.42
N PRO D 308 -40.09 16.21 -0.77
CA PRO D 308 -39.86 17.47 -1.50
C PRO D 308 -39.16 17.30 -2.85
N LEU D 309 -38.49 16.18 -3.09
CA LEU D 309 -37.88 15.92 -4.38
C LEU D 309 -38.91 15.96 -5.52
N TRP D 310 -40.16 15.62 -5.22
CA TRP D 310 -41.23 15.57 -6.22
C TRP D 310 -41.42 16.91 -6.91
N LYS D 311 -41.26 17.98 -6.14
CA LYS D 311 -41.43 19.34 -6.67
C LYS D 311 -40.58 19.57 -7.91
N ASN D 312 -39.32 19.13 -7.84
CA ASN D 312 -38.35 19.37 -8.93
C ASN D 312 -38.74 18.75 -10.26
N TYR D 313 -39.68 17.82 -10.22
CA TYR D 313 -40.06 17.07 -11.41
C TYR D 313 -41.52 17.27 -11.76
N GLU D 314 -42.24 18.00 -10.92
CA GLU D 314 -43.69 18.15 -11.07
C GLU D 314 -44.10 18.66 -12.45
N ALA D 315 -43.29 19.57 -13.01
CA ALA D 315 -43.57 20.14 -14.31
C ALA D 315 -42.59 19.62 -15.36
N ILE E 30 65.30 -20.42 6.88
CA ILE E 30 63.89 -20.16 7.15
C ILE E 30 63.10 -20.18 5.84
N LYS E 31 62.03 -20.97 5.80
CA LYS E 31 61.12 -20.89 4.67
C LYS E 31 60.04 -19.87 5.02
N PHE E 32 59.92 -18.87 4.15
CA PHE E 32 58.97 -17.77 4.29
C PHE E 32 57.78 -18.03 3.38
N SER E 33 56.62 -18.35 3.94
CA SER E 33 55.45 -18.56 3.10
C SER E 33 54.47 -17.39 3.21
N HIS E 34 53.88 -16.99 2.09
CA HIS E 34 52.81 -15.99 2.10
C HIS E 34 52.00 -16.02 0.80
N VAL E 35 50.83 -15.39 0.82
CA VAL E 35 49.79 -15.64 -0.18
C VAL E 35 49.77 -14.62 -1.30
N VAL E 36 50.45 -13.50 -1.11
CA VAL E 36 50.45 -12.44 -2.11
C VAL E 36 51.74 -12.57 -2.93
N SER E 37 51.97 -11.65 -3.85
CA SER E 37 53.14 -11.80 -4.73
C SER E 37 54.34 -11.05 -4.14
N ASP E 38 55.44 -11.04 -4.90
CA ASP E 38 56.67 -10.37 -4.51
C ASP E 38 56.53 -8.86 -4.56
N ASP E 39 55.58 -8.37 -5.36
CA ASP E 39 55.44 -6.94 -5.64
C ASP E 39 54.69 -6.15 -4.57
N THR E 40 54.59 -6.73 -3.37
CA THR E 40 53.71 -6.23 -2.33
C THR E 40 54.50 -5.76 -1.11
N PRO E 41 53.84 -5.04 -0.17
CA PRO E 41 54.51 -4.70 1.09
C PRO E 41 55.18 -5.90 1.75
N LYS E 42 54.42 -6.98 1.88
CA LYS E 42 54.91 -8.20 2.53
C LYS E 42 55.91 -8.96 1.67
N GLY E 43 55.62 -9.03 0.37
CA GLY E 43 56.49 -9.66 -0.59
C GLY E 43 57.89 -9.06 -0.55
N LYS E 44 57.95 -7.74 -0.44
CA LYS E 44 59.24 -7.04 -0.41
C LYS E 44 59.88 -7.11 0.97
N GLY E 45 59.06 -7.28 2.00
CA GLY E 45 59.57 -7.47 3.35
C GLY E 45 60.25 -8.82 3.46
N ALA E 46 59.60 -9.85 2.91
CA ALA E 46 60.15 -11.20 2.91
C ALA E 46 61.48 -11.25 2.14
N LEU E 47 61.48 -10.69 0.93
CA LEU E 47 62.67 -10.68 0.07
C LEU E 47 63.83 -9.86 0.66
N LEU E 48 63.51 -8.80 1.40
CA LEU E 48 64.54 -8.03 2.09
C LEU E 48 65.11 -8.84 3.25
N PHE E 49 64.23 -9.55 3.95
CA PHE E 49 64.65 -10.42 5.05
C PHE E 49 65.63 -11.49 4.57
N VAL E 63 67.38 -18.53 4.05
CA VAL E 63 66.05 -17.94 3.88
C VAL E 63 65.43 -18.30 2.53
N GLU E 64 64.33 -19.04 2.56
CA GLU E 64 63.60 -19.38 1.35
C GLU E 64 62.23 -18.70 1.35
N VAL E 65 61.98 -17.88 0.34
CA VAL E 65 60.73 -17.11 0.28
C VAL E 65 59.76 -17.74 -0.71
N TYR E 66 58.57 -18.11 -0.23
CA TYR E 66 57.54 -18.68 -1.10
C TYR E 66 56.29 -17.80 -1.18
N PRO E 67 56.23 -16.94 -2.22
CA PRO E 67 55.09 -16.07 -2.45
C PRO E 67 53.90 -16.82 -3.03
N ASN E 68 52.78 -16.12 -3.21
CA ASN E 68 51.60 -16.67 -3.92
C ASN E 68 51.13 -18.04 -3.43
N SER E 69 51.35 -18.33 -2.15
CA SER E 69 50.90 -19.58 -1.53
C SER E 69 51.54 -20.83 -2.13
N THR E 70 52.68 -20.66 -2.79
CA THR E 70 53.35 -21.78 -3.44
C THR E 70 53.79 -22.84 -2.44
N LEU E 71 53.97 -22.41 -1.19
CA LEU E 71 54.25 -23.34 -0.10
C LEU E 71 52.95 -23.74 0.59
N PHE E 72 52.23 -22.74 1.11
CA PHE E 72 50.95 -22.98 1.78
C PHE E 72 50.02 -21.78 1.58
N GLY E 73 48.72 -22.04 1.64
CA GLY E 73 47.72 -21.00 1.47
C GLY E 73 47.18 -20.46 2.78
N ASP E 74 46.14 -19.63 2.69
CA ASP E 74 45.49 -19.03 3.85
C ASP E 74 45.05 -20.07 4.87
N ALA E 75 44.29 -21.05 4.38
CA ALA E 75 43.64 -22.03 5.23
C ALA E 75 44.60 -22.82 6.11
N ASP E 76 45.73 -23.25 5.53
CA ASP E 76 46.59 -24.21 6.20
C ASP E 76 47.98 -23.68 6.55
N GLU E 77 48.20 -22.38 6.39
CA GLU E 77 49.50 -21.81 6.73
C GLU E 77 49.81 -21.81 8.24
N ILE E 78 48.84 -21.45 9.08
CA ILE E 78 49.10 -21.24 10.51
C ILE E 78 49.36 -22.56 11.26
N GLU E 79 48.62 -23.59 10.90
CA GLU E 79 48.89 -24.89 11.47
C GLU E 79 50.23 -25.41 10.95
N ALA E 80 50.53 -25.13 9.69
CA ALA E 80 51.81 -25.54 9.10
C ALA E 80 53.00 -24.90 9.84
N LEU E 81 52.84 -23.63 10.22
CA LEU E 81 53.88 -22.94 10.98
C LEU E 81 54.13 -23.59 12.34
N ARG E 82 53.03 -23.93 13.01
CA ARG E 82 53.10 -24.51 14.34
C ARG E 82 53.69 -25.92 14.31
N ALA E 83 53.51 -26.61 13.20
CA ALA E 83 54.06 -27.95 13.03
C ALA E 83 55.49 -27.91 12.48
N ASN E 84 56.01 -26.70 12.31
CA ASN E 84 57.36 -26.44 11.76
C ASN E 84 57.55 -27.00 10.35
N LYS E 85 56.50 -26.96 9.55
CA LYS E 85 56.60 -27.26 8.13
C LYS E 85 57.05 -26.00 7.41
N VAL E 86 56.84 -24.88 8.08
CA VAL E 86 57.28 -23.58 7.62
C VAL E 86 57.78 -22.84 8.86
N GLN E 87 58.62 -21.82 8.67
CA GLN E 87 59.33 -21.20 9.78
C GLN E 87 59.07 -19.70 9.93
N MET E 88 58.27 -19.14 9.03
CA MET E 88 57.98 -17.71 9.09
C MET E 88 56.81 -17.38 8.18
N LEU E 89 55.87 -16.63 8.73
CA LEU E 89 54.68 -16.16 8.04
C LEU E 89 54.54 -14.69 8.38
N ALA E 90 53.70 -13.99 7.63
CA ALA E 90 53.25 -12.67 7.99
C ALA E 90 51.75 -12.65 7.77
N THR E 91 51.00 -13.06 8.78
CA THR E 91 49.57 -13.24 8.60
C THR E 91 48.78 -12.03 9.05
N SER E 92 47.75 -11.68 8.26
CA SER E 92 46.86 -10.55 8.57
C SER E 92 46.30 -10.67 9.98
N LEU E 93 46.20 -9.54 10.66
CA LEU E 93 45.64 -9.51 12.00
C LEU E 93 44.13 -9.76 11.92
N THR E 100 43.30 -16.54 19.45
CA THR E 100 43.23 -15.42 20.39
C THR E 100 42.12 -14.42 20.03
N LYS E 101 41.72 -13.64 21.02
CA LYS E 101 40.70 -12.59 20.85
C LYS E 101 41.32 -11.23 21.10
N GLN E 102 42.63 -11.24 21.34
CA GLN E 102 43.37 -10.05 21.72
C GLN E 102 43.64 -9.11 20.54
N LEU E 103 43.56 -9.66 19.33
CA LEU E 103 43.89 -8.89 18.14
C LEU E 103 42.68 -8.20 17.50
N GLN E 104 41.49 -8.43 18.06
CA GLN E 104 40.25 -7.99 17.39
C GLN E 104 40.11 -6.47 17.27
N VAL E 105 40.91 -5.73 18.03
CA VAL E 105 40.84 -4.28 18.03
C VAL E 105 41.34 -3.73 16.69
N PHE E 106 42.28 -4.45 16.08
CA PHE E 106 42.91 -4.02 14.84
C PHE E 106 41.95 -4.01 13.65
N ASP E 107 40.88 -4.80 13.75
CA ASP E 107 39.86 -4.85 12.71
C ASP E 107 38.75 -3.81 12.90
N LEU E 108 38.81 -3.01 13.96
CA LEU E 108 37.71 -2.10 14.24
C LEU E 108 37.59 -0.97 13.20
N PRO E 109 36.35 -0.74 12.74
CA PRO E 109 35.97 0.34 11.83
C PRO E 109 36.46 1.72 12.31
N PHE E 110 37.22 2.42 11.47
CA PHE E 110 37.65 3.80 11.72
C PHE E 110 38.42 4.02 13.03
N LEU E 111 38.94 2.95 13.61
CA LEU E 111 39.73 3.07 14.83
C LEU E 111 41.02 3.85 14.60
N PHE E 112 41.53 3.79 13.38
CA PHE E 112 42.71 4.53 13.01
C PHE E 112 42.39 5.36 11.79
N ASP E 113 42.61 6.67 11.88
CA ASP E 113 42.36 7.56 10.74
C ASP E 113 43.22 7.16 9.57
N ASP E 114 44.46 6.74 9.86
CA ASP E 114 45.37 6.33 8.80
C ASP E 114 46.48 5.41 9.33
N LEU E 115 47.38 5.02 8.45
CA LEU E 115 48.44 4.08 8.81
C LEU E 115 49.35 4.66 9.89
N GLU E 116 49.46 5.99 9.91
CA GLU E 116 50.30 6.65 10.89
C GLU E 116 49.76 6.47 12.31
N ALA E 117 48.47 6.68 12.48
CA ALA E 117 47.81 6.42 13.75
C ALA E 117 47.83 4.94 14.16
N LEU E 118 47.93 4.03 13.18
CA LEU E 118 48.04 2.60 13.47
C LEU E 118 49.45 2.24 13.92
N LYS E 119 50.42 2.77 13.20
CA LYS E 119 51.80 2.72 13.66
C LYS E 119 51.85 3.33 15.11
N ARG E 120 51.04 4.34 15.42
CA ARG E 120 51.08 4.86 16.75
C ARG E 120 50.40 3.91 17.78
N PHE E 121 49.36 3.21 17.38
CA PHE E 121 48.68 2.30 18.29
C PHE E 121 49.59 1.16 18.55
N GLN E 122 50.38 0.80 17.55
CA GLN E 122 51.34 -0.28 17.71
C GLN E 122 52.50 0.15 18.64
N LYS E 123 52.50 1.41 19.10
CA LYS E 123 53.41 1.77 20.19
C LYS E 123 53.05 1.05 21.51
N SER E 133 50.46 -12.91 22.24
CA SER E 133 49.12 -13.28 22.69
C SER E 133 48.86 -14.75 22.43
N MET E 134 49.50 -15.26 21.37
CA MET E 134 49.26 -16.61 20.89
C MET E 134 50.34 -17.57 21.37
N ALA E 135 51.19 -17.08 22.27
CA ALA E 135 52.17 -17.94 22.93
C ALA E 135 51.50 -19.17 23.54
N LYS E 136 50.19 -19.07 23.73
CA LYS E 136 49.34 -20.19 24.11
C LYS E 136 49.43 -21.33 23.07
N HIS E 137 49.79 -21.04 21.83
CA HIS E 137 49.82 -22.10 20.83
C HIS E 137 51.19 -22.31 20.09
N GLY E 138 52.33 -21.97 20.72
CA GLY E 138 53.65 -22.08 20.12
C GLY E 138 53.87 -21.12 18.96
N ILE E 139 53.15 -20.01 18.97
CA ILE E 139 53.24 -19.03 17.90
C ILE E 139 53.97 -17.79 18.41
N TYR E 140 55.20 -17.59 17.93
CA TYR E 140 56.06 -16.51 18.39
C TYR E 140 55.85 -15.27 17.53
N GLY E 141 55.41 -14.18 18.17
CA GLY E 141 55.23 -12.91 17.49
C GLY E 141 56.48 -12.05 17.44
N LEU E 142 56.90 -11.71 16.23
CA LEU E 142 58.15 -10.97 16.02
C LEU E 142 57.93 -9.48 15.78
N ALA E 143 56.97 -9.12 14.93
CA ALA E 143 56.74 -7.71 14.63
C ALA E 143 55.38 -7.50 13.97
N TYR E 144 54.97 -6.23 13.89
CA TYR E 144 53.83 -5.81 13.09
C TYR E 144 54.32 -5.37 11.71
N TRP E 145 53.73 -5.93 10.67
CA TRP E 145 53.96 -5.49 9.31
C TRP E 145 52.66 -4.94 8.73
N ASN E 146 52.66 -3.64 8.42
CA ASN E 146 51.45 -2.98 7.95
C ASN E 146 51.29 -2.97 6.44
N ASN E 147 50.04 -3.06 5.99
CA ASN E 147 49.73 -2.95 4.58
C ASN E 147 49.22 -1.55 4.25
N GLY E 148 48.10 -1.15 4.86
CA GLY E 148 47.44 0.09 4.52
C GLY E 148 45.95 0.11 4.86
N MET E 149 45.20 1.07 4.29
CA MET E 149 43.81 1.29 4.69
C MET E 149 42.80 0.65 3.71
N LYS E 150 41.67 0.17 4.22
CA LYS E 150 40.72 -0.56 3.37
C LYS E 150 39.67 0.33 2.68
N GLN E 151 39.33 -0.03 1.45
CA GLN E 151 38.30 0.67 0.67
C GLN E 151 37.11 -0.26 0.41
N LEU E 152 36.11 0.21 -0.34
CA LEU E 152 34.97 -0.64 -0.69
C LEU E 152 34.78 -0.72 -2.20
N SER E 153 34.99 -1.91 -2.76
CA SER E 153 34.68 -2.16 -4.16
C SER E 153 33.28 -2.77 -4.25
N ALA E 154 32.57 -2.49 -5.34
CA ALA E 154 31.23 -3.06 -5.53
C ALA E 154 30.79 -2.98 -6.99
N THR E 155 29.66 -3.61 -7.27
CA THR E 155 29.03 -3.57 -8.58
C THR E 155 28.37 -2.21 -8.87
N ARG E 156 28.27 -1.37 -7.86
CA ARG E 156 27.72 -0.03 -8.04
C ARG E 156 28.37 1.00 -7.13
N GLU E 157 28.16 2.28 -7.45
CA GLU E 157 28.69 3.39 -6.66
C GLU E 157 28.15 3.33 -5.24
N LEU E 158 29.01 3.54 -4.25
CA LEU E 158 28.58 3.60 -2.86
C LEU E 158 28.82 5.00 -2.27
N HIS E 159 28.01 5.96 -2.71
CA HIS E 159 28.07 7.32 -2.20
C HIS E 159 27.67 7.36 -0.74
N ARG E 160 26.56 6.70 -0.44
CA ARG E 160 26.01 6.66 0.91
C ARG E 160 25.95 5.23 1.44
N PRO E 161 25.94 5.08 2.77
CA PRO E 161 25.75 3.78 3.41
C PRO E 161 24.54 3.00 2.88
N ASP E 162 23.43 3.68 2.62
CA ASP E 162 22.22 3.01 2.18
C ASP E 162 22.32 2.44 0.76
N ASP E 163 23.41 2.76 0.06
CA ASP E 163 23.64 2.22 -1.28
C ASP E 163 24.14 0.78 -1.22
N ALA E 164 24.65 0.38 -0.05
CA ALA E 164 25.26 -0.94 0.13
C ALA E 164 24.24 -2.00 0.50
N LYS E 165 23.03 -1.58 0.83
CA LYS E 165 22.00 -2.50 1.26
C LYS E 165 21.56 -3.37 0.08
N GLY E 166 21.46 -4.67 0.33
CA GLY E 166 21.12 -5.61 -0.74
C GLY E 166 22.34 -6.30 -1.33
N LEU E 167 23.53 -5.75 -1.07
CA LEU E 167 24.75 -6.38 -1.57
C LEU E 167 25.39 -7.28 -0.53
N VAL E 168 26.07 -8.33 -0.99
CA VAL E 168 26.87 -9.16 -0.12
C VAL E 168 28.38 -8.88 -0.35
N PHE E 169 29.13 -8.79 0.75
CA PHE E 169 30.53 -8.41 0.68
C PHE E 169 31.45 -9.56 1.12
N ARG E 170 32.48 -9.85 0.33
CA ARG E 170 33.53 -10.78 0.77
C ARG E 170 34.37 -10.18 1.88
N ILE E 171 34.82 -11.03 2.80
CA ILE E 171 35.71 -10.63 3.88
C ILE E 171 36.73 -11.72 4.21
N GLN E 172 37.82 -11.29 4.85
CA GLN E 172 38.69 -12.20 5.57
C GLN E 172 37.89 -12.91 6.65
N PRO E 173 38.29 -14.14 7.01
CA PRO E 173 37.46 -14.93 7.94
C PRO E 173 37.53 -14.41 9.38
N SER E 174 36.96 -13.24 9.63
CA SER E 174 37.02 -12.62 10.95
C SER E 174 35.62 -12.34 11.48
N SER E 175 35.36 -12.68 12.74
CA SER E 175 34.05 -12.45 13.36
C SER E 175 33.67 -10.96 13.36
N VAL E 176 34.65 -10.09 13.49
CA VAL E 176 34.32 -8.68 13.68
C VAL E 176 34.00 -8.01 12.34
N LEU E 177 34.60 -8.48 11.26
CA LEU E 177 34.38 -7.88 9.95
C LEU E 177 32.98 -8.21 9.43
N GLU E 178 32.45 -9.35 9.84
CA GLU E 178 31.10 -9.73 9.46
C GLU E 178 30.07 -8.83 10.14
N ALA E 179 30.33 -8.45 11.37
CA ALA E 179 29.41 -7.63 12.14
C ALA E 179 29.35 -6.20 11.60
N GLN E 180 30.51 -5.78 11.10
CA GLN E 180 30.83 -4.48 10.54
C GLN E 180 29.76 -4.21 9.45
N PHE E 181 29.67 -5.19 8.55
CA PHE E 181 28.85 -5.14 7.33
C PHE E 181 27.39 -5.47 7.61
N ALA E 182 27.17 -6.33 8.60
CA ALA E 182 25.85 -6.58 9.11
C ALA E 182 25.22 -5.27 9.55
N MET E 183 26.00 -4.45 10.26
CA MET E 183 25.55 -3.16 10.77
C MET E 183 25.00 -2.21 9.70
N LEU E 184 25.22 -2.54 8.44
CA LEU E 184 24.82 -1.66 7.34
C LEU E 184 23.56 -2.12 6.63
N GLY E 185 23.13 -3.35 6.88
CA GLY E 185 22.00 -3.92 6.18
C GLY E 185 22.50 -4.65 4.95
N ALA E 186 23.67 -5.27 5.10
CA ALA E 186 24.27 -6.06 4.03
C ALA E 186 24.52 -7.46 4.55
N THR E 187 25.35 -8.23 3.85
CA THR E 187 25.79 -9.51 4.39
C THR E 187 27.25 -9.69 4.02
N ALA E 188 27.94 -10.51 4.80
CA ALA E 188 29.33 -10.82 4.52
C ALA E 188 29.50 -12.29 4.15
N LYS E 189 30.61 -12.59 3.50
CA LYS E 189 30.99 -13.97 3.20
C LYS E 189 32.50 -14.10 3.43
N GLN E 190 32.87 -14.95 4.38
CA GLN E 190 34.27 -15.15 4.73
C GLN E 190 34.92 -16.11 3.73
N LEU E 191 36.05 -15.71 3.17
CA LEU E 191 36.71 -16.49 2.11
C LEU E 191 38.22 -16.23 2.03
N SER E 192 38.96 -17.23 1.54
CA SER E 192 40.40 -17.08 1.23
C SER E 192 40.66 -15.89 0.31
N TYR E 193 41.86 -15.31 0.41
CA TYR E 193 42.31 -14.26 -0.49
C TYR E 193 42.23 -14.78 -1.93
N ALA E 194 42.62 -16.04 -2.12
CA ALA E 194 42.61 -16.62 -3.45
C ALA E 194 41.21 -17.00 -3.91
N GLU E 195 40.24 -16.91 -3.00
CA GLU E 195 38.88 -17.39 -3.26
C GLU E 195 37.87 -16.27 -3.52
N THR E 196 38.27 -15.03 -3.23
CA THR E 196 37.37 -13.89 -3.37
C THR E 196 36.91 -13.66 -4.80
N LEU E 197 37.85 -13.68 -5.75
CA LEU E 197 37.52 -13.37 -7.13
C LEU E 197 36.51 -14.35 -7.72
N LYS E 198 36.73 -15.64 -7.43
CA LYS E 198 35.84 -16.69 -7.93
C LYS E 198 34.39 -16.45 -7.52
N ALA E 199 34.20 -16.05 -6.26
CA ALA E 199 32.86 -15.76 -5.77
C ALA E 199 32.24 -14.56 -6.47
N MET E 200 33.06 -13.56 -6.83
CA MET E 200 32.51 -12.42 -7.55
C MET E 200 32.18 -12.80 -8.98
N GLN E 201 32.98 -13.70 -9.55
CA GLN E 201 32.72 -14.21 -10.88
C GLN E 201 31.47 -15.09 -10.87
N ALA E 202 31.22 -15.75 -9.74
CA ALA E 202 30.07 -16.63 -9.60
C ALA E 202 28.81 -15.81 -9.31
N GLY E 203 29.01 -14.58 -8.83
CA GLY E 203 27.89 -13.68 -8.60
C GLY E 203 27.31 -13.86 -7.21
N SER E 204 28.00 -14.65 -6.40
CA SER E 204 27.60 -14.88 -5.03
C SER E 204 28.09 -13.75 -4.12
N VAL E 205 29.05 -12.97 -4.60
CA VAL E 205 29.54 -11.79 -3.91
C VAL E 205 29.52 -10.60 -4.85
N GLN E 206 29.09 -9.43 -4.37
CA GLN E 206 29.00 -8.25 -5.24
C GLN E 206 29.95 -7.14 -4.84
N GLY E 207 30.59 -7.27 -3.69
CA GLY E 207 31.48 -6.23 -3.22
C GLY E 207 32.45 -6.77 -2.20
N THR E 208 33.42 -5.96 -1.82
CA THR E 208 34.35 -6.36 -0.77
C THR E 208 35.06 -5.14 -0.21
N GLU E 209 35.86 -5.37 0.82
CA GLU E 209 36.71 -4.35 1.41
C GLU E 209 38.16 -4.79 1.43
N ASN E 210 39.06 -3.90 1.02
CA ASN E 210 40.49 -4.16 1.07
C ASN E 210 41.31 -2.94 0.71
N THR E 211 42.63 -3.04 0.91
CA THR E 211 43.56 -2.00 0.50
C THR E 211 43.79 -2.02 -1.01
N TRP E 212 44.33 -0.93 -1.54
CA TRP E 212 44.54 -0.86 -2.98
C TRP E 212 45.49 -1.95 -3.49
N SER E 213 46.57 -2.22 -2.76
CA SER E 213 47.50 -3.25 -3.22
C SER E 213 46.81 -4.60 -3.37
N ASN E 214 45.85 -4.88 -2.50
CA ASN E 214 45.15 -6.16 -2.54
C ASN E 214 43.92 -6.17 -3.44
N LEU E 215 43.24 -5.04 -3.53
CA LEU E 215 42.21 -4.90 -4.56
C LEU E 215 42.87 -5.16 -5.91
N ALA E 216 44.07 -4.62 -6.08
CA ALA E 216 44.89 -4.92 -7.24
C ALA E 216 45.28 -6.38 -7.28
N GLY E 217 45.82 -6.88 -6.15
CA GLY E 217 46.28 -8.25 -6.06
C GLY E 217 45.24 -9.30 -6.40
N GLN E 218 43.98 -9.06 -6.04
CA GLN E 218 42.94 -10.06 -6.24
C GLN E 218 42.42 -10.06 -7.67
N LYS E 219 42.84 -9.06 -8.47
CA LYS E 219 42.42 -8.89 -9.86
C LYS E 219 40.90 -8.75 -9.93
N ILE E 220 40.41 -7.90 -9.05
CA ILE E 220 38.99 -7.79 -8.74
C ILE E 220 38.32 -6.77 -9.65
N ASP E 221 39.14 -5.94 -10.29
CA ASP E 221 38.62 -4.77 -10.98
C ASP E 221 37.72 -5.15 -12.15
N SER E 222 37.96 -6.32 -12.74
CA SER E 222 37.18 -6.75 -13.89
C SER E 222 35.71 -7.02 -13.53
N VAL E 223 35.44 -7.30 -12.26
CA VAL E 223 34.07 -7.52 -11.81
C VAL E 223 33.58 -6.48 -10.78
N GLN E 224 34.38 -5.44 -10.55
CA GLN E 224 34.04 -4.37 -9.62
C GLN E 224 34.21 -3.00 -10.28
N PRO E 225 33.15 -2.54 -10.96
CA PRO E 225 33.16 -1.28 -11.71
C PRO E 225 33.44 -0.03 -10.86
N TYR E 226 33.25 -0.14 -9.55
CA TYR E 226 33.39 1.03 -8.70
C TYR E 226 34.11 0.73 -7.39
N ILE E 227 35.04 1.61 -7.04
CA ILE E 227 35.72 1.53 -5.75
C ILE E 227 35.53 2.85 -5.02
N THR E 228 34.84 2.79 -3.88
CA THR E 228 34.63 3.98 -3.10
C THR E 228 35.73 4.12 -2.05
N GLU E 229 36.36 5.29 -2.03
CA GLU E 229 37.50 5.52 -1.13
C GLU E 229 36.99 5.93 0.24
N THR E 230 36.75 4.91 1.05
CA THR E 230 36.19 5.02 2.39
C THR E 230 37.27 5.13 3.49
N ASN E 231 38.39 4.43 3.29
CA ASN E 231 39.45 4.31 4.30
C ASN E 231 38.98 3.78 5.65
N HIS E 232 38.01 2.87 5.64
CA HIS E 232 37.24 2.55 6.83
C HIS E 232 37.90 1.59 7.84
N GLY E 233 39.07 1.03 7.50
CA GLY E 233 39.74 0.10 8.40
C GLY E 233 41.13 -0.30 7.94
N ALA E 234 41.91 -0.92 8.81
CA ALA E 234 43.28 -1.25 8.50
C ALA E 234 43.49 -2.71 8.09
N LEU E 235 44.48 -2.92 7.24
CA LEU E 235 45.00 -4.24 6.95
C LEU E 235 46.47 -4.28 7.38
N SER E 236 46.78 -5.13 8.36
CA SER E 236 48.12 -5.24 8.93
C SER E 236 48.42 -6.71 9.19
N TYR E 237 49.69 -7.03 9.37
CA TYR E 237 50.09 -8.41 9.64
C TYR E 237 50.88 -8.51 10.95
N MET E 238 50.96 -9.71 11.50
CA MET E 238 51.91 -9.97 12.54
C MET E 238 52.95 -10.95 12.02
N LEU E 239 54.19 -10.46 11.90
CA LEU E 239 55.30 -11.30 11.46
C LEU E 239 55.50 -12.38 12.51
N ILE E 240 55.56 -13.63 12.06
CA ILE E 240 55.29 -14.73 12.97
C ILE E 240 56.11 -15.98 12.68
N THR E 241 56.49 -16.68 13.74
CA THR E 241 57.24 -17.93 13.61
C THR E 241 56.77 -18.94 14.65
N LEU E 257 69.16 -12.44 14.22
CA LEU E 257 68.02 -12.41 13.31
C LEU E 257 67.00 -11.36 13.74
N GLU E 258 66.84 -11.19 15.05
CA GLU E 258 65.88 -10.24 15.62
C GLU E 258 66.19 -8.81 15.22
N SER E 259 67.48 -8.47 15.24
CA SER E 259 67.89 -7.12 14.83
C SER E 259 67.68 -6.94 13.33
N ILE E 260 67.81 -8.03 12.56
CA ILE E 260 67.48 -7.98 11.15
C ILE E 260 65.97 -7.75 10.99
N VAL E 261 65.19 -8.33 11.91
CA VAL E 261 63.74 -8.29 11.81
C VAL E 261 63.15 -6.90 12.07
N ASP E 262 63.72 -6.15 13.01
CA ASP E 262 63.17 -4.82 13.27
C ASP E 262 63.78 -3.77 12.38
N GLU E 263 64.84 -4.14 11.66
CA GLU E 263 65.38 -3.27 10.62
C GLU E 263 64.49 -3.40 9.37
N VAL E 264 64.12 -4.62 9.04
CA VAL E 264 63.24 -4.84 7.90
C VAL E 264 61.83 -4.32 8.19
N THR E 265 61.39 -4.45 9.44
CA THR E 265 60.07 -4.01 9.87
C THR E 265 59.86 -2.50 9.68
N LEU E 266 60.87 -1.70 10.00
CA LEU E 266 60.70 -0.27 9.85
C LEU E 266 60.64 0.10 8.37
N VAL E 267 61.36 -0.62 7.52
CA VAL E 267 61.36 -0.35 6.08
C VAL E 267 59.99 -0.65 5.48
N VAL E 268 59.44 -1.82 5.82
CA VAL E 268 58.10 -2.21 5.41
C VAL E 268 57.07 -1.18 5.84
N ASN E 269 57.09 -0.82 7.12
CA ASN E 269 56.06 0.07 7.65
C ASN E 269 56.25 1.51 7.21
N LYS E 270 57.45 1.84 6.76
CA LYS E 270 57.72 3.17 6.22
C LYS E 270 57.28 3.32 4.77
N GLU E 271 57.22 2.21 4.04
CA GLU E 271 56.96 2.32 2.61
C GLU E 271 55.56 1.83 2.22
N ALA E 272 54.82 1.31 3.20
CA ALA E 272 53.54 0.66 2.95
C ALA E 272 52.49 1.60 2.37
N GLU E 273 52.35 2.80 2.95
CA GLU E 273 51.34 3.73 2.48
C GLU E 273 51.64 4.21 1.07
N ALA E 274 52.92 4.45 0.77
CA ALA E 274 53.29 4.92 -0.56
C ALA E 274 53.07 3.82 -1.60
N LEU E 275 53.32 2.58 -1.21
CA LEU E 275 53.02 1.45 -2.10
C LEU E 275 51.54 1.37 -2.42
N ASN E 276 50.67 1.52 -1.42
CA ASN E 276 49.24 1.45 -1.68
C ASN E 276 48.75 2.61 -2.51
N GLN E 277 49.38 3.78 -2.37
CA GLN E 277 48.96 4.88 -3.22
C GLN E 277 49.36 4.62 -4.67
N LYS E 278 50.53 4.04 -4.90
CA LYS E 278 50.93 3.65 -6.26
C LYS E 278 49.98 2.59 -6.80
N GLU E 279 49.54 1.67 -5.96
CA GLU E 279 48.58 0.66 -6.39
C GLU E 279 47.21 1.29 -6.67
N ARG E 280 46.84 2.32 -5.93
CA ARG E 280 45.64 3.08 -6.31
C ARG E 280 45.79 3.66 -7.72
N GLU E 281 46.91 4.34 -7.98
CA GLU E 281 47.12 4.98 -9.27
C GLU E 281 47.05 3.97 -10.40
N HIS E 282 47.80 2.88 -10.26
CA HIS E 282 47.89 1.85 -11.30
C HIS E 282 46.57 1.11 -11.52
N LEU E 283 45.86 0.77 -10.43
CA LEU E 283 44.57 0.09 -10.56
C LEU E 283 43.58 0.99 -11.31
N LEU E 284 43.47 2.24 -10.89
CA LEU E 284 42.55 3.18 -11.52
C LEU E 284 42.93 3.50 -12.96
N ALA E 285 44.22 3.47 -13.25
CA ALA E 285 44.72 3.79 -14.59
C ALA E 285 44.22 2.79 -15.60
N ALA E 286 44.11 1.54 -15.17
CA ALA E 286 43.64 0.44 -16.01
C ALA E 286 42.20 0.63 -16.48
N GLY E 287 41.44 1.44 -15.74
CA GLY E 287 40.12 1.86 -16.19
C GLY E 287 38.98 0.86 -16.05
N LYS E 288 39.24 -0.29 -15.43
CA LYS E 288 38.16 -1.25 -15.19
C LYS E 288 37.33 -0.84 -13.97
N SER E 289 38.00 -0.41 -12.92
CA SER E 289 37.35 0.17 -11.75
C SER E 289 37.46 1.70 -11.77
N ARG E 290 36.38 2.38 -11.38
CA ARG E 290 36.41 3.83 -11.29
C ARG E 290 36.28 4.29 -9.85
N LEU E 291 37.05 5.33 -9.53
CA LEU E 291 37.07 5.89 -8.20
C LEU E 291 35.78 6.66 -7.86
N VAL E 292 35.17 6.29 -6.76
CA VAL E 292 34.09 7.10 -6.19
C VAL E 292 34.63 7.81 -4.97
N SER E 293 34.60 9.14 -4.98
CA SER E 293 35.14 9.93 -3.88
C SER E 293 34.03 10.48 -3.01
N LEU E 294 34.26 10.52 -1.70
CA LEU E 294 33.24 11.00 -0.78
C LEU E 294 33.54 12.39 -0.26
N SER E 295 32.50 13.21 -0.16
CA SER E 295 32.63 14.53 0.43
C SER E 295 32.94 14.39 1.92
N ALA E 296 33.18 15.53 2.58
CA ALA E 296 33.41 15.56 4.01
C ALA E 296 32.21 15.00 4.76
N GLU E 297 31.03 15.31 4.25
CA GLU E 297 29.78 14.86 4.85
C GLU E 297 29.61 13.36 4.68
N GLU E 298 29.68 12.90 3.43
CA GLU E 298 29.50 11.49 3.10
C GLU E 298 30.42 10.60 3.93
N HIS E 299 31.64 11.09 4.20
CA HIS E 299 32.58 10.31 5.00
C HIS E 299 32.07 10.11 6.42
N GLU E 300 31.49 11.16 7.00
CA GLU E 300 30.97 11.06 8.35
C GLU E 300 29.78 10.11 8.43
N ALA E 301 29.01 10.02 7.35
CA ALA E 301 27.90 9.07 7.27
C ALA E 301 28.37 7.64 7.46
N TRP E 302 29.43 7.27 6.74
CA TRP E 302 30.04 5.96 6.90
C TRP E 302 30.61 5.80 8.31
N ARG E 303 31.30 6.82 8.80
CA ARG E 303 31.83 6.85 10.16
C ARG E 303 30.69 6.75 11.19
N ASN E 304 29.60 7.44 10.89
CA ASN E 304 28.39 7.43 11.71
C ASN E 304 27.86 5.99 11.80
N ALA E 305 27.71 5.35 10.66
CA ALA E 305 27.27 3.96 10.62
C ALA E 305 28.28 3.06 11.32
N PRO F 27 22.97 0.59 -67.80
CA PRO F 27 22.47 1.39 -66.69
C PRO F 27 23.10 2.78 -66.65
N VAL F 28 22.40 3.75 -66.08
CA VAL F 28 23.06 5.02 -65.76
C VAL F 28 23.65 4.86 -64.36
N VAL F 29 24.88 5.34 -64.20
CA VAL F 29 25.64 5.04 -63.00
C VAL F 29 25.67 6.27 -62.12
N ILE F 30 25.30 6.09 -60.85
CA ILE F 30 25.28 7.22 -59.92
C ILE F 30 26.23 6.95 -58.78
N LYS F 31 27.38 7.62 -58.81
CA LYS F 31 28.31 7.63 -57.69
C LYS F 31 27.87 8.69 -56.71
N PHE F 32 27.64 8.29 -55.46
CA PHE F 32 27.19 9.23 -54.44
C PHE F 32 28.30 9.31 -53.39
N SER F 33 28.90 10.48 -53.27
CA SER F 33 30.03 10.71 -52.38
C SER F 33 29.61 11.59 -51.22
N HIS F 34 30.00 11.22 -50.00
CA HIS F 34 29.81 12.12 -48.86
C HIS F 34 30.89 11.88 -47.80
N VAL F 35 30.95 12.80 -46.84
CA VAL F 35 32.09 12.87 -45.92
C VAL F 35 31.85 12.23 -44.55
N VAL F 36 30.64 11.72 -44.31
CA VAL F 36 30.37 11.12 -43.00
C VAL F 36 30.19 9.61 -43.15
N SER F 37 29.94 8.90 -42.04
CA SER F 37 29.85 7.44 -42.11
C SER F 37 28.44 6.94 -42.48
N ASP F 38 28.31 5.63 -42.66
CA ASP F 38 27.05 5.00 -43.10
C ASP F 38 25.92 5.11 -42.08
N ASP F 39 26.25 5.14 -40.80
CA ASP F 39 25.25 5.16 -39.74
C ASP F 39 24.96 6.60 -39.30
N THR F 40 24.50 7.41 -40.24
CA THR F 40 24.22 8.82 -40.02
C THR F 40 22.93 9.14 -40.79
N PRO F 41 22.29 10.28 -40.49
CA PRO F 41 21.13 10.62 -41.33
C PRO F 41 21.48 10.64 -42.82
N LYS F 42 22.61 11.24 -43.17
CA LYS F 42 22.96 11.35 -44.58
C LYS F 42 23.40 10.00 -45.14
N GLY F 43 24.23 9.29 -44.39
CA GLY F 43 24.73 7.99 -44.81
C GLY F 43 23.59 7.02 -45.05
N LYS F 44 22.59 7.03 -44.16
CA LYS F 44 21.43 6.15 -44.30
C LYS F 44 20.57 6.52 -45.49
N GLY F 45 20.44 7.82 -45.76
CA GLY F 45 19.64 8.26 -46.90
C GLY F 45 20.28 7.82 -48.20
N ALA F 46 21.60 8.00 -48.28
CA ALA F 46 22.38 7.52 -49.40
C ALA F 46 22.13 6.04 -49.68
N LEU F 47 22.22 5.21 -48.66
CA LEU F 47 22.03 3.77 -48.82
C LEU F 47 20.59 3.41 -49.16
N LEU F 48 19.63 4.14 -48.59
CA LEU F 48 18.22 3.88 -48.88
C LEU F 48 17.90 4.23 -50.33
N PHE F 49 18.50 5.32 -50.81
CA PHE F 49 18.30 5.76 -52.19
C PHE F 49 18.82 4.70 -53.13
N LYS F 50 20.00 4.16 -52.82
CA LYS F 50 20.59 3.07 -53.59
C LYS F 50 19.67 1.86 -53.61
N LYS F 51 19.22 1.43 -52.43
CA LYS F 51 18.34 0.27 -52.33
C LYS F 51 17.08 0.42 -53.16
N LEU F 52 16.35 1.51 -52.96
CA LEU F 52 15.05 1.65 -53.60
C LEU F 52 15.20 1.83 -55.12
N ALA F 53 16.22 2.60 -55.53
CA ALA F 53 16.46 2.82 -56.95
C ALA F 53 16.80 1.53 -57.68
N GLU F 54 17.71 0.74 -57.11
CA GLU F 54 18.12 -0.49 -57.78
C GLU F 54 16.99 -1.52 -57.72
N GLU F 55 16.21 -1.48 -56.65
CA GLU F 55 15.09 -2.41 -56.46
C GLU F 55 13.92 -2.12 -57.39
N ARG F 56 13.67 -0.83 -57.64
CA ARG F 56 12.50 -0.41 -58.41
C ARG F 56 12.82 -0.14 -59.87
N LEU F 57 14.11 0.06 -60.17
CA LEU F 57 14.54 0.29 -61.56
C LEU F 57 15.65 -0.66 -61.98
N PRO F 58 15.44 -1.99 -61.81
CA PRO F 58 16.52 -2.93 -62.09
C PRO F 58 16.95 -2.92 -63.56
N GLY F 59 18.23 -2.70 -63.81
CA GLY F 59 18.76 -2.66 -65.16
C GLY F 59 18.93 -1.25 -65.69
N LYS F 60 18.21 -0.31 -65.09
CA LYS F 60 18.17 1.07 -65.58
C LYS F 60 19.22 1.95 -64.87
N VAL F 61 19.46 1.65 -63.60
CA VAL F 61 20.31 2.52 -62.80
C VAL F 61 21.07 1.70 -61.77
N LYS F 62 22.33 2.06 -61.57
CA LYS F 62 23.10 1.51 -60.47
C LYS F 62 23.59 2.69 -59.62
N VAL F 63 23.60 2.51 -58.31
CA VAL F 63 24.05 3.56 -57.39
C VAL F 63 25.21 3.04 -56.55
N GLU F 64 26.32 3.76 -56.56
CA GLU F 64 27.45 3.39 -55.71
C GLU F 64 27.66 4.48 -54.66
N VAL F 65 27.60 4.09 -53.39
CA VAL F 65 27.71 5.02 -52.29
C VAL F 65 29.13 5.01 -51.71
N TYR F 66 29.70 6.20 -51.55
CA TYR F 66 31.06 6.35 -51.07
C TYR F 66 31.09 7.23 -49.82
N PRO F 67 30.99 6.61 -48.64
CA PRO F 67 31.02 7.33 -47.36
C PRO F 67 32.42 7.81 -46.99
N ASN F 68 32.51 8.61 -45.92
CA ASN F 68 33.78 8.92 -45.29
C ASN F 68 34.83 9.50 -46.21
N SER F 69 34.42 10.29 -47.19
CA SER F 69 35.36 10.93 -48.11
C SER F 69 36.23 9.89 -48.84
N THR F 70 35.72 8.68 -49.02
CA THR F 70 36.50 7.63 -49.70
C THR F 70 36.63 7.92 -51.20
N LEU F 71 35.80 8.82 -51.70
CA LEU F 71 35.92 9.28 -53.09
C LEU F 71 36.41 10.72 -53.09
N PHE F 72 35.53 11.64 -52.66
CA PHE F 72 35.89 13.04 -52.53
C PHE F 72 35.55 13.58 -51.14
N GLY F 73 36.28 14.60 -50.71
CA GLY F 73 36.05 15.25 -49.42
C GLY F 73 35.45 16.64 -49.58
N ASP F 74 35.29 17.35 -48.47
CA ASP F 74 34.75 18.72 -48.47
C ASP F 74 35.42 19.62 -49.50
N ALA F 75 36.75 19.58 -49.51
CA ALA F 75 37.55 20.53 -50.28
C ALA F 75 37.38 20.37 -51.79
N ASP F 76 37.11 19.16 -52.25
CA ASP F 76 37.15 18.90 -53.69
C ASP F 76 35.88 18.27 -54.28
N GLU F 77 34.87 18.01 -53.45
CA GLU F 77 33.66 17.32 -53.95
C GLU F 77 32.86 18.13 -54.98
N ILE F 78 32.73 19.44 -54.81
CA ILE F 78 31.83 20.22 -55.67
C ILE F 78 32.35 20.31 -57.10
N GLU F 79 33.65 20.57 -57.26
CA GLU F 79 34.21 20.64 -58.60
C GLU F 79 34.25 19.25 -59.22
N ALA F 80 34.41 18.21 -58.39
CA ALA F 80 34.29 16.84 -58.86
C ALA F 80 32.90 16.57 -59.45
N LEU F 81 31.86 17.06 -58.77
CA LEU F 81 30.48 16.88 -59.25
C LEU F 81 30.25 17.59 -60.57
N ARG F 82 30.72 18.83 -60.67
CA ARG F 82 30.55 19.61 -61.88
C ARG F 82 31.33 19.03 -63.06
N ALA F 83 32.40 18.28 -62.77
CA ALA F 83 33.17 17.64 -63.84
C ALA F 83 32.66 16.23 -64.11
N ASN F 84 31.56 15.88 -63.43
CA ASN F 84 30.94 14.57 -63.52
C ASN F 84 31.90 13.43 -63.18
N LYS F 85 32.75 13.65 -62.20
CA LYS F 85 33.56 12.58 -61.64
C LYS F 85 32.71 11.86 -60.61
N VAL F 86 31.72 12.57 -60.09
CA VAL F 86 30.75 12.03 -59.15
C VAL F 86 29.40 12.58 -59.60
N GLN F 87 28.30 11.93 -59.23
CA GLN F 87 27.00 12.29 -59.78
C GLN F 87 26.03 12.82 -58.73
N MET F 88 26.33 12.54 -57.47
CA MET F 88 25.44 12.97 -56.40
C MET F 88 26.23 13.29 -55.13
N LEU F 89 25.84 14.39 -54.51
CA LEU F 89 26.41 14.81 -53.23
C LEU F 89 25.26 15.24 -52.33
N ALA F 90 25.53 15.33 -51.03
CA ALA F 90 24.55 15.95 -50.14
C ALA F 90 25.34 16.85 -49.19
N THR F 91 25.47 18.10 -49.59
CA THR F 91 26.47 19.01 -49.03
C THR F 91 25.76 19.98 -48.09
N SER F 92 26.35 20.24 -46.93
CA SER F 92 25.74 21.18 -45.99
C SER F 92 25.41 22.51 -46.67
N LEU F 93 24.24 23.07 -46.39
CA LEU F 93 23.86 24.37 -46.90
C LEU F 93 24.89 25.45 -46.55
N SER F 94 25.65 25.22 -45.49
CA SER F 94 26.66 26.16 -45.01
C SER F 94 27.89 26.26 -45.91
N LYS F 95 27.99 25.38 -46.91
CA LYS F 95 29.23 25.27 -47.67
C LYS F 95 29.14 25.74 -49.13
N PHE F 96 28.08 26.47 -49.46
CA PHE F 96 27.84 26.85 -50.85
C PHE F 96 28.18 28.31 -51.20
N GLU F 97 28.74 29.06 -50.26
CA GLU F 97 29.03 30.48 -50.51
C GLU F 97 29.94 30.75 -51.72
N PRO F 98 30.81 29.80 -52.11
CA PRO F 98 31.52 30.15 -53.35
C PRO F 98 30.62 30.16 -54.59
N TYR F 99 29.39 29.67 -54.50
CA TYR F 99 28.53 29.49 -55.66
C TYR F 99 27.27 30.34 -55.59
N THR F 100 26.81 30.60 -54.37
CA THR F 100 25.66 31.47 -54.16
C THR F 100 25.63 32.04 -52.73
N LYS F 101 24.98 33.18 -52.56
CA LYS F 101 24.75 33.74 -51.25
C LYS F 101 23.32 33.48 -50.76
N GLN F 102 22.51 32.85 -51.60
CA GLN F 102 21.07 32.69 -51.35
C GLN F 102 20.71 31.62 -50.33
N LEU F 103 21.70 30.87 -49.85
CA LEU F 103 21.46 29.84 -48.84
C LEU F 103 21.95 30.26 -47.45
N GLN F 104 22.43 31.49 -47.33
CA GLN F 104 22.93 32.00 -46.06
C GLN F 104 21.87 32.04 -44.96
N VAL F 105 20.61 32.25 -45.34
CA VAL F 105 19.48 32.25 -44.39
C VAL F 105 19.43 30.98 -43.53
N PHE F 106 19.87 29.87 -44.09
CA PHE F 106 19.82 28.60 -43.39
C PHE F 106 20.85 28.49 -42.25
N ASP F 107 21.84 29.38 -42.24
CA ASP F 107 22.90 29.37 -41.21
C ASP F 107 22.55 30.25 -40.01
N LEU F 108 21.41 30.92 -40.05
CA LEU F 108 21.12 31.92 -39.03
C LEU F 108 20.75 31.24 -37.74
N PRO F 109 21.33 31.71 -36.63
CA PRO F 109 21.13 31.10 -35.32
C PRO F 109 19.75 31.36 -34.77
N PHE F 110 19.13 30.32 -34.22
CA PHE F 110 17.80 30.36 -33.62
C PHE F 110 16.66 30.79 -34.53
N LEU F 111 16.91 30.83 -35.83
CA LEU F 111 15.84 31.13 -36.79
C LEU F 111 14.81 30.00 -36.79
N PHE F 112 15.29 28.76 -36.66
CA PHE F 112 14.43 27.58 -36.59
C PHE F 112 14.50 26.98 -35.19
N ASP F 113 13.34 26.77 -34.58
CA ASP F 113 13.28 26.20 -33.24
C ASP F 113 13.77 24.77 -33.22
N ASP F 114 13.37 23.99 -34.22
CA ASP F 114 13.74 22.58 -34.30
C ASP F 114 13.62 22.16 -35.75
N LEU F 115 13.80 20.86 -36.01
CA LEU F 115 13.78 20.36 -37.38
C LEU F 115 12.41 20.52 -38.04
N GLU F 116 11.36 20.53 -37.24
CA GLU F 116 10.01 20.69 -37.77
C GLU F 116 9.82 22.10 -38.31
N ALA F 117 10.35 23.09 -37.60
CA ALA F 117 10.34 24.47 -38.09
C ALA F 117 11.17 24.59 -39.38
N LEU F 118 12.34 23.96 -39.41
CA LEU F 118 13.18 23.99 -40.61
C LEU F 118 12.43 23.36 -41.78
N LYS F 119 11.81 22.21 -41.53
CA LYS F 119 11.08 21.47 -42.54
C LYS F 119 9.94 22.31 -43.14
N ARG F 120 9.18 23.00 -42.29
CA ARG F 120 8.12 23.89 -42.78
C ARG F 120 8.67 24.99 -43.68
N PHE F 121 9.78 25.59 -43.28
CA PHE F 121 10.42 26.63 -44.07
C PHE F 121 10.87 26.11 -45.43
N GLN F 122 11.40 24.88 -45.48
CA GLN F 122 11.89 24.28 -46.71
C GLN F 122 10.79 23.98 -47.73
N LYS F 123 9.55 23.88 -47.26
CA LYS F 123 8.42 23.58 -48.14
C LYS F 123 7.85 24.82 -48.80
N ARG F 124 8.26 25.99 -48.34
CA ARG F 124 7.79 27.25 -48.92
C ARG F 124 8.24 27.39 -50.37
N ASP F 125 7.47 28.11 -51.18
CA ASP F 125 7.78 28.22 -52.59
C ASP F 125 9.16 28.82 -52.82
N LYS F 126 9.46 29.89 -52.11
CA LYS F 126 10.75 30.55 -52.29
C LYS F 126 11.92 29.68 -51.85
N SER F 127 11.68 28.78 -50.90
CA SER F 127 12.70 27.83 -50.45
C SER F 127 12.92 26.72 -51.47
N ARG F 128 11.84 26.25 -52.09
CA ARG F 128 11.93 25.32 -53.21
C ARG F 128 12.76 25.90 -54.35
N GLU F 129 12.56 27.18 -54.63
CA GLU F 129 13.31 27.90 -55.67
C GLU F 129 14.80 27.93 -55.43
N LEU F 130 15.19 27.90 -54.15
CA LEU F 130 16.61 27.93 -53.83
C LEU F 130 17.32 26.66 -54.26
N LEU F 131 16.57 25.61 -54.55
CA LEU F 131 17.20 24.39 -55.05
C LEU F 131 17.85 24.64 -56.42
N ARG F 132 17.44 25.71 -57.11
CA ARG F 132 18.10 26.01 -58.38
C ARG F 132 18.95 27.28 -58.30
N SER F 133 19.40 27.63 -57.10
CA SER F 133 20.18 28.86 -56.90
C SER F 133 21.60 28.76 -57.44
N MET F 134 22.07 27.57 -57.76
CA MET F 134 23.41 27.41 -58.32
C MET F 134 23.36 26.79 -59.71
N ALA F 135 22.21 26.91 -60.37
CA ALA F 135 22.03 26.41 -61.73
C ALA F 135 23.01 27.06 -62.71
N LYS F 136 23.31 28.33 -62.45
CA LYS F 136 24.31 29.08 -63.20
C LYS F 136 25.69 28.42 -63.19
N HIS F 137 25.94 27.55 -62.20
CA HIS F 137 27.23 26.88 -62.11
C HIS F 137 27.13 25.38 -62.39
N GLY F 138 26.04 24.97 -63.03
CA GLY F 138 25.87 23.58 -63.43
C GLY F 138 25.45 22.67 -62.30
N ILE F 139 25.08 23.28 -61.18
CA ILE F 139 24.65 22.54 -59.99
C ILE F 139 23.13 22.49 -59.92
N TYR F 140 22.59 21.27 -59.83
CA TYR F 140 21.14 21.08 -59.81
C TYR F 140 20.65 20.49 -58.50
N GLY F 141 19.86 21.24 -57.72
CA GLY F 141 19.39 20.78 -56.43
C GLY F 141 18.18 19.87 -56.52
N LEU F 142 18.17 18.77 -55.78
CA LEU F 142 17.09 17.78 -55.88
C LEU F 142 16.23 17.71 -54.63
N ALA F 143 16.81 18.05 -53.48
CA ALA F 143 16.07 17.96 -52.22
C ALA F 143 16.84 18.59 -51.07
N TYR F 144 16.13 18.86 -49.98
CA TYR F 144 16.75 19.18 -48.70
C TYR F 144 16.76 17.93 -47.85
N TRP F 145 17.91 17.60 -47.29
CA TRP F 145 18.01 16.54 -46.31
C TRP F 145 18.46 17.13 -44.98
N ASN F 146 17.69 16.89 -43.92
CA ASN F 146 18.05 17.47 -42.63
C ASN F 146 18.86 16.51 -41.74
N ASN F 147 19.82 17.07 -41.00
CA ASN F 147 20.57 16.28 -40.02
C ASN F 147 20.01 16.50 -38.62
N GLY F 148 20.10 17.73 -38.13
CA GLY F 148 19.67 18.01 -36.77
C GLY F 148 20.02 19.42 -36.34
N MET F 149 19.77 19.72 -35.08
CA MET F 149 20.06 21.03 -34.54
C MET F 149 21.49 20.99 -34.00
N LYS F 150 22.20 22.09 -34.15
CA LYS F 150 23.60 22.13 -33.69
C LYS F 150 23.71 22.43 -32.19
N GLN F 151 24.70 21.78 -31.54
CA GLN F 151 25.09 22.05 -30.15
C GLN F 151 26.50 22.65 -30.09
N LEU F 152 26.91 23.12 -28.93
CA LEU F 152 28.27 23.65 -28.74
C LEU F 152 29.14 22.78 -27.84
N SER F 153 30.17 22.15 -28.41
CA SER F 153 31.17 21.48 -27.59
C SER F 153 32.28 22.47 -27.32
N ALA F 154 32.88 22.40 -26.14
CA ALA F 154 33.96 23.32 -25.82
C ALA F 154 34.76 22.80 -24.64
N THR F 155 35.83 23.52 -24.33
CA THR F 155 36.67 23.24 -23.18
C THR F 155 36.11 23.84 -21.90
N ARG F 156 34.97 24.51 -22.00
CA ARG F 156 34.25 24.86 -20.78
C ARG F 156 32.74 24.80 -20.95
N GLU F 157 32.04 24.98 -19.84
CA GLU F 157 30.59 24.97 -19.86
C GLU F 157 30.15 26.30 -20.42
N LEU F 158 29.13 26.27 -21.27
CA LEU F 158 28.68 27.50 -21.90
C LEU F 158 27.24 27.85 -21.48
N HIS F 159 27.04 28.02 -20.17
CA HIS F 159 25.70 28.35 -19.65
C HIS F 159 25.13 29.65 -20.23
N ARG F 160 26.01 30.63 -20.44
CA ARG F 160 25.61 31.95 -20.93
C ARG F 160 26.46 32.36 -22.12
N PRO F 161 25.92 33.19 -23.02
CA PRO F 161 26.62 33.61 -24.25
C PRO F 161 27.99 34.21 -23.95
N ASP F 162 28.08 34.96 -22.85
CA ASP F 162 29.34 35.58 -22.43
C ASP F 162 30.45 34.56 -22.16
N ASP F 163 30.06 33.33 -21.84
CA ASP F 163 31.03 32.28 -21.53
C ASP F 163 31.82 31.83 -22.77
N ALA F 164 31.38 32.23 -23.96
CA ALA F 164 32.06 31.81 -25.16
C ALA F 164 33.16 32.77 -25.57
N LYS F 165 33.13 33.98 -25.02
CA LYS F 165 34.11 35.01 -25.35
C LYS F 165 35.54 34.47 -25.25
N GLY F 166 36.34 34.71 -26.28
CA GLY F 166 37.73 34.29 -26.26
C GLY F 166 38.04 32.92 -26.84
N LEU F 167 37.04 32.05 -26.88
CA LEU F 167 37.23 30.70 -27.42
C LEU F 167 37.34 30.70 -28.94
N VAL F 168 38.09 29.76 -29.48
CA VAL F 168 38.18 29.55 -30.92
C VAL F 168 37.32 28.36 -31.36
N PHE F 169 36.30 28.59 -32.19
CA PHE F 169 35.40 27.52 -32.62
C PHE F 169 35.66 27.05 -34.03
N ARG F 170 35.78 25.75 -34.26
CA ARG F 170 35.79 25.23 -35.62
C ARG F 170 34.40 25.40 -36.21
N ILE F 171 34.33 25.91 -37.44
CA ILE F 171 33.05 26.00 -38.13
C ILE F 171 33.21 25.49 -39.55
N GLN F 172 32.09 25.20 -40.20
CA GLN F 172 32.06 25.02 -41.65
C GLN F 172 32.44 26.35 -42.33
N PRO F 173 32.88 26.32 -43.61
CA PRO F 173 33.38 27.53 -44.28
C PRO F 173 32.29 28.52 -44.71
N SER F 174 31.66 29.13 -43.72
CA SER F 174 30.55 30.05 -43.93
C SER F 174 30.83 31.36 -43.26
N SER F 175 30.64 32.47 -43.97
CA SER F 175 30.84 33.80 -43.39
C SER F 175 29.78 34.11 -42.36
N VAL F 176 28.60 33.51 -42.54
CA VAL F 176 27.52 33.70 -41.59
C VAL F 176 27.86 33.06 -40.24
N LEU F 177 28.45 31.88 -40.30
CA LEU F 177 28.81 31.15 -39.10
C LEU F 177 29.99 31.84 -38.43
N GLU F 178 30.85 32.49 -39.23
CA GLU F 178 31.97 33.22 -38.63
C GLU F 178 31.45 34.44 -37.87
N ALA F 179 30.44 35.10 -38.42
CA ALA F 179 29.90 36.32 -37.80
C ALA F 179 29.06 36.00 -36.56
N GLN F 180 28.49 34.80 -36.58
CA GLN F 180 27.75 34.28 -35.44
C GLN F 180 28.62 34.25 -34.19
N PHE F 181 29.83 33.72 -34.34
CA PHE F 181 30.75 33.64 -33.22
C PHE F 181 31.45 34.97 -32.92
N ALA F 182 31.67 35.79 -33.93
CA ALA F 182 32.27 37.11 -33.70
C ALA F 182 31.35 37.97 -32.81
N MET F 183 30.05 37.81 -32.98
CA MET F 183 29.06 38.54 -32.19
C MET F 183 29.08 38.11 -30.72
N LEU F 184 29.59 36.90 -30.46
CA LEU F 184 29.73 36.41 -29.11
C LEU F 184 31.06 36.82 -28.47
N GLY F 185 31.91 37.48 -29.25
CA GLY F 185 33.22 37.85 -28.74
C GLY F 185 34.16 36.65 -28.82
N ALA F 186 33.78 35.69 -29.65
CA ALA F 186 34.62 34.53 -29.92
C ALA F 186 35.24 34.65 -31.30
N THR F 187 36.07 33.69 -31.66
CA THR F 187 36.58 33.63 -33.03
C THR F 187 36.28 32.26 -33.58
N ALA F 188 36.47 32.12 -34.89
CA ALA F 188 36.13 30.88 -35.59
C ALA F 188 37.24 30.50 -36.56
N LYS F 189 37.40 29.21 -36.79
CA LYS F 189 38.31 28.71 -37.82
C LYS F 189 37.58 27.75 -38.74
N GLN F 190 37.52 28.10 -40.01
CA GLN F 190 36.95 27.25 -41.05
C GLN F 190 37.84 26.05 -41.35
N LEU F 191 37.36 24.87 -40.98
CA LEU F 191 38.09 23.64 -41.19
C LEU F 191 37.13 22.63 -41.77
N SER F 192 37.65 21.66 -42.52
CA SER F 192 36.80 20.60 -43.05
C SER F 192 36.31 19.73 -41.91
N TYR F 193 35.27 18.95 -42.17
CA TYR F 193 34.75 18.01 -41.20
C TYR F 193 35.86 17.09 -40.70
N ALA F 194 36.68 16.61 -41.65
CA ALA F 194 37.68 15.58 -41.38
C ALA F 194 38.89 16.07 -40.56
N GLU F 195 39.10 17.37 -40.52
CA GLU F 195 40.32 17.91 -39.92
C GLU F 195 40.08 18.59 -38.59
N THR F 196 38.85 18.55 -38.13
CA THR F 196 38.47 19.19 -36.87
C THR F 196 39.19 18.57 -35.69
N LEU F 197 39.21 17.24 -35.64
CA LEU F 197 39.76 16.55 -34.47
C LEU F 197 41.23 16.88 -34.28
N LYS F 198 41.99 16.80 -35.37
CA LYS F 198 43.42 17.07 -35.33
C LYS F 198 43.69 18.46 -34.75
N ALA F 199 42.87 19.42 -35.16
CA ALA F 199 43.03 20.83 -34.80
C ALA F 199 42.74 21.05 -33.33
N MET F 200 41.76 20.32 -32.82
CA MET F 200 41.44 20.39 -31.41
C MET F 200 42.55 19.76 -30.58
N GLN F 201 43.08 18.64 -31.08
CA GLN F 201 44.16 17.96 -30.41
C GLN F 201 45.38 18.86 -30.31
N ALA F 202 45.58 19.65 -31.37
CA ALA F 202 46.74 20.52 -31.48
C ALA F 202 46.56 21.79 -30.67
N GLY F 203 45.31 22.08 -30.31
CA GLY F 203 44.98 23.25 -29.50
C GLY F 203 44.64 24.50 -30.30
N SER F 204 44.60 24.40 -31.62
CA SER F 204 44.32 25.57 -32.45
C SER F 204 42.84 25.95 -32.34
N VAL F 205 42.03 24.97 -31.98
CA VAL F 205 40.59 25.18 -31.80
C VAL F 205 40.16 24.65 -30.43
N GLN F 206 39.30 25.37 -29.72
CA GLN F 206 38.80 24.95 -28.42
C GLN F 206 37.35 24.51 -28.37
N GLY F 207 36.64 24.68 -29.46
CA GLY F 207 35.23 24.32 -29.44
C GLY F 207 34.72 24.11 -30.86
N THR F 208 33.48 23.63 -30.98
CA THR F 208 32.88 23.60 -32.31
C THR F 208 31.37 23.61 -32.15
N GLU F 209 30.66 23.68 -33.28
CA GLU F 209 29.23 23.51 -33.28
C GLU F 209 28.89 22.32 -34.19
N ASN F 210 28.01 21.43 -33.74
CA ASN F 210 27.53 20.36 -34.61
C ASN F 210 26.41 19.56 -33.99
N THR F 211 25.79 18.71 -34.78
CA THR F 211 24.73 17.84 -34.28
C THR F 211 25.36 16.76 -33.44
N TRP F 212 24.57 16.09 -32.62
CA TRP F 212 25.11 14.99 -31.82
C TRP F 212 25.75 13.92 -32.70
N SER F 213 25.10 13.60 -33.82
CA SER F 213 25.61 12.60 -34.74
C SER F 213 27.03 12.93 -35.23
N ASN F 214 27.27 14.19 -35.57
CA ASN F 214 28.60 14.59 -36.02
C ASN F 214 29.62 14.78 -34.88
N LEU F 215 29.17 15.27 -33.72
CA LEU F 215 30.12 15.38 -32.60
C LEU F 215 30.64 13.99 -32.24
N ALA F 216 29.75 13.00 -32.31
CA ALA F 216 30.14 11.61 -32.05
C ALA F 216 31.06 11.13 -33.16
N GLY F 217 30.68 11.43 -34.39
CA GLY F 217 31.40 10.96 -35.57
C GLY F 217 32.83 11.48 -35.65
N GLN F 218 33.03 12.73 -35.23
CA GLN F 218 34.37 13.34 -35.26
C GLN F 218 35.25 12.85 -34.12
N LYS F 219 34.63 12.20 -33.14
CA LYS F 219 35.34 11.61 -32.01
C LYS F 219 36.10 12.67 -31.23
N ILE F 220 35.49 13.83 -31.08
CA ILE F 220 36.14 14.91 -30.39
C ILE F 220 35.92 14.88 -28.87
N ASP F 221 35.16 13.92 -28.36
CA ASP F 221 34.85 13.91 -26.92
C ASP F 221 36.11 13.83 -26.06
N SER F 222 37.14 13.17 -26.57
CA SER F 222 38.41 13.08 -25.85
C SER F 222 39.06 14.44 -25.59
N VAL F 223 38.76 15.44 -26.42
CA VAL F 223 39.34 16.77 -26.21
C VAL F 223 38.27 17.86 -26.09
N GLN F 224 37.03 17.45 -25.83
CA GLN F 224 35.91 18.38 -25.63
C GLN F 224 35.12 17.99 -24.41
N PRO F 225 35.56 18.43 -23.23
CA PRO F 225 34.98 17.94 -21.98
C PRO F 225 33.53 18.35 -21.77
N TYR F 226 33.05 19.41 -22.41
CA TYR F 226 31.65 19.78 -22.23
C TYR F 226 30.90 19.99 -23.54
N ILE F 227 29.67 19.47 -23.60
CA ILE F 227 28.78 19.80 -24.70
C ILE F 227 27.52 20.47 -24.15
N THR F 228 27.34 21.74 -24.52
CA THR F 228 26.18 22.52 -24.08
C THR F 228 25.06 22.37 -25.10
N GLU F 229 23.93 21.90 -24.62
CA GLU F 229 22.82 21.60 -25.50
C GLU F 229 22.05 22.89 -25.78
N THR F 230 22.51 23.62 -26.80
CA THR F 230 22.00 24.95 -27.17
C THR F 230 20.92 24.96 -28.27
N ASN F 231 20.96 23.96 -29.15
CA ASN F 231 20.08 23.90 -30.32
C ASN F 231 20.04 25.22 -31.08
N HIS F 232 21.20 25.83 -31.30
CA HIS F 232 21.28 27.22 -31.74
C HIS F 232 21.20 27.41 -33.25
N GLY F 233 21.23 26.32 -34.01
CA GLY F 233 21.23 26.45 -35.46
C GLY F 233 20.99 25.09 -36.09
N ALA F 234 20.70 25.11 -37.38
CA ALA F 234 20.38 23.89 -38.09
C ALA F 234 21.55 23.39 -38.93
N LEU F 235 21.68 22.08 -39.01
CA LEU F 235 22.58 21.44 -39.95
C LEU F 235 21.72 20.72 -40.97
N SER F 236 21.79 21.16 -42.21
CA SER F 236 20.94 20.64 -43.26
C SER F 236 21.76 20.59 -44.57
N TYR F 237 21.38 19.66 -45.45
CA TYR F 237 22.07 19.47 -46.71
C TYR F 237 21.22 19.77 -47.91
N MET F 238 21.85 20.16 -49.01
CA MET F 238 21.15 20.08 -50.28
C MET F 238 21.64 18.85 -51.02
N LEU F 239 20.70 18.01 -51.41
CA LEU F 239 21.04 16.88 -52.26
C LEU F 239 21.19 17.45 -53.65
N ILE F 240 22.36 17.23 -54.25
CA ILE F 240 22.67 17.86 -55.53
C ILE F 240 23.31 16.91 -56.54
N THR F 241 23.07 17.22 -57.81
CA THR F 241 23.72 16.51 -58.90
C THR F 241 24.16 17.58 -59.88
N SER F 242 24.83 17.20 -60.96
CA SER F 242 25.13 18.17 -62.00
C SER F 242 23.95 18.19 -62.95
N SER F 243 23.65 19.36 -63.49
CA SER F 243 22.51 19.48 -64.40
C SER F 243 22.81 18.81 -65.72
N ALA F 244 24.11 18.75 -66.05
CA ALA F 244 24.55 18.10 -67.28
C ALA F 244 24.36 16.59 -67.19
N PHE F 245 24.63 16.02 -66.02
CA PHE F 245 24.42 14.58 -65.86
C PHE F 245 22.94 14.24 -65.78
N TRP F 246 22.21 14.98 -64.93
CA TRP F 246 20.82 14.66 -64.63
C TRP F 246 19.89 14.79 -65.84
N THR F 247 20.19 15.76 -66.70
CA THR F 247 19.37 15.96 -67.90
C THR F 247 19.76 14.97 -69.01
N GLY F 248 20.82 14.21 -68.77
CA GLY F 248 21.26 13.17 -69.70
C GLY F 248 20.57 11.84 -69.42
N ILE F 249 19.97 11.73 -68.24
CA ILE F 249 19.20 10.54 -67.90
C ILE F 249 17.88 10.51 -68.66
N PRO F 250 17.54 9.36 -69.29
CA PRO F 250 16.25 9.16 -69.94
C PRO F 250 15.10 9.61 -69.06
N TYR F 251 14.16 10.37 -69.64
CA TYR F 251 13.14 11.08 -68.88
C TYR F 251 12.31 10.20 -67.94
N GLN F 252 11.83 9.07 -68.45
CA GLN F 252 11.07 8.12 -67.64
C GLN F 252 11.86 7.68 -66.41
N THR F 253 13.11 7.29 -66.63
CA THR F 253 14.00 6.88 -65.55
C THR F 253 14.27 8.03 -64.59
N ARG F 254 14.44 9.21 -65.16
CA ARG F 254 14.69 10.44 -64.40
C ARG F 254 13.54 10.78 -63.44
N THR F 255 12.30 10.63 -63.91
CA THR F 255 11.15 11.04 -63.11
C THR F 255 10.85 10.07 -61.97
N GLU F 256 11.08 8.79 -62.20
CA GLU F 256 10.97 7.80 -61.12
C GLU F 256 12.02 8.08 -60.04
N LEU F 257 13.25 8.31 -60.47
CA LEU F 257 14.34 8.62 -59.55
C LEU F 257 13.99 9.83 -58.70
N GLU F 258 13.47 10.87 -59.33
CA GLU F 258 13.10 12.07 -58.60
C GLU F 258 12.00 11.76 -57.60
N SER F 259 11.13 10.83 -57.97
CA SER F 259 10.08 10.36 -57.08
C SER F 259 10.67 9.53 -55.93
N ILE F 260 11.65 8.69 -56.24
CA ILE F 260 12.37 7.95 -55.21
C ILE F 260 13.10 8.93 -54.28
N VAL F 261 13.69 9.97 -54.86
CA VAL F 261 14.36 10.97 -54.04
C VAL F 261 13.39 11.59 -53.04
N ASP F 262 12.19 11.95 -53.49
CA ASP F 262 11.23 12.56 -52.58
C ASP F 262 10.80 11.58 -51.47
N GLU F 263 10.75 10.29 -51.80
CA GLU F 263 10.43 9.24 -50.83
C GLU F 263 11.50 9.12 -49.74
N VAL F 264 12.75 9.04 -50.17
CA VAL F 264 13.89 8.92 -49.27
C VAL F 264 14.02 10.14 -48.39
N THR F 265 13.78 11.31 -48.98
CA THR F 265 13.85 12.57 -48.24
C THR F 265 12.92 12.52 -47.06
N LEU F 266 11.70 12.05 -47.30
CA LEU F 266 10.70 11.88 -46.24
C LEU F 266 11.23 11.00 -45.13
N VAL F 267 11.89 9.90 -45.49
CA VAL F 267 12.47 8.97 -44.53
C VAL F 267 13.65 9.60 -43.77
N VAL F 268 14.55 10.25 -44.50
CA VAL F 268 15.68 10.92 -43.88
C VAL F 268 15.23 11.93 -42.82
N ASN F 269 14.28 12.78 -43.20
CA ASN F 269 13.87 13.89 -42.36
C ASN F 269 13.06 13.48 -41.14
N LYS F 270 12.34 12.36 -41.22
CA LYS F 270 11.51 11.97 -40.10
C LYS F 270 12.26 11.08 -39.12
N GLU F 271 13.43 10.59 -39.54
CA GLU F 271 14.27 9.75 -38.68
C GLU F 271 15.54 10.43 -38.17
N ALA F 272 15.83 11.63 -38.67
CA ALA F 272 17.11 12.27 -38.35
C ALA F 272 17.17 12.61 -36.86
N GLU F 273 16.06 13.12 -36.32
CA GLU F 273 16.08 13.57 -34.93
C GLU F 273 16.31 12.38 -34.01
N ALA F 274 15.65 11.26 -34.28
CA ALA F 274 15.79 10.08 -33.44
C ALA F 274 17.22 9.51 -33.47
N LEU F 275 17.85 9.57 -34.64
CA LEU F 275 19.21 9.10 -34.77
C LEU F 275 20.15 9.98 -33.93
N ASN F 276 19.93 11.28 -33.96
CA ASN F 276 20.75 12.21 -33.18
C ASN F 276 20.55 12.06 -31.68
N GLN F 277 19.33 11.76 -31.26
CA GLN F 277 19.08 11.53 -29.84
C GLN F 277 19.78 10.26 -29.37
N LYS F 278 19.80 9.23 -30.21
CA LYS F 278 20.56 8.01 -29.89
C LYS F 278 22.07 8.29 -29.78
N GLU F 279 22.60 9.12 -30.67
CA GLU F 279 24.03 9.42 -30.62
C GLU F 279 24.35 10.27 -29.39
N ARG F 280 23.42 11.13 -29.01
CA ARG F 280 23.58 11.88 -27.77
C ARG F 280 23.74 10.92 -26.62
N GLU F 281 22.81 9.97 -26.53
CA GLU F 281 22.90 8.97 -25.44
C GLU F 281 24.25 8.28 -25.40
N HIS F 282 24.67 7.74 -26.54
CA HIS F 282 25.90 6.93 -26.55
C HIS F 282 27.17 7.76 -26.29
N LEU F 283 27.14 9.03 -26.72
CA LEU F 283 28.28 9.91 -26.54
C LEU F 283 28.43 10.26 -25.08
N LEU F 284 27.34 10.68 -24.46
CA LEU F 284 27.34 10.99 -23.04
C LEU F 284 27.67 9.76 -22.19
N ALA F 285 27.24 8.58 -22.62
CA ALA F 285 27.51 7.35 -21.88
C ALA F 285 29.00 6.98 -21.87
N ALA F 286 29.72 7.37 -22.92
CA ALA F 286 31.16 7.10 -23.00
C ALA F 286 31.92 7.90 -21.93
N GLY F 287 31.28 8.94 -21.39
CA GLY F 287 31.80 9.61 -20.22
C GLY F 287 32.95 10.59 -20.38
N LYS F 288 33.32 10.92 -21.62
CA LYS F 288 34.38 11.88 -21.84
C LYS F 288 33.84 13.30 -21.92
N SER F 289 32.78 13.46 -22.71
CA SER F 289 32.04 14.72 -22.77
C SER F 289 30.89 14.70 -21.79
N ARG F 290 30.72 15.80 -21.07
CA ARG F 290 29.58 15.95 -20.16
C ARG F 290 28.54 16.89 -20.74
N LEU F 291 27.27 16.54 -20.57
CA LEU F 291 26.15 17.41 -20.97
C LEU F 291 25.98 18.61 -20.06
N VAL F 292 25.94 19.79 -20.66
CA VAL F 292 25.55 21.00 -19.97
C VAL F 292 24.15 21.37 -20.43
N SER F 293 23.20 21.39 -19.49
CA SER F 293 21.81 21.70 -19.80
C SER F 293 21.43 23.14 -19.48
N LEU F 294 20.65 23.74 -20.38
CA LEU F 294 20.24 25.14 -20.24
C LEU F 294 18.83 25.29 -19.68
N SER F 295 18.69 26.20 -18.73
CA SER F 295 17.38 26.59 -18.21
C SER F 295 16.65 27.39 -19.28
N ALA F 296 15.34 27.58 -19.12
CA ALA F 296 14.57 28.41 -20.05
C ALA F 296 15.20 29.82 -20.12
N GLU F 297 15.55 30.37 -18.97
CA GLU F 297 16.16 31.70 -18.92
C GLU F 297 17.50 31.76 -19.66
N GLU F 298 18.33 30.73 -19.52
CA GLU F 298 19.61 30.67 -20.23
C GLU F 298 19.38 30.53 -21.73
N HIS F 299 18.43 29.70 -22.13
CA HIS F 299 18.12 29.56 -23.54
C HIS F 299 17.73 30.91 -24.14
N GLU F 300 16.91 31.66 -23.43
CA GLU F 300 16.44 32.96 -23.89
C GLU F 300 17.61 33.92 -23.99
N ALA F 301 18.54 33.82 -23.04
CA ALA F 301 19.73 34.68 -23.06
C ALA F 301 20.56 34.39 -24.31
N TRP F 302 20.74 33.12 -24.64
CA TRP F 302 21.46 32.74 -25.85
C TRP F 302 20.79 33.26 -27.12
N ARG F 303 19.46 33.10 -27.18
CA ARG F 303 18.68 33.53 -28.33
C ARG F 303 18.75 35.04 -28.48
N ASN F 304 18.66 35.74 -27.36
CA ASN F 304 18.70 37.19 -27.38
C ASN F 304 20.07 37.71 -27.81
N ALA F 305 21.12 36.94 -27.53
CA ALA F 305 22.46 37.36 -27.94
C ALA F 305 22.74 37.10 -29.42
N MET F 306 22.06 36.13 -30.02
CA MET F 306 22.43 35.70 -31.37
C MET F 306 21.46 36.17 -32.45
N LYS F 307 20.21 36.43 -32.08
CA LYS F 307 19.24 36.92 -33.06
C LYS F 307 19.52 38.33 -33.63
N PRO F 308 20.40 39.14 -33.01
CA PRO F 308 20.63 40.38 -33.77
C PRO F 308 21.34 40.16 -35.11
N LEU F 309 21.95 38.99 -35.30
CA LEU F 309 22.65 38.70 -36.56
C LEU F 309 21.70 38.65 -37.75
N TRP F 310 20.42 38.38 -37.49
CA TRP F 310 19.41 38.31 -38.55
C TRP F 310 19.33 39.58 -39.39
N LYS F 311 19.54 40.72 -38.74
CA LYS F 311 19.41 42.02 -39.40
C LYS F 311 20.41 42.18 -40.55
N ASN F 312 21.65 41.78 -40.34
CA ASN F 312 22.70 41.91 -41.35
C ASN F 312 22.36 41.24 -42.68
N TYR F 313 21.37 40.34 -42.64
CA TYR F 313 20.99 39.53 -43.79
C TYR F 313 19.57 39.83 -44.22
N GLU F 314 18.86 40.56 -43.36
CA GLU F 314 17.44 40.89 -43.59
C GLU F 314 17.23 41.69 -44.87
N PRO G 27 -26.10 24.52 -26.23
CA PRO G 27 -24.95 23.70 -26.65
C PRO G 27 -24.83 22.40 -25.86
N VAL G 28 -24.33 21.35 -26.47
CA VAL G 28 -23.98 20.17 -25.71
C VAL G 28 -22.66 20.44 -25.00
N VAL G 29 -22.61 20.15 -23.73
CA VAL G 29 -21.44 20.47 -22.92
C VAL G 29 -20.49 19.28 -22.89
N ILE G 30 -19.24 19.51 -23.30
CA ILE G 30 -18.22 18.48 -23.16
C ILE G 30 -17.23 18.88 -22.07
N LYS G 31 -17.29 18.18 -20.94
CA LYS G 31 -16.26 18.37 -19.92
C LYS G 31 -15.14 17.39 -20.18
N PHE G 32 -13.91 17.94 -20.21
CA PHE G 32 -12.68 17.21 -20.51
C PHE G 32 -11.82 17.26 -19.25
N SER G 33 -11.69 16.15 -18.54
CA SER G 33 -10.90 16.13 -17.32
C SER G 33 -9.61 15.37 -17.54
N HIS G 34 -8.52 15.83 -16.93
CA HIS G 34 -7.29 15.04 -16.89
C HIS G 34 -6.47 15.40 -15.67
N VAL G 35 -5.44 14.62 -15.38
CA VAL G 35 -4.75 14.73 -14.10
C VAL G 35 -3.42 15.49 -14.14
N VAL G 36 -2.99 15.94 -15.31
CA VAL G 36 -1.73 16.68 -15.41
C VAL G 36 -2.00 18.16 -15.63
N SER G 37 -0.94 18.93 -15.84
CA SER G 37 -1.07 20.38 -16.00
C SER G 37 -1.36 20.79 -17.45
N ASP G 38 -1.64 22.08 -17.65
CA ASP G 38 -1.97 22.60 -18.97
C ASP G 38 -0.80 22.51 -19.93
N ASP G 39 0.41 22.59 -19.38
CA ASP G 39 1.62 22.71 -20.19
C ASP G 39 2.25 21.36 -20.48
N THR G 40 1.44 20.39 -20.93
CA THR G 40 1.89 19.02 -21.16
C THR G 40 1.36 18.60 -22.53
N PRO G 41 1.80 17.44 -23.06
CA PRO G 41 1.19 17.02 -24.32
C PRO G 41 -0.32 16.89 -24.24
N LYS G 42 -0.79 16.26 -23.16
CA LYS G 42 -2.23 16.07 -23.00
C LYS G 42 -2.94 17.37 -22.67
N GLY G 43 -2.29 18.22 -21.86
CA GLY G 43 -2.85 19.50 -21.48
C GLY G 43 -3.09 20.39 -22.69
N LYS G 44 -2.11 20.41 -23.58
CA LYS G 44 -2.21 21.23 -24.80
C LYS G 44 -3.27 20.69 -25.77
N GLY G 45 -3.35 19.36 -25.87
CA GLY G 45 -4.35 18.70 -26.69
C GLY G 45 -5.77 19.05 -26.26
N ALA G 46 -6.03 19.01 -24.95
CA ALA G 46 -7.37 19.33 -24.46
C ALA G 46 -7.71 20.77 -24.80
N LEU G 47 -6.71 21.64 -24.70
CA LEU G 47 -6.96 23.06 -24.93
C LEU G 47 -7.14 23.39 -26.41
N LEU G 48 -6.40 22.69 -27.27
CA LEU G 48 -6.58 22.89 -28.71
C LEU G 48 -7.95 22.34 -29.13
N PHE G 49 -8.35 21.21 -28.55
CA PHE G 49 -9.67 20.66 -28.84
C PHE G 49 -10.77 21.65 -28.44
N LYS G 50 -10.64 22.27 -27.27
CA LYS G 50 -11.59 23.27 -26.83
C LYS G 50 -11.64 24.42 -27.84
N LYS G 51 -10.46 24.87 -28.26
CA LYS G 51 -10.35 26.03 -29.14
C LYS G 51 -10.94 25.80 -30.54
N LEU G 52 -10.60 24.68 -31.16
CA LEU G 52 -11.14 24.35 -32.48
C LEU G 52 -12.64 24.11 -32.43
N ALA G 53 -13.09 23.36 -31.42
CA ALA G 53 -14.50 22.95 -31.36
C ALA G 53 -15.43 24.14 -31.20
N GLU G 54 -15.06 25.07 -30.31
CA GLU G 54 -15.94 26.19 -30.05
C GLU G 54 -15.87 27.18 -31.21
N GLU G 55 -14.76 27.16 -31.93
CA GLU G 55 -14.59 28.05 -33.07
C GLU G 55 -15.41 27.53 -34.27
N ARG G 56 -15.44 26.21 -34.44
CA ARG G 56 -16.08 25.61 -35.61
C ARG G 56 -17.53 25.20 -35.35
N LEU G 57 -17.89 25.06 -34.08
CA LEU G 57 -19.27 24.75 -33.70
C LEU G 57 -19.81 25.79 -32.72
N PRO G 58 -19.72 27.08 -33.10
CA PRO G 58 -19.77 28.29 -32.26
C PRO G 58 -20.94 28.39 -31.29
N GLY G 59 -21.96 27.56 -31.42
CA GLY G 59 -23.09 27.60 -30.50
C GLY G 59 -23.69 26.23 -30.27
N LYS G 60 -23.04 25.21 -30.83
CA LYS G 60 -23.55 23.84 -30.73
C LYS G 60 -22.78 23.03 -29.70
N VAL G 61 -21.55 23.43 -29.41
CA VAL G 61 -20.76 22.72 -28.40
C VAL G 61 -19.99 23.67 -27.49
N LYS G 62 -20.01 23.34 -26.20
CA LYS G 62 -19.21 24.03 -25.19
C LYS G 62 -18.21 23.04 -24.61
N VAL G 63 -16.94 23.40 -24.62
CA VAL G 63 -15.91 22.54 -24.05
C VAL G 63 -15.26 23.17 -22.82
N GLU G 64 -15.32 22.46 -21.70
CA GLU G 64 -14.74 22.90 -20.45
C GLU G 64 -13.58 21.99 -20.08
N VAL G 65 -12.39 22.54 -19.95
CA VAL G 65 -11.21 21.73 -19.64
C VAL G 65 -10.81 21.89 -18.18
N TYR G 66 -10.65 20.75 -17.50
CA TYR G 66 -10.30 20.75 -16.08
C TYR G 66 -9.04 19.92 -15.90
N PRO G 67 -7.88 20.59 -15.85
CA PRO G 67 -6.62 19.89 -15.64
C PRO G 67 -6.38 19.64 -14.15
N ASN G 68 -5.26 19.00 -13.83
CA ASN G 68 -4.82 18.78 -12.45
C ASN G 68 -5.86 18.13 -11.54
N SER G 69 -6.68 17.26 -12.12
CA SER G 69 -7.69 16.49 -11.39
C SER G 69 -8.73 17.39 -10.71
N THR G 70 -8.91 18.60 -11.21
CA THR G 70 -9.86 19.54 -10.60
C THR G 70 -11.31 19.09 -10.81
N LEU G 71 -11.54 18.21 -11.77
CA LEU G 71 -12.88 17.62 -11.92
C LEU G 71 -12.90 16.23 -11.31
N PHE G 72 -12.12 15.30 -11.88
CA PHE G 72 -11.96 13.97 -11.32
C PHE G 72 -10.49 13.56 -11.41
N GLY G 73 -10.08 12.62 -10.57
CA GLY G 73 -8.70 12.13 -10.59
C GLY G 73 -8.58 10.74 -11.19
N ASP G 74 -7.39 10.15 -11.09
CA ASP G 74 -7.12 8.81 -11.64
C ASP G 74 -8.15 7.79 -11.15
N ALA G 75 -8.46 7.84 -9.87
CA ALA G 75 -9.20 6.78 -9.22
C ALA G 75 -10.66 6.76 -9.61
N ASP G 76 -11.22 7.92 -9.95
CA ASP G 76 -12.65 7.99 -10.20
C ASP G 76 -13.07 8.50 -11.57
N GLU G 77 -12.13 8.80 -12.45
CA GLU G 77 -12.48 9.44 -13.73
C GLU G 77 -13.27 8.51 -14.66
N ILE G 78 -12.96 7.22 -14.68
CA ILE G 78 -13.66 6.32 -15.60
C ILE G 78 -15.08 6.03 -15.08
N GLU G 79 -15.26 5.91 -13.78
CA GLU G 79 -16.62 5.72 -13.28
C GLU G 79 -17.43 6.98 -13.53
N ALA G 80 -16.77 8.14 -13.50
CA ALA G 80 -17.45 9.40 -13.77
C ALA G 80 -17.84 9.49 -15.25
N LEU G 81 -16.94 9.01 -16.11
CA LEU G 81 -17.21 8.92 -17.54
C LEU G 81 -18.37 7.96 -17.85
N ARG G 82 -18.40 6.80 -17.19
CA ARG G 82 -19.48 5.84 -17.38
C ARG G 82 -20.83 6.39 -16.89
N ALA G 83 -20.82 7.28 -15.90
CA ALA G 83 -22.04 7.95 -15.45
C ALA G 83 -22.32 9.31 -16.11
N ASN G 84 -21.51 9.68 -17.11
CA ASN G 84 -21.66 10.94 -17.85
C ASN G 84 -21.59 12.19 -16.96
N LYS G 85 -20.82 12.11 -15.88
CA LYS G 85 -20.43 13.27 -15.08
C LYS G 85 -19.27 14.00 -15.77
N VAL G 86 -18.61 13.30 -16.69
CA VAL G 86 -17.56 13.89 -17.50
C VAL G 86 -17.71 13.30 -18.90
N GLN G 87 -17.28 14.03 -19.92
CA GLN G 87 -17.54 13.62 -21.29
C GLN G 87 -16.27 13.22 -22.05
N MET G 88 -15.11 13.63 -21.58
CA MET G 88 -13.89 13.33 -22.31
C MET G 88 -12.72 13.18 -21.35
N LEU G 89 -11.97 12.10 -21.54
CA LEU G 89 -10.75 11.83 -20.80
C LEU G 89 -9.67 11.44 -21.80
N ALA G 90 -8.43 11.52 -21.38
CA ALA G 90 -7.34 10.91 -22.13
C ALA G 90 -6.49 10.17 -21.13
N THR G 91 -6.75 8.88 -21.00
CA THR G 91 -6.25 8.07 -19.88
C THR G 91 -5.14 7.16 -20.37
N SER G 92 -4.10 7.00 -19.56
CA SER G 92 -2.99 6.16 -19.97
C SER G 92 -3.47 4.74 -20.29
N LEU G 93 -2.94 4.18 -21.37
CA LEU G 93 -3.25 2.80 -21.76
C LEU G 93 -2.95 1.81 -20.65
N SER G 94 -2.04 2.17 -19.75
CA SER G 94 -1.67 1.31 -18.61
C SER G 94 -2.79 1.15 -17.59
N LYS G 95 -3.80 2.01 -17.64
CA LYS G 95 -4.80 2.05 -16.57
C LYS G 95 -6.13 1.40 -16.93
N PHE G 96 -6.14 0.58 -17.96
CA PHE G 96 -7.43 0.04 -18.39
C PHE G 96 -7.69 -1.42 -18.03
N GLU G 97 -6.83 -2.05 -17.23
CA GLU G 97 -7.01 -3.48 -16.97
C GLU G 97 -8.35 -3.87 -16.30
N PRO G 98 -8.95 -2.96 -15.48
CA PRO G 98 -10.29 -3.32 -15.00
C PRO G 98 -11.34 -3.46 -16.10
N TYR G 99 -11.06 -2.98 -17.31
CA TYR G 99 -12.08 -2.94 -18.36
C TYR G 99 -11.71 -3.79 -19.56
N THR G 100 -10.41 -3.98 -19.80
CA THR G 100 -9.92 -4.84 -20.88
C THR G 100 -8.48 -5.31 -20.64
N LYS G 101 -8.13 -6.48 -21.20
CA LYS G 101 -6.75 -6.95 -21.19
C LYS G 101 -6.10 -6.70 -22.55
N GLN G 102 -6.90 -6.23 -23.50
CA GLN G 102 -6.40 -6.04 -24.87
C GLN G 102 -5.44 -4.88 -25.07
N LEU G 103 -5.15 -4.11 -24.03
CA LEU G 103 -4.25 -2.96 -24.18
C LEU G 103 -2.91 -3.21 -23.47
N GLN G 104 -2.79 -4.37 -22.85
CA GLN G 104 -1.58 -4.76 -22.15
C GLN G 104 -0.33 -4.75 -23.02
N VAL G 105 -0.51 -5.00 -24.31
CA VAL G 105 0.59 -5.01 -25.25
C VAL G 105 1.33 -3.67 -25.22
N PHE G 106 0.60 -2.58 -24.97
CA PHE G 106 1.21 -1.26 -24.97
C PHE G 106 2.10 -1.02 -23.76
N ASP G 107 1.96 -1.84 -22.71
CA ASP G 107 2.83 -1.71 -21.53
C ASP G 107 4.15 -2.49 -21.65
N LEU G 108 4.36 -3.23 -22.73
CA LEU G 108 5.55 -4.11 -22.80
C LEU G 108 6.86 -3.33 -22.98
N PRO G 109 7.88 -3.68 -22.18
CA PRO G 109 9.14 -2.93 -22.22
C PRO G 109 9.94 -3.19 -23.48
N PHE G 110 10.48 -2.13 -24.08
CA PHE G 110 11.34 -2.19 -25.27
C PHE G 110 10.67 -2.75 -26.51
N LEU G 111 9.34 -2.84 -26.50
CA LEU G 111 8.60 -3.25 -27.69
C LEU G 111 8.68 -2.17 -28.76
N PHE G 112 8.55 -0.92 -28.32
CA PHE G 112 8.68 0.22 -29.23
C PHE G 112 9.99 0.96 -29.00
N ASP G 113 10.80 1.10 -30.06
CA ASP G 113 12.08 1.83 -29.95
C ASP G 113 11.87 3.28 -29.55
N ASP G 114 10.87 3.91 -30.17
CA ASP G 114 10.57 5.32 -29.91
C ASP G 114 9.12 5.61 -30.28
N LEU G 115 8.69 6.85 -30.14
CA LEU G 115 7.30 7.21 -30.40
C LEU G 115 6.87 6.99 -31.86
N GLU G 116 7.81 7.11 -32.79
CA GLU G 116 7.53 6.83 -34.20
C GLU G 116 7.21 5.34 -34.40
N ALA G 117 7.92 4.46 -33.71
CA ALA G 117 7.55 3.06 -33.77
C ALA G 117 6.16 2.85 -33.13
N LEU G 118 5.91 3.54 -32.03
CA LEU G 118 4.59 3.47 -31.39
C LEU G 118 3.51 3.95 -32.34
N LYS G 119 3.76 5.06 -33.00
CA LYS G 119 2.77 5.62 -33.92
C LYS G 119 2.48 4.66 -35.06
N ARG G 120 3.52 4.01 -35.60
CA ARG G 120 3.33 3.04 -36.68
C ARG G 120 2.42 1.88 -36.26
N PHE G 121 2.65 1.38 -35.04
CA PHE G 121 1.88 0.27 -34.52
C PHE G 121 0.41 0.69 -34.31
N GLN G 122 0.21 1.91 -33.83
CA GLN G 122 -1.13 2.42 -33.54
C GLN G 122 -1.97 2.60 -34.79
N LYS G 123 -1.30 2.69 -35.93
CA LYS G 123 -1.94 2.86 -37.22
C LYS G 123 -2.41 1.54 -37.83
N ARG G 124 -1.95 0.42 -37.28
CA ARG G 124 -2.39 -0.87 -37.81
C ARG G 124 -3.89 -1.06 -37.62
N ASP G 125 -4.54 -1.77 -38.54
CA ASP G 125 -5.97 -2.06 -38.43
C ASP G 125 -6.34 -2.64 -37.07
N LYS G 126 -5.57 -3.61 -36.60
CA LYS G 126 -5.91 -4.27 -35.34
C LYS G 126 -5.73 -3.32 -34.16
N SER G 127 -4.82 -2.37 -34.28
CA SER G 127 -4.65 -1.38 -33.23
C SER G 127 -5.80 -0.38 -33.22
N ARG G 128 -6.33 -0.08 -34.40
CA ARG G 128 -7.48 0.82 -34.49
C ARG G 128 -8.72 0.16 -33.86
N GLU G 129 -8.86 -1.16 -34.05
CA GLU G 129 -9.94 -1.93 -33.45
C GLU G 129 -9.91 -1.83 -31.92
N LEU G 130 -8.71 -1.69 -31.38
CA LEU G 130 -8.52 -1.62 -29.93
C LEU G 130 -9.19 -0.40 -29.31
N LEU G 131 -9.45 0.62 -30.14
CA LEU G 131 -10.21 1.78 -29.68
C LEU G 131 -11.63 1.39 -29.20
N ARG G 132 -12.09 0.23 -29.63
CA ARG G 132 -13.40 -0.25 -29.23
C ARG G 132 -13.32 -1.40 -28.21
N SER G 133 -12.14 -1.64 -27.67
CA SER G 133 -11.95 -2.80 -26.78
C SER G 133 -12.75 -2.73 -25.49
N MET G 134 -13.20 -1.55 -25.11
CA MET G 134 -13.94 -1.39 -23.86
C MET G 134 -15.40 -1.04 -24.11
N ALA G 135 -15.86 -1.26 -25.34
CA ALA G 135 -17.26 -0.94 -25.69
C ALA G 135 -18.26 -1.69 -24.83
N LYS G 136 -17.92 -2.92 -24.43
CA LYS G 136 -18.82 -3.69 -23.60
C LYS G 136 -18.96 -3.09 -22.18
N HIS G 137 -18.07 -2.17 -21.82
CA HIS G 137 -18.23 -1.42 -20.58
C HIS G 137 -18.59 0.05 -20.81
N GLY G 138 -19.05 0.38 -22.02
CA GLY G 138 -19.65 1.68 -22.28
C GLY G 138 -18.64 2.76 -22.62
N ILE G 139 -17.39 2.35 -22.78
CA ILE G 139 -16.29 3.27 -23.04
C ILE G 139 -15.95 3.25 -24.52
N TYR G 140 -15.89 4.44 -25.12
CA TYR G 140 -15.70 4.61 -26.55
C TYR G 140 -14.37 5.32 -26.86
N GLY G 141 -13.46 4.62 -27.54
CA GLY G 141 -12.15 5.19 -27.86
C GLY G 141 -12.16 6.06 -29.09
N LEU G 142 -11.56 7.24 -28.99
CA LEU G 142 -11.60 8.22 -30.08
C LEU G 142 -10.27 8.39 -30.80
N ALA G 143 -9.17 8.19 -30.07
CA ALA G 143 -7.84 8.33 -30.68
C ALA G 143 -6.77 7.89 -29.69
N TYR G 144 -5.56 7.71 -30.19
CA TYR G 144 -4.37 7.56 -29.37
C TYR G 144 -3.68 8.91 -29.31
N TRP G 145 -3.38 9.37 -28.08
CA TRP G 145 -2.53 10.52 -27.85
C TRP G 145 -1.24 10.08 -27.20
N ASN G 146 -0.10 10.39 -27.80
CA ASN G 146 1.14 9.91 -27.21
C ASN G 146 1.78 10.95 -26.32
N ASN G 147 2.48 10.49 -25.30
CA ASN G 147 3.24 11.40 -24.43
C ASN G 147 4.73 11.27 -24.77
N GLY G 148 5.28 10.09 -24.53
CA GLY G 148 6.70 9.90 -24.75
C GLY G 148 7.21 8.57 -24.21
N MET G 149 8.53 8.39 -24.24
CA MET G 149 9.15 7.18 -23.73
C MET G 149 9.45 7.35 -22.24
N LYS G 150 9.36 6.25 -21.50
CA LYS G 150 9.56 6.30 -20.05
C LYS G 150 11.04 6.19 -19.70
N GLN G 151 11.43 6.92 -18.66
CA GLN G 151 12.77 6.87 -18.09
C GLN G 151 12.66 6.32 -16.67
N LEU G 152 13.80 6.04 -16.02
CA LEU G 152 13.82 5.57 -14.63
C LEU G 152 14.51 6.58 -13.71
N SER G 153 13.77 7.10 -12.73
CA SER G 153 14.36 7.93 -11.68
C SER G 153 14.54 7.06 -10.44
N ALA G 154 15.56 7.34 -9.64
CA ALA G 154 15.84 6.51 -8.49
C ALA G 154 16.78 7.23 -7.56
N THR G 155 16.95 6.64 -6.37
CA THR G 155 17.88 7.15 -5.36
C THR G 155 19.34 6.86 -5.71
N ARG G 156 19.56 6.12 -6.78
CA ARG G 156 20.90 5.79 -7.21
C ARG G 156 20.97 5.55 -8.71
N GLU G 157 22.17 5.51 -9.26
CA GLU G 157 22.37 5.29 -10.69
C GLU G 157 21.98 3.89 -11.08
N LEU G 158 21.27 3.77 -12.19
CA LEU G 158 20.88 2.46 -12.72
C LEU G 158 21.58 2.20 -14.06
N HIS G 159 22.85 1.83 -14.01
CA HIS G 159 23.60 1.54 -15.23
C HIS G 159 23.15 0.22 -15.85
N ARG G 160 22.89 -0.75 -14.98
CA ARG G 160 22.54 -2.11 -15.38
C ARG G 160 21.30 -2.58 -14.64
N PRO G 161 20.55 -3.51 -15.22
CA PRO G 161 19.28 -3.95 -14.62
C PRO G 161 19.43 -4.42 -13.18
N ASP G 162 20.53 -5.08 -12.87
CA ASP G 162 20.79 -5.53 -11.50
C ASP G 162 20.84 -4.37 -10.50
N ASP G 163 21.13 -3.17 -10.97
CA ASP G 163 21.20 -2.04 -10.05
C ASP G 163 19.83 -1.73 -9.46
N ALA G 164 18.76 -2.15 -10.14
CA ALA G 164 17.39 -1.86 -9.66
C ALA G 164 16.96 -2.72 -8.47
N LYS G 165 17.70 -3.81 -8.23
CA LYS G 165 17.38 -4.77 -7.18
C LYS G 165 17.21 -4.15 -5.80
N GLY G 166 16.10 -4.46 -5.15
CA GLY G 166 15.88 -4.00 -3.80
C GLY G 166 15.20 -2.64 -3.72
N LEU G 167 14.95 -2.01 -4.86
CA LEU G 167 14.25 -0.73 -4.87
C LEU G 167 12.74 -0.93 -5.10
N VAL G 168 11.95 -0.04 -4.51
CA VAL G 168 10.52 -0.01 -4.76
C VAL G 168 10.24 1.08 -5.78
N PHE G 169 9.57 0.74 -6.88
CA PHE G 169 9.24 1.72 -7.91
C PHE G 169 7.73 2.02 -7.93
N ARG G 170 7.35 3.29 -7.92
CA ARG G 170 5.96 3.63 -8.19
C ARG G 170 5.66 3.32 -9.65
N ILE G 171 4.53 2.65 -9.87
CA ILE G 171 4.02 2.44 -11.21
C ILE G 171 2.56 2.87 -11.26
N GLN G 172 2.07 3.03 -12.48
CA GLN G 172 0.64 3.12 -12.75
C GLN G 172 0.03 1.75 -12.43
N PRO G 173 -1.27 1.70 -12.15
CA PRO G 173 -1.87 0.43 -11.69
C PRO G 173 -2.08 -0.64 -12.78
N SER G 174 -0.97 -1.22 -13.21
CA SER G 174 -0.92 -2.19 -14.30
C SER G 174 -0.20 -3.46 -13.85
N SER G 175 -0.79 -4.62 -14.11
CA SER G 175 -0.17 -5.87 -13.70
C SER G 175 1.06 -6.16 -14.57
N VAL G 176 1.05 -5.66 -15.81
CA VAL G 176 2.22 -5.79 -16.70
C VAL G 176 3.41 -5.01 -16.13
N LEU G 177 3.17 -3.78 -15.70
CA LEU G 177 4.23 -2.95 -15.15
C LEU G 177 4.70 -3.52 -13.81
N GLU G 178 3.78 -4.11 -13.06
CA GLU G 178 4.16 -4.81 -11.84
C GLU G 178 5.15 -5.94 -12.16
N ALA G 179 4.83 -6.72 -13.18
CA ALA G 179 5.64 -7.88 -13.54
C ALA G 179 6.97 -7.45 -14.14
N GLN G 180 6.97 -6.28 -14.77
CA GLN G 180 8.19 -5.73 -15.36
C GLN G 180 9.24 -5.50 -14.29
N PHE G 181 8.85 -4.89 -13.17
CA PHE G 181 9.83 -4.60 -12.13
C PHE G 181 10.16 -5.84 -11.33
N ALA G 182 9.19 -6.73 -11.18
CA ALA G 182 9.44 -8.05 -10.56
C ALA G 182 10.57 -8.80 -11.28
N MET G 183 10.54 -8.77 -12.60
CA MET G 183 11.58 -9.38 -13.42
C MET G 183 12.98 -8.82 -13.11
N LEU G 184 13.06 -7.54 -12.78
CA LEU G 184 14.34 -6.91 -12.45
C LEU G 184 14.81 -7.26 -11.03
N GLY G 185 13.94 -7.91 -10.27
CA GLY G 185 14.21 -8.17 -8.87
C GLY G 185 13.94 -6.96 -8.01
N ALA G 186 13.15 -6.03 -8.54
CA ALA G 186 12.68 -4.87 -7.79
C ALA G 186 11.24 -5.16 -7.38
N THR G 187 10.61 -4.23 -6.67
CA THR G 187 9.19 -4.39 -6.38
C THR G 187 8.51 -3.11 -6.82
N ALA G 188 7.21 -3.18 -7.05
CA ALA G 188 6.52 -2.01 -7.55
C ALA G 188 5.36 -1.71 -6.64
N LYS G 189 5.02 -0.43 -6.53
CA LYS G 189 3.88 -0.02 -5.73
C LYS G 189 2.94 0.76 -6.64
N GLN G 190 1.71 0.28 -6.77
CA GLN G 190 0.73 0.94 -7.63
C GLN G 190 0.12 2.16 -6.95
N LEU G 191 0.29 3.32 -7.56
CA LEU G 191 -0.16 4.59 -6.99
C LEU G 191 -0.63 5.49 -8.12
N SER G 192 -1.49 6.45 -7.80
CA SER G 192 -1.93 7.40 -8.81
C SER G 192 -0.80 8.37 -9.16
N TYR G 193 -0.99 9.12 -10.23
CA TYR G 193 -0.04 10.16 -10.60
C TYR G 193 0.18 11.13 -9.43
N ALA G 194 -0.92 11.57 -8.82
CA ALA G 194 -0.86 12.61 -7.79
C ALA G 194 -0.22 12.14 -6.47
N GLU G 195 -0.19 10.84 -6.21
CA GLU G 195 0.30 10.45 -4.88
C GLU G 195 1.75 9.94 -4.93
N THR G 196 2.37 10.07 -6.09
CA THR G 196 3.74 9.58 -6.29
C THR G 196 4.79 10.32 -5.48
N LEU G 197 4.81 11.65 -5.57
CA LEU G 197 5.83 12.41 -4.85
C LEU G 197 5.73 12.16 -3.34
N LYS G 198 4.52 12.21 -2.81
CA LYS G 198 4.31 12.03 -1.37
C LYS G 198 4.81 10.67 -0.87
N ALA G 199 4.67 9.65 -1.69
CA ALA G 199 5.21 8.34 -1.35
C ALA G 199 6.73 8.35 -1.31
N MET G 200 7.38 9.08 -2.22
CA MET G 200 8.84 9.12 -2.18
C MET G 200 9.31 9.85 -0.95
N GLN G 201 8.54 10.86 -0.57
CA GLN G 201 8.84 11.70 0.59
C GLN G 201 8.63 10.92 1.87
N ALA G 202 7.65 10.02 1.88
CA ALA G 202 7.43 9.17 3.04
C ALA G 202 8.48 8.06 3.09
N GLY G 203 9.16 7.82 1.97
CA GLY G 203 10.19 6.80 1.91
C GLY G 203 9.67 5.42 1.53
N SER G 204 8.41 5.35 1.12
CA SER G 204 7.83 4.07 0.76
C SER G 204 8.16 3.66 -0.70
N VAL G 205 8.62 4.62 -1.50
CA VAL G 205 9.10 4.32 -2.85
C VAL G 205 10.45 5.02 -3.09
N GLN G 206 11.35 4.34 -3.80
CA GLN G 206 12.68 4.87 -4.06
C GLN G 206 12.92 5.21 -5.52
N GLY G 207 11.96 4.90 -6.39
CA GLY G 207 12.12 5.24 -7.78
C GLY G 207 10.80 5.23 -8.52
N THR G 208 10.83 5.64 -9.79
CA THR G 208 9.62 5.50 -10.61
C THR G 208 9.97 5.43 -12.09
N GLU G 209 8.96 5.20 -12.93
CA GLU G 209 9.19 5.28 -14.37
C GLU G 209 8.24 6.33 -14.90
N ASN G 210 8.74 7.19 -15.78
CA ASN G 210 7.86 8.15 -16.44
C ASN G 210 8.58 8.92 -17.52
N THR G 211 7.82 9.65 -18.33
CA THR G 211 8.41 10.53 -19.32
C THR G 211 9.03 11.76 -18.65
N TRP G 212 9.88 12.44 -19.38
CA TRP G 212 10.53 13.66 -18.86
C TRP G 212 9.48 14.69 -18.43
N SER G 213 8.45 14.85 -19.26
CA SER G 213 7.36 15.78 -18.93
C SER G 213 6.74 15.47 -17.59
N ASN G 214 6.43 14.20 -17.33
CA ASN G 214 5.79 13.84 -16.06
C ASN G 214 6.76 13.82 -14.87
N LEU G 215 8.04 13.48 -15.11
CA LEU G 215 9.03 13.51 -14.05
C LEU G 215 9.20 14.94 -13.58
N ALA G 216 9.17 15.87 -14.52
CA ALA G 216 9.19 17.29 -14.20
C ALA G 216 7.92 17.70 -13.47
N GLY G 217 6.78 17.26 -13.97
CA GLY G 217 5.51 17.66 -13.39
C GLY G 217 5.31 17.18 -11.97
N GLN G 218 5.85 16.01 -11.65
CA GLN G 218 5.68 15.43 -10.31
C GLN G 218 6.61 16.04 -9.30
N LYS G 219 7.58 16.82 -9.79
CA LYS G 219 8.58 17.48 -8.94
C LYS G 219 9.38 16.50 -8.11
N ILE G 220 9.65 15.32 -8.65
CA ILE G 220 10.40 14.32 -7.90
C ILE G 220 11.93 14.55 -7.92
N ASP G 221 12.42 15.60 -8.60
CA ASP G 221 13.89 15.74 -8.69
C ASP G 221 14.53 15.99 -7.33
N SER G 222 13.78 16.61 -6.41
CA SER G 222 14.31 16.86 -5.07
C SER G 222 14.64 15.57 -4.30
N VAL G 223 13.94 14.48 -4.62
CA VAL G 223 14.16 13.18 -3.94
C VAL G 223 14.63 12.07 -4.86
N GLN G 224 15.01 12.43 -6.09
CA GLN G 224 15.50 11.46 -7.07
C GLN G 224 16.79 11.96 -7.70
N PRO G 225 17.94 11.70 -7.05
CA PRO G 225 19.21 12.29 -7.51
C PRO G 225 19.65 11.85 -8.91
N TYR G 226 19.10 10.76 -9.43
CA TYR G 226 19.51 10.24 -10.73
C TYR G 226 18.36 9.80 -11.59
N ILE G 227 18.41 10.20 -12.87
CA ILE G 227 17.44 9.71 -13.85
C ILE G 227 18.22 9.01 -14.96
N THR G 228 17.95 7.72 -15.15
CA THR G 228 18.60 6.95 -16.20
C THR G 228 17.72 6.95 -17.44
N GLU G 229 18.32 7.32 -18.57
CA GLU G 229 17.56 7.48 -19.82
C GLU G 229 17.50 6.14 -20.53
N THR G 230 16.56 5.32 -20.06
CA THR G 230 16.33 3.96 -20.51
C THR G 230 15.42 3.84 -21.73
N ASN G 231 14.47 4.77 -21.87
CA ASN G 231 13.48 4.67 -22.95
C ASN G 231 12.87 3.26 -23.01
N HIS G 232 12.53 2.72 -21.83
CA HIS G 232 12.22 1.31 -21.75
C HIS G 232 10.77 0.98 -22.03
N GLY G 233 9.89 1.98 -22.06
CA GLY G 233 8.49 1.71 -22.35
C GLY G 233 7.78 2.97 -22.81
N ALA G 234 6.55 2.84 -23.29
CA ALA G 234 5.84 4.00 -23.82
C ALA G 234 4.78 4.47 -22.84
N LEU G 235 4.55 5.77 -22.82
CA LEU G 235 3.42 6.36 -22.11
C LEU G 235 2.53 6.98 -23.16
N SER G 236 1.33 6.41 -23.30
CA SER G 236 0.39 6.76 -24.34
C SER G 236 -1.01 6.77 -23.72
N TYR G 237 -1.90 7.58 -24.29
CA TYR G 237 -3.26 7.72 -23.78
C TYR G 237 -4.29 7.24 -24.79
N MET G 238 -5.42 6.73 -24.30
CA MET G 238 -6.58 6.67 -25.19
C MET G 238 -7.48 7.83 -24.83
N LEU G 239 -7.74 8.67 -25.81
CA LEU G 239 -8.76 9.69 -25.72
C LEU G 239 -10.13 8.97 -25.77
N ILE G 240 -10.93 9.15 -24.73
CA ILE G 240 -12.17 8.37 -24.58
C ILE G 240 -13.35 9.25 -24.21
N THR G 241 -14.53 8.73 -24.50
CA THR G 241 -15.80 9.31 -24.10
C THR G 241 -16.68 8.12 -23.75
N SER G 242 -17.93 8.36 -23.39
CA SER G 242 -18.83 7.24 -23.14
C SER G 242 -19.65 7.03 -24.40
N SER G 243 -19.92 5.78 -24.73
CA SER G 243 -20.72 5.46 -25.91
C SER G 243 -22.08 6.14 -25.86
N ALA G 244 -22.71 6.14 -24.68
CA ALA G 244 -24.06 6.68 -24.56
C ALA G 244 -24.06 8.18 -24.82
N PHE G 245 -23.06 8.88 -24.30
CA PHE G 245 -22.96 10.31 -24.54
C PHE G 245 -22.70 10.58 -26.01
N TRP G 246 -21.68 9.93 -26.57
CA TRP G 246 -21.21 10.24 -27.91
C TRP G 246 -22.23 9.87 -28.97
N THR G 247 -22.87 8.71 -28.80
CA THR G 247 -23.90 8.23 -29.72
C THR G 247 -25.09 9.20 -29.74
N GLY G 248 -25.32 9.85 -28.60
CA GLY G 248 -26.48 10.72 -28.44
C GLY G 248 -26.32 12.12 -29.01
N ILE G 249 -25.09 12.53 -29.30
CA ILE G 249 -24.86 13.80 -29.97
C ILE G 249 -25.46 13.81 -31.37
N PRO G 250 -26.09 14.94 -31.78
CA PRO G 250 -26.58 15.07 -33.16
C PRO G 250 -25.49 14.79 -34.19
N TYR G 251 -25.81 14.05 -35.24
CA TYR G 251 -24.79 13.44 -36.10
C TYR G 251 -23.86 14.46 -36.75
N GLN G 252 -24.44 15.58 -37.14
CA GLN G 252 -23.70 16.66 -37.78
C GLN G 252 -22.64 17.18 -36.82
N THR G 253 -23.02 17.30 -35.56
CA THR G 253 -22.11 17.77 -34.54
C THR G 253 -21.07 16.71 -34.26
N ARG G 254 -21.51 15.46 -34.09
CA ARG G 254 -20.57 14.35 -33.83
C ARG G 254 -19.50 14.27 -34.91
N THR G 255 -19.90 14.43 -36.16
CA THR G 255 -19.01 14.31 -37.32
C THR G 255 -17.96 15.41 -37.37
N GLU G 256 -18.38 16.64 -37.07
CA GLU G 256 -17.44 17.73 -37.00
C GLU G 256 -16.47 17.52 -35.83
N LEU G 257 -16.97 16.97 -34.73
CA LEU G 257 -16.13 16.78 -33.54
C LEU G 257 -15.05 15.73 -33.80
N GLU G 258 -15.40 14.69 -34.56
CA GLU G 258 -14.44 13.64 -34.86
C GLU G 258 -13.35 14.11 -35.82
N SER G 259 -13.71 15.00 -36.75
CA SER G 259 -12.70 15.60 -37.62
C SER G 259 -11.74 16.44 -36.80
N ILE G 260 -12.29 17.19 -35.86
CA ILE G 260 -11.47 17.99 -34.95
C ILE G 260 -10.53 17.12 -34.10
N VAL G 261 -11.07 16.06 -33.50
CA VAL G 261 -10.24 15.07 -32.80
C VAL G 261 -9.06 14.62 -33.66
N ASP G 262 -9.33 14.30 -34.92
CA ASP G 262 -8.28 13.82 -35.84
C ASP G 262 -7.17 14.84 -36.07
N GLU G 263 -7.57 16.09 -36.27
CA GLU G 263 -6.62 17.18 -36.47
C GLU G 263 -5.81 17.44 -35.19
N VAL G 264 -6.49 17.47 -34.06
CA VAL G 264 -5.83 17.70 -32.78
C VAL G 264 -4.87 16.54 -32.45
N THR G 265 -5.29 15.32 -32.78
CA THR G 265 -4.49 14.15 -32.47
C THR G 265 -3.16 14.24 -33.24
N LEU G 266 -3.23 14.67 -34.49
CA LEU G 266 -2.03 14.88 -35.29
C LEU G 266 -1.03 15.84 -34.65
N VAL G 267 -1.48 16.97 -34.11
CA VAL G 267 -0.55 17.93 -33.55
C VAL G 267 -0.04 17.47 -32.19
N VAL G 268 -0.90 16.84 -31.38
CA VAL G 268 -0.43 16.24 -30.12
C VAL G 268 0.69 15.24 -30.40
N ASN G 269 0.46 14.32 -31.34
CA ASN G 269 1.44 13.25 -31.58
C ASN G 269 2.66 13.75 -32.33
N LYS G 270 2.51 14.87 -33.04
CA LYS G 270 3.63 15.53 -33.71
C LYS G 270 4.53 16.25 -32.70
N GLU G 271 3.90 16.78 -31.66
CA GLU G 271 4.60 17.68 -30.74
C GLU G 271 5.01 17.08 -29.41
N ALA G 272 4.57 15.85 -29.13
CA ALA G 272 4.82 15.25 -27.81
C ALA G 272 6.31 15.09 -27.53
N GLU G 273 7.04 14.55 -28.50
CA GLU G 273 8.45 14.22 -28.25
C GLU G 273 9.29 15.48 -28.06
N ALA G 274 8.95 16.55 -28.79
CA ALA G 274 9.66 17.81 -28.65
C ALA G 274 9.47 18.46 -27.27
N LEU G 275 8.25 18.44 -26.76
CA LEU G 275 8.02 19.00 -25.44
C LEU G 275 8.75 18.15 -24.39
N ASN G 276 8.79 16.84 -24.61
CA ASN G 276 9.51 16.01 -23.65
C ASN G 276 11.01 16.32 -23.65
N GLN G 277 11.57 16.61 -24.82
CA GLN G 277 12.99 16.93 -24.86
C GLN G 277 13.26 18.29 -24.18
N LYS G 278 12.36 19.25 -24.35
CA LYS G 278 12.45 20.53 -23.62
C LYS G 278 12.38 20.33 -22.10
N GLU G 279 11.46 19.48 -21.62
CA GLU G 279 11.38 19.22 -20.18
C GLU G 279 12.63 18.50 -19.68
N ARG G 280 13.21 17.64 -20.51
CA ARG G 280 14.46 16.99 -20.10
C ARG G 280 15.52 18.09 -19.87
N GLU G 281 15.64 19.01 -20.82
CA GLU G 281 16.65 20.06 -20.69
C GLU G 281 16.50 20.87 -19.41
N HIS G 282 15.27 21.31 -19.16
CA HIS G 282 15.00 22.19 -18.02
C HIS G 282 15.13 21.46 -16.69
N LEU G 283 14.75 20.18 -16.66
CA LEU G 283 14.85 19.40 -15.44
C LEU G 283 16.32 19.21 -15.10
N LEU G 284 17.12 18.74 -16.06
CA LEU G 284 18.55 18.57 -15.81
C LEU G 284 19.25 19.89 -15.50
N ALA G 285 18.80 20.98 -16.14
CA ALA G 285 19.39 22.30 -15.91
C ALA G 285 19.27 22.71 -14.45
N ALA G 286 18.23 22.24 -13.78
CA ALA G 286 17.97 22.59 -12.39
C ALA G 286 18.97 21.92 -11.46
N GLY G 287 19.62 20.87 -11.94
CA GLY G 287 20.77 20.30 -11.25
C GLY G 287 20.47 19.39 -10.06
N LYS G 288 19.20 19.12 -9.77
CA LYS G 288 18.84 18.26 -8.66
C LYS G 288 18.95 16.78 -9.05
N SER G 289 18.43 16.46 -10.23
CA SER G 289 18.60 15.11 -10.78
C SER G 289 19.72 15.15 -11.79
N ARG G 290 20.58 14.14 -11.79
CA ARG G 290 21.63 14.02 -12.79
C ARG G 290 21.30 12.92 -13.82
N LEU G 291 21.56 13.21 -15.10
CA LEU G 291 21.33 12.22 -16.16
C LEU G 291 22.33 11.08 -16.09
N VAL G 292 21.81 9.86 -16.15
CA VAL G 292 22.63 8.68 -16.35
C VAL G 292 22.38 8.14 -17.75
N SER G 293 23.42 8.12 -18.57
CA SER G 293 23.28 7.76 -19.98
C SER G 293 23.78 6.33 -20.19
N LEU G 294 23.08 5.58 -21.04
CA LEU G 294 23.42 4.18 -21.27
C LEU G 294 24.16 4.00 -22.59
N SER G 295 25.23 3.22 -22.54
CA SER G 295 25.91 2.78 -23.75
C SER G 295 25.03 1.79 -24.51
N ALA G 296 25.40 1.49 -25.76
CA ALA G 296 24.70 0.46 -26.52
C ALA G 296 24.70 -0.88 -25.79
N GLU G 297 25.84 -1.24 -25.18
CA GLU G 297 25.92 -2.50 -24.47
C GLU G 297 24.99 -2.50 -23.26
N GLU G 298 24.98 -1.39 -22.52
CA GLU G 298 24.11 -1.30 -21.34
C GLU G 298 22.66 -1.38 -21.75
N HIS G 299 22.33 -0.67 -22.82
CA HIS G 299 20.96 -0.66 -23.35
C HIS G 299 20.53 -2.05 -23.75
N GLU G 300 21.43 -2.76 -24.41
CA GLU G 300 21.16 -4.13 -24.81
C GLU G 300 20.99 -5.04 -23.58
N ALA G 301 21.71 -4.75 -22.49
CA ALA G 301 21.55 -5.53 -21.25
C ALA G 301 20.20 -5.30 -20.58
N TRP G 302 19.73 -4.06 -20.59
CA TRP G 302 18.40 -3.75 -20.06
C TRP G 302 17.35 -4.47 -20.88
N ARG G 303 17.51 -4.40 -22.20
CA ARG G 303 16.58 -5.03 -23.16
C ARG G 303 16.47 -6.52 -22.95
N ASN G 304 17.63 -7.17 -22.75
CA ASN G 304 17.64 -8.62 -22.60
C ASN G 304 17.06 -9.07 -21.26
N ALA G 305 17.14 -8.21 -20.25
CA ALA G 305 16.57 -8.54 -18.96
C ALA G 305 15.04 -8.36 -18.97
N MET G 306 14.54 -7.43 -19.77
CA MET G 306 13.12 -7.06 -19.69
C MET G 306 12.26 -7.69 -20.79
N LYS G 307 12.81 -7.85 -21.99
CA LYS G 307 12.06 -8.48 -23.07
C LYS G 307 11.57 -9.92 -22.81
N PRO G 308 12.18 -10.67 -21.85
CA PRO G 308 11.51 -11.95 -21.55
C PRO G 308 10.07 -11.81 -21.07
N LEU G 309 9.70 -10.63 -20.57
CA LEU G 309 8.33 -10.39 -20.14
C LEU G 309 7.31 -10.58 -21.27
N TRP G 310 7.76 -10.41 -22.52
CA TRP G 310 6.87 -10.56 -23.66
C TRP G 310 6.33 -11.98 -23.74
N LYS G 311 7.13 -12.94 -23.27
CA LYS G 311 6.79 -14.36 -23.36
C LYS G 311 5.51 -14.70 -22.59
N ASN G 312 5.28 -14.01 -21.47
CA ASN G 312 4.08 -14.26 -20.68
C ASN G 312 2.81 -13.75 -21.37
N TYR G 313 2.98 -12.90 -22.39
CA TYR G 313 1.85 -12.30 -23.09
C TYR G 313 1.91 -12.71 -24.56
N PHE H 32 53.04 37.95 9.73
CA PHE H 32 53.00 36.70 8.97
C PHE H 32 51.99 36.81 7.85
N SER H 33 52.46 37.14 6.65
CA SER H 33 51.60 37.22 5.49
C SER H 33 51.77 36.00 4.59
N HIS H 34 50.66 35.40 4.15
CA HIS H 34 50.71 34.36 3.15
C HIS H 34 49.44 34.37 2.29
N VAL H 35 49.50 33.72 1.14
CA VAL H 35 48.49 33.92 0.09
C VAL H 35 47.40 32.87 0.01
N VAL H 36 47.47 31.83 0.84
CA VAL H 36 46.45 30.78 0.82
C VAL H 36 45.57 30.87 2.05
N SER H 37 44.65 29.92 2.22
CA SER H 37 43.68 29.99 3.32
C SER H 37 44.19 29.40 4.63
N ASP H 38 43.43 29.61 5.70
CA ASP H 38 43.81 29.10 7.02
C ASP H 38 43.88 27.57 7.12
N ASP H 39 43.05 26.86 6.34
CA ASP H 39 43.00 25.41 6.46
C ASP H 39 43.88 24.69 5.43
N THR H 40 45.10 25.18 5.27
CA THR H 40 46.09 24.60 4.36
C THR H 40 47.29 24.19 5.21
N PRO H 41 48.27 23.46 4.64
CA PRO H 41 49.45 23.20 5.48
C PRO H 41 50.17 24.47 5.95
N LYS H 42 50.31 25.46 5.07
CA LYS H 42 50.96 26.73 5.43
C LYS H 42 50.07 27.56 6.36
N GLY H 43 48.77 27.55 6.11
CA GLY H 43 47.81 28.25 6.95
C GLY H 43 47.79 27.69 8.36
N LYS H 44 47.81 26.36 8.47
CA LYS H 44 47.77 25.71 9.78
C LYS H 44 49.09 25.91 10.50
N GLY H 45 50.19 25.89 9.74
CA GLY H 45 51.51 26.17 10.26
C GLY H 45 51.59 27.57 10.85
N ALA H 46 51.18 28.57 10.07
CA ALA H 46 51.26 29.96 10.52
C ALA H 46 50.41 30.19 11.76
N LEU H 47 49.27 29.51 11.83
CA LEU H 47 48.40 29.61 13.02
C LEU H 47 48.96 28.83 14.22
N LEU H 48 49.68 27.75 13.97
CA LEU H 48 50.30 27.00 15.06
C LEU H 48 51.47 27.78 15.68
N PHE H 49 52.15 28.56 14.85
CA PHE H 49 53.25 29.41 15.30
C PHE H 49 52.68 30.53 16.18
N LYS H 50 51.36 30.73 16.05
CA LYS H 50 50.59 31.67 16.89
C LYS H 50 50.26 31.08 18.26
N LYS H 51 49.45 30.02 18.29
CA LYS H 51 49.10 29.30 19.53
C LYS H 51 50.32 29.02 20.41
N LEU H 52 51.43 28.74 19.77
CA LEU H 52 52.68 28.43 20.45
C LEU H 52 53.65 29.62 20.38
N VAL H 63 52.45 38.85 16.39
CA VAL H 63 52.00 37.48 16.32
C VAL H 63 50.65 37.52 15.54
N GLU H 64 50.70 38.22 14.41
CA GLU H 64 49.52 38.51 13.58
C GLU H 64 49.56 37.77 12.24
N VAL H 65 48.56 36.94 11.97
CA VAL H 65 48.53 36.08 10.78
C VAL H 65 47.58 36.58 9.69
N TYR H 66 48.10 36.82 8.50
CA TYR H 66 47.29 37.41 7.43
C TYR H 66 47.27 36.53 6.19
N PRO H 67 46.25 35.67 6.09
CA PRO H 67 46.06 34.72 4.98
C PRO H 67 45.43 35.38 3.77
N ASN H 68 45.34 34.64 2.68
CA ASN H 68 44.63 35.07 1.48
C ASN H 68 45.05 36.45 0.99
N SER H 69 46.33 36.74 1.11
CA SER H 69 46.91 37.99 0.63
C SER H 69 46.23 39.22 1.26
N THR H 70 45.70 39.06 2.48
CA THR H 70 45.03 40.18 3.13
C THR H 70 46.01 41.26 3.54
N LEU H 71 47.29 40.93 3.67
CA LEU H 71 48.29 41.95 3.97
C LEU H 71 49.12 42.22 2.72
N PHE H 72 49.78 41.18 2.22
CA PHE H 72 50.56 41.29 0.99
C PHE H 72 50.39 40.05 0.12
N GLY H 73 50.60 40.19 -1.19
CA GLY H 73 50.47 39.08 -2.12
C GLY H 73 51.78 38.65 -2.76
N ASP H 74 51.70 37.73 -3.71
CA ASP H 74 52.87 37.17 -4.39
C ASP H 74 53.90 38.17 -4.95
N ALA H 75 53.56 39.44 -5.03
CA ALA H 75 54.50 40.38 -5.65
C ALA H 75 54.82 41.63 -4.82
N ASP H 76 54.78 41.50 -3.50
CA ASP H 76 55.20 42.60 -2.62
C ASP H 76 55.38 42.10 -1.19
N GLU H 77 55.22 40.79 -1.01
CA GLU H 77 55.26 40.23 0.33
C GLU H 77 56.62 40.36 1.03
N ILE H 78 57.72 40.20 0.31
CA ILE H 78 58.99 40.05 1.02
C ILE H 78 59.59 41.38 1.48
N GLU H 79 59.24 42.46 0.81
CA GLU H 79 59.67 43.79 1.24
C GLU H 79 58.99 44.19 2.54
N ALA H 80 57.74 43.80 2.69
CA ALA H 80 56.99 44.08 3.90
C ALA H 80 57.68 43.52 5.16
N MET H 88 57.33 38.04 8.52
CA MET H 88 57.48 36.61 8.28
C MET H 88 56.60 36.16 7.12
N LEU H 89 57.19 35.38 6.24
CA LEU H 89 56.49 34.78 5.11
C LEU H 89 56.84 33.31 4.99
N ALA H 90 56.11 32.61 4.13
CA ALA H 90 56.50 31.27 3.72
C ALA H 90 56.21 31.18 2.24
N THR H 91 57.26 31.39 1.46
CA THR H 91 57.15 31.59 0.02
C THR H 91 57.64 30.37 -0.70
N SER H 92 56.85 29.88 -1.66
CA SER H 92 57.28 28.78 -2.51
C SER H 92 58.72 28.96 -2.97
N LEU H 93 59.49 27.88 -2.96
CA LEU H 93 60.89 27.94 -3.37
C LEU H 93 61.01 28.36 -4.83
N SER H 94 59.91 28.19 -5.57
CA SER H 94 59.86 28.57 -7.00
C SER H 94 59.90 30.07 -7.26
N LYS H 95 59.72 30.89 -6.23
CA LYS H 95 59.50 32.31 -6.45
C LYS H 95 60.70 33.20 -6.13
N PHE H 96 61.88 32.58 -5.95
CA PHE H 96 63.04 33.35 -5.48
C PHE H 96 64.07 33.73 -6.55
N GLU H 97 63.79 33.42 -7.82
CA GLU H 97 64.78 33.65 -8.88
C GLU H 97 65.29 35.10 -9.00
N PRO H 98 64.44 36.11 -8.71
CA PRO H 98 65.05 37.45 -8.77
C PRO H 98 66.07 37.75 -7.66
N TYR H 99 66.23 36.85 -6.68
CA TYR H 99 67.16 37.11 -5.57
C TYR H 99 68.28 36.08 -5.46
N THR H 100 67.99 34.86 -5.90
CA THR H 100 69.02 33.84 -6.00
C THR H 100 68.67 32.78 -7.04
N LYS H 101 69.68 32.11 -7.59
CA LYS H 101 69.44 30.98 -8.48
C LYS H 101 69.69 29.66 -7.77
N GLN H 102 70.08 29.72 -6.50
CA GLN H 102 70.50 28.51 -5.78
C GLN H 102 69.34 27.63 -5.29
N LEU H 103 68.11 28.09 -5.45
CA LEU H 103 66.94 27.33 -5.03
C LEU H 103 66.23 26.67 -6.21
N GLN H 104 66.78 26.87 -7.41
CA GLN H 104 66.20 26.32 -8.61
C GLN H 104 66.21 24.79 -8.63
N VAL H 105 67.10 24.18 -7.86
CA VAL H 105 67.16 22.73 -7.80
C VAL H 105 65.80 22.16 -7.37
N PHE H 106 65.06 22.91 -6.55
CA PHE H 106 63.82 22.41 -6.00
C PHE H 106 62.66 22.40 -6.99
N ASP H 107 62.85 23.07 -8.12
CA ASP H 107 61.80 23.14 -9.14
C ASP H 107 61.90 22.03 -10.18
N LEU H 108 62.98 21.25 -10.12
CA LEU H 108 63.21 20.25 -11.15
C LEU H 108 62.21 19.10 -11.08
N PRO H 109 61.64 18.74 -12.24
CA PRO H 109 60.57 17.75 -12.25
C PRO H 109 61.09 16.34 -12.01
N PHE H 110 60.37 15.61 -11.16
CA PHE H 110 60.65 14.21 -10.84
C PHE H 110 62.00 14.03 -10.16
N LEU H 111 62.63 15.12 -9.73
CA LEU H 111 63.85 15.00 -8.92
C LEU H 111 63.55 14.32 -7.58
N PHE H 112 62.42 14.66 -6.99
CA PHE H 112 61.97 14.06 -5.74
C PHE H 112 60.74 13.20 -5.94
N ASP H 113 60.81 11.94 -5.53
CA ASP H 113 59.72 10.99 -5.73
C ASP H 113 58.47 11.41 -4.97
N ASP H 114 58.67 11.84 -3.74
CA ASP H 114 57.57 12.22 -2.87
C ASP H 114 58.11 13.15 -1.79
N LEU H 115 57.25 13.58 -0.87
CA LEU H 115 57.68 14.51 0.17
C LEU H 115 58.74 13.92 1.10
N GLU H 116 58.72 12.61 1.29
CA GLU H 116 59.75 12.00 2.12
C GLU H 116 61.13 12.15 1.48
N ALA H 117 61.21 12.02 0.16
CA ALA H 117 62.49 12.20 -0.54
C ALA H 117 62.93 13.66 -0.46
N LEU H 118 61.98 14.58 -0.60
CA LEU H 118 62.28 15.99 -0.43
C LEU H 118 62.78 16.31 0.99
N LYS H 119 62.10 15.76 1.99
CA LYS H 119 62.51 16.00 3.38
C LYS H 119 63.95 15.54 3.61
N ARG H 120 64.32 14.40 3.03
CA ARG H 120 65.68 13.88 3.23
C ARG H 120 66.72 14.79 2.58
N PHE H 121 66.41 15.27 1.38
CA PHE H 121 67.27 16.23 0.70
C PHE H 121 67.43 17.50 1.52
N GLN H 122 66.33 18.02 2.04
CA GLN H 122 66.36 19.26 2.82
C GLN H 122 67.24 19.16 4.06
N LYS H 123 67.45 17.95 4.56
CA LYS H 123 68.20 17.80 5.81
C LYS H 123 69.72 17.79 5.58
N ARG H 124 70.13 17.65 4.33
CA ARG H 124 71.54 17.70 3.96
C ARG H 124 72.15 19.04 4.36
N ASP H 125 73.43 19.01 4.73
CA ASP H 125 74.16 20.21 5.14
C ASP H 125 74.01 21.35 4.14
N LYS H 126 74.24 21.06 2.87
CA LYS H 126 74.19 22.11 1.86
C LYS H 126 72.78 22.59 1.57
N SER H 127 71.77 21.77 1.85
CA SER H 127 70.40 22.23 1.76
C SER H 127 70.08 23.21 2.89
N ARG H 128 70.60 22.91 4.08
CA ARG H 128 70.42 23.77 5.25
C ARG H 128 71.04 25.13 4.98
N GLU H 129 72.16 25.09 4.26
CA GLU H 129 72.89 26.32 3.95
C GLU H 129 72.19 27.16 2.89
N LEU H 130 71.30 26.54 2.10
CA LEU H 130 70.52 27.29 1.12
C LEU H 130 69.54 28.22 1.83
N LEU H 131 69.30 27.97 3.12
CA LEU H 131 68.45 28.85 3.91
C LEU H 131 69.08 30.24 4.06
N ARG H 132 70.35 30.37 3.70
CA ARG H 132 71.05 31.64 3.80
C ARG H 132 71.45 32.15 2.42
N SER H 133 70.76 31.64 1.41
CA SER H 133 71.03 31.92 0.00
C SER H 133 70.85 33.37 -0.42
N MET H 134 69.99 34.10 0.28
CA MET H 134 69.55 35.41 -0.19
C MET H 134 69.61 36.52 0.86
N LYS H 136 71.71 39.11 4.01
CA LYS H 136 72.24 39.34 2.67
C LYS H 136 71.36 40.34 1.91
N HIS H 137 70.11 39.95 1.66
CA HIS H 137 69.09 40.91 1.29
C HIS H 137 68.27 41.21 2.52
N GLY H 138 68.82 40.83 3.68
CA GLY H 138 68.12 40.97 4.94
C GLY H 138 67.23 39.78 5.20
N ILE H 139 67.17 38.88 4.20
CA ILE H 139 66.28 37.71 4.21
C ILE H 139 66.89 36.52 4.93
N TYR H 140 66.32 36.14 6.06
CA TYR H 140 66.85 35.06 6.86
C TYR H 140 65.91 33.84 6.85
N GLY H 141 66.40 32.70 6.35
CA GLY H 141 65.60 31.48 6.30
C GLY H 141 65.55 30.74 7.62
N LEU H 142 64.33 30.45 8.08
CA LEU H 142 64.16 29.80 9.36
C LEU H 142 63.93 28.31 9.22
N ALA H 143 63.29 27.89 8.12
CA ALA H 143 62.93 26.49 7.92
C ALA H 143 62.38 26.19 6.53
N TYR H 144 62.27 24.91 6.23
CA TYR H 144 61.56 24.44 5.03
C TYR H 144 60.20 23.93 5.48
N TRP H 145 59.15 24.37 4.80
CA TRP H 145 57.79 23.92 5.04
C TRP H 145 57.26 23.27 3.78
N ASN H 146 56.89 22.00 3.85
CA ASN H 146 56.44 21.33 2.64
C ASN H 146 54.93 21.34 2.51
N ASN H 147 54.45 21.47 1.28
CA ASN H 147 53.03 21.40 0.99
C ASN H 147 52.70 20.02 0.46
N GLY H 148 53.24 19.69 -0.72
CA GLY H 148 52.91 18.41 -1.34
C GLY H 148 53.47 18.26 -2.73
N MET H 149 53.13 17.16 -3.40
CA MET H 149 53.52 16.96 -4.78
C MET H 149 52.55 17.64 -5.72
N LYS H 150 53.04 18.13 -6.85
CA LYS H 150 52.20 18.84 -7.80
C LYS H 150 51.54 17.91 -8.79
N GLN H 151 50.27 18.22 -9.12
CA GLN H 151 49.50 17.53 -10.14
C GLN H 151 49.25 18.46 -11.30
N LEU H 152 48.73 17.95 -12.41
CA LEU H 152 48.39 18.81 -13.55
C LEU H 152 46.89 18.85 -13.76
N SER H 153 46.28 20.03 -13.69
CA SER H 153 44.88 20.16 -14.05
C SER H 153 44.85 20.75 -15.45
N ALA H 154 43.80 20.44 -16.21
CA ALA H 154 43.72 20.87 -17.60
C ALA H 154 42.32 20.63 -18.16
N THR H 155 42.10 21.13 -19.37
CA THR H 155 40.82 20.97 -20.05
C THR H 155 40.72 19.63 -20.76
N ARG H 156 41.73 18.80 -20.59
CA ARG H 156 41.76 17.46 -21.14
C ARG H 156 42.53 16.50 -20.24
N GLU H 157 42.36 15.21 -20.48
CA GLU H 157 43.13 14.17 -19.80
C GLU H 157 44.57 14.20 -20.31
N LEU H 158 45.53 13.90 -19.44
CA LEU H 158 46.94 13.98 -19.82
C LEU H 158 47.67 12.68 -19.53
N HIS H 159 47.28 11.60 -20.20
CA HIS H 159 47.87 10.29 -19.93
C HIS H 159 49.33 10.22 -20.37
N ARG H 160 49.71 11.07 -21.33
CA ARG H 160 51.05 11.06 -21.90
C ARG H 160 51.50 12.50 -22.15
N PRO H 161 52.82 12.75 -22.10
CA PRO H 161 53.37 14.11 -22.23
C PRO H 161 52.93 14.84 -23.50
N ASP H 162 52.72 14.08 -24.58
CA ASP H 162 52.31 14.67 -25.85
C ASP H 162 50.87 15.20 -25.80
N ASP H 163 50.09 14.74 -24.84
CA ASP H 163 48.74 15.27 -24.65
C ASP H 163 48.80 16.74 -24.21
N ALA H 164 49.90 17.10 -23.56
CA ALA H 164 50.09 18.48 -23.10
C ALA H 164 50.44 19.44 -24.24
N LYS H 165 50.88 18.91 -25.38
CA LYS H 165 51.33 19.75 -26.48
C LYS H 165 50.23 20.73 -26.86
N GLY H 166 50.61 22.00 -27.03
CA GLY H 166 49.66 23.04 -27.42
C GLY H 166 49.15 23.89 -26.26
N LEU H 167 48.81 23.23 -25.16
CA LEU H 167 48.19 23.90 -24.00
C LEU H 167 49.05 24.98 -23.33
N VAL H 168 48.37 25.94 -22.72
CA VAL H 168 49.07 26.93 -21.90
C VAL H 168 48.83 26.66 -20.42
N PHE H 169 49.90 26.54 -19.65
CA PHE H 169 49.77 26.24 -18.21
C PHE H 169 50.15 27.44 -17.34
N ARG H 170 49.30 27.78 -16.36
CA ARG H 170 49.72 28.75 -15.35
C ARG H 170 50.80 28.12 -14.48
N ILE H 171 51.89 28.84 -14.29
CA ILE H 171 52.92 28.40 -13.35
C ILE H 171 53.25 29.54 -12.40
N GLN H 172 53.87 29.20 -11.29
CA GLN H 172 54.51 30.18 -10.44
C GLN H 172 55.61 30.86 -11.25
N PRO H 173 56.02 32.08 -10.84
CA PRO H 173 57.00 32.82 -11.66
C PRO H 173 58.43 32.29 -11.59
N SER H 174 58.68 31.18 -12.29
CA SER H 174 59.98 30.51 -12.24
C SER H 174 60.48 30.10 -13.62
N SER H 175 61.71 30.51 -13.95
CA SER H 175 62.31 30.20 -15.25
C SER H 175 62.46 28.70 -15.46
N VAL H 176 62.69 27.97 -14.38
CA VAL H 176 62.77 26.52 -14.44
C VAL H 176 61.43 25.92 -14.83
N LEU H 177 60.38 26.45 -14.23
CA LEU H 177 59.05 25.92 -14.48
C LEU H 177 58.60 26.30 -15.90
N GLU H 178 58.97 27.51 -16.33
CA GLU H 178 58.73 27.92 -17.72
C GLU H 178 59.33 26.90 -18.68
N ALA H 179 60.60 26.56 -18.46
CA ALA H 179 61.33 25.67 -19.35
C ALA H 179 60.80 24.23 -19.28
N GLN H 180 60.35 23.82 -18.09
CA GLN H 180 59.68 22.54 -17.89
C GLN H 180 58.56 22.25 -18.90
N PHE H 181 57.69 23.22 -19.14
CA PHE H 181 56.56 22.98 -20.04
C PHE H 181 56.96 23.15 -21.50
N ALA H 182 57.89 24.08 -21.77
CA ALA H 182 58.40 24.29 -23.12
C ALA H 182 58.94 22.99 -23.69
N MET H 183 59.56 22.20 -22.83
CA MET H 183 60.18 20.93 -23.20
C MET H 183 59.16 19.87 -23.60
N LEU H 184 57.93 20.04 -23.14
CA LEU H 184 56.85 19.10 -23.44
C LEU H 184 56.16 19.43 -24.76
N GLY H 185 56.48 20.60 -25.29
CA GLY H 185 55.76 21.13 -26.43
C GLY H 185 54.67 22.07 -25.94
N ALA H 186 54.41 22.04 -24.63
CA ALA H 186 53.45 22.96 -24.05
C ALA H 186 54.09 24.34 -23.90
N THR H 187 53.29 25.30 -23.47
CA THR H 187 53.70 26.68 -23.26
C THR H 187 53.25 27.10 -21.86
N ALA H 188 54.00 27.99 -21.20
CA ALA H 188 53.65 28.37 -19.83
C ALA H 188 53.45 29.87 -19.65
N LYS H 189 52.72 30.24 -18.60
CA LYS H 189 52.45 31.66 -18.31
C LYS H 189 52.56 31.91 -16.81
N GLN H 190 53.50 32.78 -16.42
CA GLN H 190 53.70 33.08 -15.01
C GLN H 190 52.62 34.00 -14.44
N LEU H 191 51.97 33.54 -13.38
CA LEU H 191 50.89 34.29 -12.72
C LEU H 191 50.91 34.03 -11.22
N SER H 192 50.36 34.97 -10.45
CA SER H 192 50.26 34.77 -9.00
C SER H 192 49.19 33.74 -8.67
N TYR H 193 49.25 33.22 -7.44
CA TYR H 193 48.26 32.28 -6.95
C TYR H 193 46.83 32.76 -7.20
N ALA H 194 46.57 33.98 -6.75
CA ALA H 194 45.21 34.51 -6.71
C ALA H 194 44.63 34.82 -8.10
N GLU H 195 45.49 34.98 -9.09
CA GLU H 195 45.07 35.42 -10.43
C GLU H 195 44.79 34.26 -11.39
N THR H 196 45.07 33.04 -10.93
CA THR H 196 44.99 31.86 -11.78
C THR H 196 43.59 31.57 -12.34
N LEU H 197 42.59 31.61 -11.46
CA LEU H 197 41.24 31.20 -11.84
C LEU H 197 40.69 32.10 -12.94
N LYS H 198 40.86 33.39 -12.76
CA LYS H 198 40.31 34.37 -13.69
C LYS H 198 40.95 34.22 -15.07
N ALA H 199 42.23 33.83 -15.09
CA ALA H 199 42.94 33.62 -16.34
C ALA H 199 42.44 32.36 -17.04
N MET H 200 42.09 31.33 -16.28
CA MET H 200 41.45 30.16 -16.86
C MET H 200 40.04 30.49 -17.34
N GLN H 201 39.33 31.26 -16.52
CA GLN H 201 37.98 31.70 -16.84
C GLN H 201 37.95 32.50 -18.13
N ALA H 202 39.00 33.30 -18.35
CA ALA H 202 39.10 34.13 -19.54
C ALA H 202 39.70 33.36 -20.72
N GLY H 203 40.20 32.15 -20.44
CA GLY H 203 40.69 31.27 -21.48
C GLY H 203 42.15 31.46 -21.84
N SER H 204 42.83 32.30 -21.08
CA SER H 204 44.23 32.64 -21.40
C SER H 204 45.16 31.50 -20.98
N VAL H 205 44.69 30.65 -20.08
CA VAL H 205 45.42 29.41 -19.74
C VAL H 205 44.45 28.24 -19.65
N GLN H 206 44.90 27.07 -20.09
CA GLN H 206 44.04 25.88 -20.15
C GLN H 206 44.35 24.88 -19.02
N GLY H 207 45.39 25.15 -18.25
CA GLY H 207 45.78 24.24 -17.18
C GLY H 207 46.76 24.82 -16.19
N THR H 208 47.14 24.02 -15.19
CA THR H 208 48.14 24.47 -14.22
C THR H 208 48.72 23.26 -13.50
N GLU H 209 49.72 23.52 -12.64
CA GLU H 209 50.29 22.51 -11.80
C GLU H 209 50.18 22.98 -10.35
N ASN H 210 49.75 22.10 -9.46
CA ASN H 210 49.71 22.41 -8.03
C ASN H 210 49.32 21.21 -7.22
N THR H 211 49.44 21.37 -5.91
CA THR H 211 49.06 20.31 -5.00
C THR H 211 47.54 20.28 -4.91
N TRP H 212 46.99 19.19 -4.38
CA TRP H 212 45.55 19.04 -4.24
C TRP H 212 45.00 20.17 -3.40
N SER H 213 45.71 20.50 -2.32
CA SER H 213 45.26 21.57 -1.43
C SER H 213 45.09 22.90 -2.18
N ASN H 214 46.03 23.22 -3.07
CA ASN H 214 45.96 24.48 -3.81
C ASN H 214 45.00 24.44 -5.01
N LEU H 215 44.87 23.28 -5.64
CA LEU H 215 43.86 23.15 -6.70
C LEU H 215 42.46 23.35 -6.13
N ALA H 216 42.24 22.85 -4.92
CA ALA H 216 40.95 23.01 -4.26
C ALA H 216 40.78 24.47 -3.85
N GLY H 217 41.85 25.03 -3.30
CA GLY H 217 41.90 26.42 -2.88
C GLY H 217 41.67 27.45 -3.96
N GLN H 218 42.13 27.17 -5.18
CA GLN H 218 41.97 28.13 -6.27
C GLN H 218 40.59 28.07 -6.90
N LYS H 219 39.81 27.08 -6.49
CA LYS H 219 38.44 26.87 -6.97
C LYS H 219 38.40 26.73 -8.48
N ILE H 220 39.41 26.08 -9.05
CA ILE H 220 39.48 25.97 -10.50
C ILE H 220 38.74 24.73 -11.04
N ASP H 221 38.13 23.93 -10.17
CA ASP H 221 37.53 22.70 -10.64
C ASP H 221 36.40 22.97 -11.66
N SER H 222 35.72 24.11 -11.52
CA SER H 222 34.62 24.42 -12.45
C SER H 222 35.10 24.66 -13.87
N VAL H 223 36.38 25.00 -14.03
CA VAL H 223 36.94 25.26 -15.34
C VAL H 223 38.12 24.35 -15.65
N GLN H 224 38.30 23.33 -14.81
CA GLN H 224 39.31 22.30 -15.05
C GLN H 224 38.69 20.90 -14.91
N PRO H 225 38.12 20.39 -16.01
CA PRO H 225 37.39 19.10 -15.98
C PRO H 225 38.24 17.91 -15.58
N TYR H 226 39.56 18.01 -15.69
CA TYR H 226 40.45 16.90 -15.37
C TYR H 226 41.64 17.32 -14.50
N ILE H 227 42.01 16.42 -13.59
CA ILE H 227 43.27 16.56 -12.86
C ILE H 227 44.04 15.25 -12.97
N THR H 228 45.16 15.29 -13.66
CA THR H 228 46.00 14.12 -13.88
C THR H 228 47.03 14.01 -12.76
N GLU H 229 47.04 12.86 -12.11
CA GLU H 229 47.84 12.70 -10.90
C GLU H 229 49.26 12.29 -11.30
N THR H 230 50.06 13.32 -11.56
CA THR H 230 51.40 13.17 -12.13
C THR H 230 52.52 13.16 -11.10
N ASN H 231 52.28 13.80 -9.95
CA ASN H 231 53.32 13.94 -8.91
C ASN H 231 54.67 14.34 -9.50
N HIS H 232 54.66 15.30 -10.41
CA HIS H 232 55.81 15.59 -11.26
C HIS H 232 56.79 16.60 -10.67
N GLY H 233 56.41 17.25 -9.58
CA GLY H 233 57.31 18.16 -8.90
C GLY H 233 56.82 18.48 -7.51
N ALA H 234 57.64 19.20 -6.75
CA ALA H 234 57.32 19.50 -5.37
C ALA H 234 56.89 20.95 -5.19
N LEU H 235 55.98 21.16 -4.24
CA LEU H 235 55.68 22.51 -3.78
C LEU H 235 56.10 22.63 -2.33
N SER H 236 57.09 23.48 -2.08
CA SER H 236 57.65 23.64 -0.75
C SER H 236 57.92 25.12 -0.49
N TYR H 237 57.95 25.50 0.77
CA TYR H 237 58.17 26.91 1.11
C TYR H 237 59.46 27.09 1.85
N MET H 238 60.09 28.25 1.68
CA MET H 238 61.04 28.68 2.68
C MET H 238 60.36 29.66 3.60
N LEU H 239 60.26 29.29 4.87
CA LEU H 239 59.84 30.22 5.90
C LEU H 239 60.98 31.22 6.07
N ILE H 240 60.69 32.48 5.75
CA ILE H 240 61.69 33.55 5.75
C ILE H 240 61.26 34.73 6.61
N THR H 241 62.20 35.30 7.36
CA THR H 241 61.96 36.54 8.12
C THR H 241 62.95 37.60 7.70
N SER H 242 63.02 38.69 8.45
CA SER H 242 64.09 39.66 8.25
C SER H 242 65.13 39.56 9.36
N SER H 243 66.37 39.45 8.94
CA SER H 243 67.52 39.27 9.84
C SER H 243 67.68 40.46 10.78
N ALA H 244 67.53 41.66 10.23
CA ALA H 244 67.61 42.88 11.04
C ALA H 244 66.54 42.84 12.14
N PHE H 245 65.31 42.50 11.77
CA PHE H 245 64.25 42.36 12.76
C PHE H 245 64.54 41.17 13.64
N TRP H 246 64.79 40.01 13.04
CA TRP H 246 65.06 38.79 13.79
C TRP H 246 66.18 38.97 14.84
N THR H 247 67.17 39.79 14.51
CA THR H 247 68.28 40.06 15.43
C THR H 247 67.84 40.79 16.71
N GLY H 248 66.95 41.77 16.57
CA GLY H 248 66.57 42.64 17.67
C GLY H 248 65.97 41.97 18.91
N ILE H 249 65.51 40.73 18.76
CA ILE H 249 64.82 40.04 19.84
C ILE H 249 65.81 39.62 20.94
N THR H 255 65.61 33.47 20.39
CA THR H 255 66.15 32.11 20.39
C THR H 255 65.03 31.09 20.62
N GLU H 256 64.10 31.42 21.51
CA GLU H 256 62.97 30.53 21.76
C GLU H 256 62.04 30.54 20.55
N LEU H 257 62.11 31.63 19.77
CA LEU H 257 61.35 31.74 18.53
C LEU H 257 61.89 30.77 17.48
N GLU H 258 63.19 30.53 17.50
CA GLU H 258 63.80 29.61 16.56
C GLU H 258 63.48 28.17 16.97
N SER H 259 63.30 27.96 18.28
CA SER H 259 63.13 26.61 18.82
C SER H 259 61.82 25.94 18.38
N ILE H 260 60.76 26.73 18.20
CA ILE H 260 59.46 26.13 17.81
C ILE H 260 59.04 26.57 16.40
N VAL H 261 59.88 27.36 15.73
CA VAL H 261 59.94 27.31 14.27
C VAL H 261 60.28 25.89 13.91
N ASP H 262 61.19 25.32 14.69
CA ASP H 262 61.52 23.91 14.53
C ASP H 262 60.36 23.01 14.89
N GLU H 263 59.66 23.32 15.99
CA GLU H 263 58.56 22.47 16.42
C GLU H 263 57.40 22.52 15.43
N VAL H 264 56.99 23.73 15.04
CA VAL H 264 55.91 23.89 14.06
C VAL H 264 56.28 23.21 12.74
N THR H 265 57.54 23.31 12.35
CA THR H 265 58.03 22.72 11.10
C THR H 265 57.87 21.19 11.04
N LEU H 266 58.17 20.50 12.13
CA LEU H 266 57.99 19.05 12.16
C LEU H 266 56.54 18.65 12.01
N VAL H 267 55.65 19.39 12.66
CA VAL H 267 54.21 19.14 12.57
C VAL H 267 53.69 19.39 11.15
N VAL H 268 54.06 20.53 10.59
CA VAL H 268 53.67 20.89 9.23
C VAL H 268 54.07 19.80 8.24
N ASN H 269 55.34 19.42 8.26
CA ASN H 269 55.83 18.43 7.30
C ASN H 269 55.31 17.03 7.58
N LYS H 270 54.93 16.78 8.83
CA LYS H 270 54.35 15.49 9.21
C LYS H 270 52.91 15.31 8.71
N GLU H 271 52.18 16.41 8.61
CA GLU H 271 50.76 16.37 8.31
C GLU H 271 50.41 16.81 6.89
N ALA H 272 51.40 17.30 6.14
CA ALA H 272 51.14 17.93 4.85
C ALA H 272 50.55 16.93 3.84
N GLU H 273 51.15 15.75 3.75
CA GLU H 273 50.69 14.76 2.77
C GLU H 273 49.27 14.29 3.08
N ALA H 274 49.01 14.02 4.35
CA ALA H 274 47.66 13.61 4.77
C ALA H 274 46.60 14.66 4.45
N LEU H 275 46.94 15.92 4.67
CA LEU H 275 46.01 17.02 4.38
C LEU H 275 45.68 17.07 2.88
N ASN H 276 46.69 16.97 2.04
CA ASN H 276 46.44 17.00 0.60
C ASN H 276 45.58 15.82 0.15
N GLN H 277 45.77 14.67 0.78
CA GLN H 277 45.01 13.49 0.37
C GLN H 277 43.55 13.69 0.73
N LYS H 278 43.30 14.30 1.87
CA LYS H 278 41.93 14.67 2.24
C LYS H 278 41.34 15.67 1.24
N GLU H 279 42.16 16.62 0.82
CA GLU H 279 41.68 17.61 -0.15
C GLU H 279 41.41 16.96 -1.51
N ARG H 280 42.23 15.97 -1.87
CA ARG H 280 41.98 15.23 -3.10
C ARG H 280 40.59 14.62 -3.04
N GLU H 281 40.29 13.93 -1.95
CA GLU H 281 39.01 13.27 -1.80
C GLU H 281 37.84 14.26 -1.96
N HIS H 282 37.88 15.38 -1.26
CA HIS H 282 36.74 16.30 -1.29
C HIS H 282 36.62 17.01 -2.64
N LEU H 283 37.75 17.30 -3.27
CA LEU H 283 37.72 17.98 -4.58
C LEU H 283 37.09 17.04 -5.60
N LEU H 284 37.59 15.80 -5.66
CA LEU H 284 37.02 14.83 -6.60
C LEU H 284 35.55 14.55 -6.29
N ALA H 285 35.19 14.58 -5.02
CA ALA H 285 33.82 14.28 -4.61
C ALA H 285 32.86 15.32 -5.19
N ALA H 286 33.32 16.57 -5.34
CA ALA H 286 32.49 17.63 -5.89
C ALA H 286 32.09 17.35 -7.34
N GLY H 287 32.83 16.46 -8.02
CA GLY H 287 32.42 15.98 -9.34
C GLY H 287 32.72 16.89 -10.52
N LYS H 288 33.29 18.06 -10.26
CA LYS H 288 33.61 18.99 -11.33
C LYS H 288 34.93 18.62 -12.01
N SER H 289 35.98 18.39 -11.22
CA SER H 289 37.22 17.82 -11.76
C SER H 289 37.19 16.30 -11.61
N ARG H 290 37.53 15.58 -12.68
CA ARG H 290 37.67 14.13 -12.64
C ARG H 290 39.14 13.66 -12.67
N LEU H 291 39.44 12.68 -11.85
CA LEU H 291 40.81 12.18 -11.69
C LEU H 291 41.29 11.40 -12.91
N VAL H 292 42.47 11.77 -13.41
CA VAL H 292 43.12 10.97 -14.42
C VAL H 292 44.32 10.28 -13.79
N SER H 293 44.33 8.95 -13.85
CA SER H 293 45.36 8.13 -13.21
C SER H 293 46.34 7.56 -14.24
N LEU H 294 47.61 7.51 -13.87
CA LEU H 294 48.65 7.07 -14.79
C LEU H 294 49.17 5.66 -14.46
N SER H 295 49.38 4.85 -15.49
CA SER H 295 50.00 3.54 -15.29
C SER H 295 51.49 3.69 -15.00
N ALA H 296 52.12 2.58 -14.66
CA ALA H 296 53.57 2.58 -14.45
C ALA H 296 54.27 3.03 -15.74
N GLU H 297 53.82 2.49 -16.88
CA GLU H 297 54.40 2.82 -18.17
C GLU H 297 54.25 4.32 -18.49
N GLU H 298 53.06 4.85 -18.22
CA GLU H 298 52.76 6.25 -18.46
C GLU H 298 53.55 7.18 -17.55
N HIS H 299 53.67 6.81 -16.28
CA HIS H 299 54.45 7.63 -15.36
C HIS H 299 55.89 7.75 -15.86
N GLU H 300 56.40 6.65 -16.43
CA GLU H 300 57.78 6.62 -16.91
C GLU H 300 57.95 7.43 -18.20
N ALA H 301 56.91 7.48 -19.02
CA ALA H 301 56.97 8.33 -20.22
C ALA H 301 57.05 9.79 -19.79
N TRP H 302 56.27 10.13 -18.76
CA TRP H 302 56.30 11.47 -18.18
C TRP H 302 57.67 11.79 -17.60
N ARG H 303 58.19 10.87 -16.81
CA ARG H 303 59.48 11.08 -16.14
C ARG H 303 60.59 11.27 -17.16
N ASN H 304 60.55 10.46 -18.22
CA ASN H 304 61.60 10.52 -19.22
C ASN H 304 61.48 11.75 -20.11
N ALA H 305 60.29 12.33 -20.20
CA ALA H 305 60.13 13.53 -21.04
C ALA H 305 60.58 14.79 -20.29
N MET H 306 60.56 14.75 -18.97
CA MET H 306 60.84 15.95 -18.19
C MET H 306 62.21 15.91 -17.53
N LYS H 307 62.76 14.70 -17.39
CA LYS H 307 64.11 14.51 -16.81
C LYS H 307 65.25 15.25 -17.54
N PRO H 308 65.22 15.34 -18.88
CA PRO H 308 66.30 16.08 -19.57
C PRO H 308 66.52 17.52 -19.10
N LEU H 309 65.50 18.16 -18.53
CA LEU H 309 65.62 19.52 -18.01
C LEU H 309 66.71 19.64 -16.96
N TRP H 310 66.97 18.56 -16.23
CA TRP H 310 67.97 18.55 -15.17
C TRP H 310 69.34 18.98 -15.67
N LYS H 311 69.61 18.68 -16.94
CA LYS H 311 70.94 18.87 -17.50
C LYS H 311 71.27 20.33 -17.81
N ASN H 312 70.23 21.15 -17.94
CA ASN H 312 70.43 22.59 -18.16
C ASN H 312 70.93 23.28 -16.89
N TYR H 313 70.69 22.63 -15.75
CA TYR H 313 70.95 23.21 -14.45
C TYR H 313 72.00 22.43 -13.68
N GLU H 314 72.47 21.33 -14.27
CA GLU H 314 73.41 20.44 -13.61
C GLU H 314 74.68 21.17 -13.14
N ALA H 315 75.20 22.05 -13.98
CA ALA H 315 76.38 22.83 -13.64
C ALA H 315 76.11 23.74 -12.46
C1 LMR I . -57.33 -14.88 18.64
O1A LMR I . -58.15 -15.46 19.40
O1B LMR I . -56.13 -14.62 18.91
C2 LMR I . -57.84 -14.42 17.27
O2 LMR I . -58.84 -15.32 16.78
C3 LMR I . -58.41 -12.99 17.41
C4 LMR I . -59.02 -12.55 16.08
O4A LMR I . -60.27 -12.59 16.00
O4B LMR I . -58.23 -12.14 15.19
C1 LMR J . -7.96 7.53 24.84
O1A LMR J . -7.56 8.69 24.59
O1B LMR J . -8.79 6.89 24.16
C2 LMR J . -7.48 6.89 26.18
O2 LMR J . -6.14 7.34 26.52
C3 LMR J . -8.42 7.41 27.27
C4 LMR J . -7.98 6.90 28.64
O4A LMR J . -7.49 7.73 29.44
O4B LMR J . -8.11 5.68 28.84
S SO4 K . -10.94 17.32 25.03
O1 SO4 K . -9.50 17.61 25.06
O2 SO4 K . -11.25 16.25 25.96
O3 SO4 K . -11.69 18.53 25.41
O4 SO4 K . -11.35 16.92 23.68
S SO4 L . 13.90 12.83 25.68
O1 SO4 L . 13.89 14.29 25.70
O2 SO4 L . 15.27 12.33 25.58
O3 SO4 L . 13.33 12.36 26.95
O4 SO4 L . 13.15 12.34 24.53
C1 LMR M . -14.12 -33.03 32.51
O1A LMR M . -14.45 -34.15 32.96
O1B LMR M . -14.77 -32.40 31.64
C2 LMR M . -12.86 -32.36 33.09
O2 LMR M . -12.74 -32.70 34.50
C3 LMR M . -11.63 -32.86 32.32
C4 LMR M . -10.36 -32.25 32.88
O4A LMR M . -9.55 -33.03 33.47
O4B LMR M . -10.16 -31.03 32.65
S SO4 N . -15.10 -36.97 54.62
O1 SO4 N . -13.86 -36.37 54.12
O2 SO4 N . -15.06 -38.42 54.39
O3 SO4 N . -15.18 -36.70 56.06
O4 SO4 N . -16.28 -36.41 53.97
C1 LMR O . -29.53 -2.68 -10.17
O1A LMR O . -28.88 -2.06 -11.05
O1B LMR O . -29.21 -2.81 -8.98
C2 LMR O . -30.83 -3.35 -10.62
O2 LMR O . -31.42 -2.55 -11.68
C3 LMR O . -30.47 -4.74 -11.18
C4 LMR O . -31.74 -5.39 -11.76
O4A LMR O . -31.81 -5.49 -13.00
O4B LMR O . -32.63 -5.74 -10.94
S SO4 P . -21.09 -3.03 -17.00
O1 SO4 P . -19.86 -2.59 -17.69
O2 SO4 P . -20.81 -4.22 -16.21
O3 SO4 P . -21.54 -1.92 -16.17
O4 SO4 P . -22.12 -3.35 -17.99
S SO4 Q . -38.16 12.72 -23.89
O1 SO4 Q . -37.46 13.25 -25.05
O2 SO4 Q . -37.24 12.68 -22.75
O3 SO4 Q . -39.29 13.55 -23.53
O4 SO4 Q . -38.65 11.37 -24.21
C1 LMR R . 30.57 19.45 -41.06
O1A LMR R . 31.30 20.01 -41.92
O1B LMR R . 30.78 19.37 -39.83
C2 LMR R . 29.27 18.79 -41.57
O2 LMR R . 28.79 19.52 -42.70
C3 LMR R . 29.55 17.35 -42.01
C4 LMR R . 28.25 16.83 -42.65
O4A LMR R . 28.23 16.75 -43.90
O4B LMR R . 27.32 16.55 -41.87
S SO4 S . 23.63 34.64 -55.94
O1 SO4 S . 24.72 35.06 -56.82
O2 SO4 S . 24.07 34.77 -54.54
O3 SO4 S . 22.46 35.47 -56.16
O4 SO4 S . 23.29 33.24 -56.22
C1 LMR T . 0.94 8.62 -14.51
O1A LMR T . 0.03 8.05 -13.87
O1B LMR T . 2.10 8.85 -14.10
C2 LMR T . 0.60 9.10 -15.93
O2 LMR T . -0.31 8.20 -16.57
C3 LMR T . -0.03 10.49 -15.84
C4 LMR T . -0.46 10.94 -17.23
O4A LMR T . 0.46 11.24 -18.01
O4B LMR T . -1.70 10.97 -17.49
C1 LMR U . 51.15 29.05 -5.97
O1A LMR U . 51.57 30.17 -6.35
O1B LMR U . 50.35 28.33 -6.63
C2 LMR U . 51.64 28.54 -4.61
O2 LMR U . 53.02 28.92 -4.41
C3 LMR U . 50.78 29.14 -3.51
C4 LMR U . 51.25 28.69 -2.14
O4A LMR U . 51.04 27.50 -1.83
O4B LMR U . 51.79 29.54 -1.40
#